data_7C8S
# 
_entry.id   7C8S 
# 
_audit_conform.dict_name       mmcif_pdbx.dic 
_audit_conform.dict_version    5.380 
_audit_conform.dict_location   http://mmcif.pdb.org/dictionaries/ascii/mmcif_pdbx.dic 
# 
loop_
_database_2.database_id 
_database_2.database_code 
_database_2.pdbx_database_accession 
_database_2.pdbx_DOI 
PDB   7C8S         pdb_00007c8s 10.2210/pdb7c8s/pdb 
WWPDB D_1300017199 ?            ?                   
# 
_pdbx_database_related.db_name        PDB 
_pdbx_database_related.details        N128D 
_pdbx_database_related.db_id          6LOT 
_pdbx_database_related.content_type   unspecified 
# 
_pdbx_database_status.status_code                     REL 
_pdbx_database_status.status_code_sf                  REL 
_pdbx_database_status.status_code_mr                  ? 
_pdbx_database_status.entry_id                        7C8S 
_pdbx_database_status.recvd_initial_deposition_date   2020-06-03 
_pdbx_database_status.SG_entry                        N 
_pdbx_database_status.deposit_site                    PDBJ 
_pdbx_database_status.process_site                    PDBJ 
_pdbx_database_status.status_code_cs                  ? 
_pdbx_database_status.status_code_nmr_data            ? 
_pdbx_database_status.methods_development_category    ? 
_pdbx_database_status.pdb_format_compatible           Y 
# 
loop_
_audit_author.name 
_audit_author.pdbx_ordinal 
_audit_author.identifier_ORCID 
'Lai, C.H.' 1 ? 
'Lyu, P.C.' 2 ? 
# 
_citation.abstract                  ? 
_citation.abstract_id_CAS           ? 
_citation.book_id_ISBN              ? 
_citation.book_publisher            ? 
_citation.book_publisher_city       ? 
_citation.book_title                ? 
_citation.coordinate_linkage        ? 
_citation.country                   CH 
_citation.database_id_Medline       ? 
_citation.details                   ? 
_citation.id                        primary 
_citation.journal_abbrev            'Int J Mol Sci' 
_citation.journal_id_ASTM           ? 
_citation.journal_id_CSD            ? 
_citation.journal_id_ISSN           1422-0067 
_citation.journal_full              ? 
_citation.journal_issue             ? 
_citation.journal_volume            21 
_citation.language                  ? 
_citation.page_first                ? 
_citation.page_last                 ? 
_citation.title                     
'Structural Insights into the Active Site Formation of DUSP22 in N-loop-containing Protein Tyrosine Phosphatases.' 
_citation.year                      2020 
_citation.database_id_CSD           ? 
_citation.pdbx_database_id_DOI      10.3390/ijms21207515 
_citation.pdbx_database_id_PubMed   33053837 
_citation.unpublished_flag          ? 
# 
loop_
_citation_author.citation_id 
_citation_author.name 
_citation_author.ordinal 
_citation_author.identifier_ORCID 
primary 'Lai, C.H.'    1 0000-0002-4899-2817 
primary 'Chang, C.C.'  2 ?                   
primary 'Chuang, H.C.' 3 ?                   
primary 'Tan, T.H.'    4 0000-0003-4969-3170 
primary 'Lyu, P.C.'    5 0000-0002-6824-543X 
# 
_cell.angle_alpha                  90.000 
_cell.angle_alpha_esd              ? 
_cell.angle_beta                   95.960 
_cell.angle_beta_esd               ? 
_cell.angle_gamma                  90.000 
_cell.angle_gamma_esd              ? 
_cell.entry_id                     7C8S 
_cell.details                      ? 
_cell.formula_units_Z              ? 
_cell.length_a                     89.842 
_cell.length_a_esd                 ? 
_cell.length_b                     50.432 
_cell.length_b_esd                 ? 
_cell.length_c                     40.212 
_cell.length_c_esd                 ? 
_cell.volume                       181211.189 
_cell.volume_esd                   ? 
_cell.Z_PDB                        4 
_cell.reciprocal_angle_alpha       ? 
_cell.reciprocal_angle_beta        ? 
_cell.reciprocal_angle_gamma       ? 
_cell.reciprocal_angle_alpha_esd   ? 
_cell.reciprocal_angle_beta_esd    ? 
_cell.reciprocal_angle_gamma_esd   ? 
_cell.reciprocal_length_a          ? 
_cell.reciprocal_length_b          ? 
_cell.reciprocal_length_c          ? 
_cell.reciprocal_length_a_esd      ? 
_cell.reciprocal_length_b_esd      ? 
_cell.reciprocal_length_c_esd      ? 
_cell.pdbx_unique_axis             ? 
# 
_symmetry.entry_id                         7C8S 
_symmetry.cell_setting                     ? 
_symmetry.Int_Tables_number                5 
_symmetry.space_group_name_Hall            'C 2y' 
_symmetry.space_group_name_H-M             'C 1 2 1' 
_symmetry.pdbx_full_space_group_name_H-M   ? 
# 
loop_
_entity.id 
_entity.type 
_entity.src_method 
_entity.pdbx_description 
_entity.formula_weight 
_entity.pdbx_number_of_molecules 
_entity.pdbx_ec 
_entity.pdbx_mutation 
_entity.pdbx_fragment 
_entity.details 
1 polymer     man 'Dual specificity protein phosphatase 22' 17768.357 1   3.1.3.16,3.1.3.48 N128A ? ? 
2 non-polymer syn 'SULFATE ION'                             96.063    1   ?                 ?     ? ? 
3 water       nat water                                     18.015    154 ?                 ?     ? ? 
# 
_entity_name_com.entity_id   1 
_entity_name_com.name        
;JNK-stimulatory phosphatase-1,JSP-1,Low molecular weight dual specificity phosphatase 2,LMW-DSP2,Mitogen-activated protein kinase phosphatase x,MKP-x
;
# 
_entity_poly.entity_id                      1 
_entity_poly.type                           'polypeptide(L)' 
_entity_poly.nstd_linkage                   no 
_entity_poly.nstd_monomer                   no 
_entity_poly.pdbx_seq_one_letter_code       
;GPMGNGMNKILPGLYIGNFKDARDAEQLSKNKVTHILSVHDSARPMLEGVKYLCIPAADSPSQNLTRHFKESIKFIHECR
LRGESCLVHCLAGVSRSVTLVIAYIMTVTDFGWEDALHTVRAGRSCANPAVGFQRQLQEFEKHEVHQYRQWLKEEYG
;
_entity_poly.pdbx_seq_one_letter_code_can   
;GPMGNGMNKILPGLYIGNFKDARDAEQLSKNKVTHILSVHDSARPMLEGVKYLCIPAADSPSQNLTRHFKESIKFIHECR
LRGESCLVHCLAGVSRSVTLVIAYIMTVTDFGWEDALHTVRAGRSCANPAVGFQRQLQEFEKHEVHQYRQWLKEEYG
;
_entity_poly.pdbx_strand_id                 A 
_entity_poly.pdbx_target_identifier         ? 
# 
loop_
_entity_poly_seq.entity_id 
_entity_poly_seq.num 
_entity_poly_seq.mon_id 
_entity_poly_seq.hetero 
1 1   GLY n 
1 2   PRO n 
1 3   MET n 
1 4   GLY n 
1 5   ASN n 
1 6   GLY n 
1 7   MET n 
1 8   ASN n 
1 9   LYS n 
1 10  ILE n 
1 11  LEU n 
1 12  PRO n 
1 13  GLY n 
1 14  LEU n 
1 15  TYR n 
1 16  ILE n 
1 17  GLY n 
1 18  ASN n 
1 19  PHE n 
1 20  LYS n 
1 21  ASP n 
1 22  ALA n 
1 23  ARG n 
1 24  ASP n 
1 25  ALA n 
1 26  GLU n 
1 27  GLN n 
1 28  LEU n 
1 29  SER n 
1 30  LYS n 
1 31  ASN n 
1 32  LYS n 
1 33  VAL n 
1 34  THR n 
1 35  HIS n 
1 36  ILE n 
1 37  LEU n 
1 38  SER n 
1 39  VAL n 
1 40  HIS n 
1 41  ASP n 
1 42  SER n 
1 43  ALA n 
1 44  ARG n 
1 45  PRO n 
1 46  MET n 
1 47  LEU n 
1 48  GLU n 
1 49  GLY n 
1 50  VAL n 
1 51  LYS n 
1 52  TYR n 
1 53  LEU n 
1 54  CYS n 
1 55  ILE n 
1 56  PRO n 
1 57  ALA n 
1 58  ALA n 
1 59  ASP n 
1 60  SER n 
1 61  PRO n 
1 62  SER n 
1 63  GLN n 
1 64  ASN n 
1 65  LEU n 
1 66  THR n 
1 67  ARG n 
1 68  HIS n 
1 69  PHE n 
1 70  LYS n 
1 71  GLU n 
1 72  SER n 
1 73  ILE n 
1 74  LYS n 
1 75  PHE n 
1 76  ILE n 
1 77  HIS n 
1 78  GLU n 
1 79  CYS n 
1 80  ARG n 
1 81  LEU n 
1 82  ARG n 
1 83  GLY n 
1 84  GLU n 
1 85  SER n 
1 86  CYS n 
1 87  LEU n 
1 88  VAL n 
1 89  HIS n 
1 90  CYS n 
1 91  LEU n 
1 92  ALA n 
1 93  GLY n 
1 94  VAL n 
1 95  SER n 
1 96  ARG n 
1 97  SER n 
1 98  VAL n 
1 99  THR n 
1 100 LEU n 
1 101 VAL n 
1 102 ILE n 
1 103 ALA n 
1 104 TYR n 
1 105 ILE n 
1 106 MET n 
1 107 THR n 
1 108 VAL n 
1 109 THR n 
1 110 ASP n 
1 111 PHE n 
1 112 GLY n 
1 113 TRP n 
1 114 GLU n 
1 115 ASP n 
1 116 ALA n 
1 117 LEU n 
1 118 HIS n 
1 119 THR n 
1 120 VAL n 
1 121 ARG n 
1 122 ALA n 
1 123 GLY n 
1 124 ARG n 
1 125 SER n 
1 126 CYS n 
1 127 ALA n 
1 128 ASN n 
1 129 PRO n 
1 130 ALA n 
1 131 VAL n 
1 132 GLY n 
1 133 PHE n 
1 134 GLN n 
1 135 ARG n 
1 136 GLN n 
1 137 LEU n 
1 138 GLN n 
1 139 GLU n 
1 140 PHE n 
1 141 GLU n 
1 142 LYS n 
1 143 HIS n 
1 144 GLU n 
1 145 VAL n 
1 146 HIS n 
1 147 GLN n 
1 148 TYR n 
1 149 ARG n 
1 150 GLN n 
1 151 TRP n 
1 152 LEU n 
1 153 LYS n 
1 154 GLU n 
1 155 GLU n 
1 156 TYR n 
1 157 GLY n 
# 
_entity_src_gen.entity_id                          1 
_entity_src_gen.pdbx_src_id                        1 
_entity_src_gen.pdbx_alt_source_flag               sample 
_entity_src_gen.pdbx_seq_type                      'Biological sequence' 
_entity_src_gen.pdbx_beg_seq_num                   1 
_entity_src_gen.pdbx_end_seq_num                   157 
_entity_src_gen.gene_src_common_name               Human 
_entity_src_gen.gene_src_genus                     ? 
_entity_src_gen.pdbx_gene_src_gene                 'DUSP22, JSP1, LMWDSP2, MKPX' 
_entity_src_gen.gene_src_species                   ? 
_entity_src_gen.gene_src_strain                    ? 
_entity_src_gen.gene_src_tissue                    ? 
_entity_src_gen.gene_src_tissue_fraction           ? 
_entity_src_gen.gene_src_details                   ? 
_entity_src_gen.pdbx_gene_src_fragment             ? 
_entity_src_gen.pdbx_gene_src_scientific_name      'Homo sapiens' 
_entity_src_gen.pdbx_gene_src_ncbi_taxonomy_id     9606 
_entity_src_gen.pdbx_gene_src_variant              ? 
_entity_src_gen.pdbx_gene_src_cell_line            ? 
_entity_src_gen.pdbx_gene_src_atcc                 ? 
_entity_src_gen.pdbx_gene_src_organ                ? 
_entity_src_gen.pdbx_gene_src_organelle            ? 
_entity_src_gen.pdbx_gene_src_cell                 ? 
_entity_src_gen.pdbx_gene_src_cellular_location    ? 
_entity_src_gen.host_org_common_name               ? 
_entity_src_gen.pdbx_host_org_scientific_name      'Escherichia coli' 
_entity_src_gen.pdbx_host_org_ncbi_taxonomy_id     562 
_entity_src_gen.host_org_genus                     ? 
_entity_src_gen.pdbx_host_org_gene                 ? 
_entity_src_gen.pdbx_host_org_organ                ? 
_entity_src_gen.host_org_species                   ? 
_entity_src_gen.pdbx_host_org_tissue               ? 
_entity_src_gen.pdbx_host_org_tissue_fraction      ? 
_entity_src_gen.pdbx_host_org_strain               ? 
_entity_src_gen.pdbx_host_org_variant              ? 
_entity_src_gen.pdbx_host_org_cell_line            ? 
_entity_src_gen.pdbx_host_org_atcc                 ? 
_entity_src_gen.pdbx_host_org_culture_collection   ? 
_entity_src_gen.pdbx_host_org_cell                 ? 
_entity_src_gen.pdbx_host_org_organelle            ? 
_entity_src_gen.pdbx_host_org_cellular_location    ? 
_entity_src_gen.pdbx_host_org_vector_type          ? 
_entity_src_gen.pdbx_host_org_vector               ? 
_entity_src_gen.host_org_details                   ? 
_entity_src_gen.expression_system_id               ? 
_entity_src_gen.plasmid_name                       ? 
_entity_src_gen.plasmid_details                    ? 
_entity_src_gen.pdbx_description                   ? 
# 
_struct_ref.id                         1 
_struct_ref.db_name                    UNP 
_struct_ref.db_code                    DUS22_HUMAN 
_struct_ref.pdbx_db_accession          Q9NRW4 
_struct_ref.pdbx_db_isoform            ? 
_struct_ref.entity_id                  1 
_struct_ref.pdbx_seq_one_letter_code   
;MGNGMNKILPGLYIGNFKDARDAEQLSKNKVTHILSVHDSARPMLEGVKYLCIPAADSPSQNLTRHFKESIKFIHECRLR
GESCLVHCLAGVSRSVTLVIAYIMTVTDFGWEDALHTVRAGRSCANPNVGFQRQLQEFEKHEVHQYRQWLKEEYG
;
_struct_ref.pdbx_align_begin           1 
# 
_struct_ref_seq.align_id                      1 
_struct_ref_seq.ref_id                        1 
_struct_ref_seq.pdbx_PDB_id_code              7C8S 
_struct_ref_seq.pdbx_strand_id                A 
_struct_ref_seq.seq_align_beg                 3 
_struct_ref_seq.pdbx_seq_align_beg_ins_code   ? 
_struct_ref_seq.seq_align_end                 157 
_struct_ref_seq.pdbx_seq_align_end_ins_code   ? 
_struct_ref_seq.pdbx_db_accession             Q9NRW4 
_struct_ref_seq.db_align_beg                  1 
_struct_ref_seq.pdbx_db_align_beg_ins_code    ? 
_struct_ref_seq.db_align_end                  155 
_struct_ref_seq.pdbx_db_align_end_ins_code    ? 
_struct_ref_seq.pdbx_auth_seq_align_beg       1 
_struct_ref_seq.pdbx_auth_seq_align_end       155 
# 
loop_
_struct_ref_seq_dif.align_id 
_struct_ref_seq_dif.pdbx_pdb_id_code 
_struct_ref_seq_dif.mon_id 
_struct_ref_seq_dif.pdbx_pdb_strand_id 
_struct_ref_seq_dif.seq_num 
_struct_ref_seq_dif.pdbx_pdb_ins_code 
_struct_ref_seq_dif.pdbx_seq_db_name 
_struct_ref_seq_dif.pdbx_seq_db_accession_code 
_struct_ref_seq_dif.db_mon_id 
_struct_ref_seq_dif.pdbx_seq_db_seq_num 
_struct_ref_seq_dif.details 
_struct_ref_seq_dif.pdbx_auth_seq_num 
_struct_ref_seq_dif.pdbx_ordinal 
1 7C8S GLY A 1   ? UNP Q9NRW4 ?   ?   'expression tag'      -1  1 
1 7C8S PRO A 2   ? UNP Q9NRW4 ?   ?   'expression tag'      0   2 
1 7C8S ALA A 130 ? UNP Q9NRW4 ASN 128 'engineered mutation' 128 3 
# 
loop_
_chem_comp.id 
_chem_comp.type 
_chem_comp.mon_nstd_flag 
_chem_comp.name 
_chem_comp.pdbx_synonyms 
_chem_comp.formula 
_chem_comp.formula_weight 
ALA 'L-peptide linking' y ALANINE         ? 'C3 H7 N O2'     89.093  
ARG 'L-peptide linking' y ARGININE        ? 'C6 H15 N4 O2 1' 175.209 
ASN 'L-peptide linking' y ASPARAGINE      ? 'C4 H8 N2 O3'    132.118 
ASP 'L-peptide linking' y 'ASPARTIC ACID' ? 'C4 H7 N O4'     133.103 
CYS 'L-peptide linking' y CYSTEINE        ? 'C3 H7 N O2 S'   121.158 
GLN 'L-peptide linking' y GLUTAMINE       ? 'C5 H10 N2 O3'   146.144 
GLU 'L-peptide linking' y 'GLUTAMIC ACID' ? 'C5 H9 N O4'     147.129 
GLY 'peptide linking'   y GLYCINE         ? 'C2 H5 N O2'     75.067  
HIS 'L-peptide linking' y HISTIDINE       ? 'C6 H10 N3 O2 1' 156.162 
HOH non-polymer         . WATER           ? 'H2 O'           18.015  
ILE 'L-peptide linking' y ISOLEUCINE      ? 'C6 H13 N O2'    131.173 
LEU 'L-peptide linking' y LEUCINE         ? 'C6 H13 N O2'    131.173 
LYS 'L-peptide linking' y LYSINE          ? 'C6 H15 N2 O2 1' 147.195 
MET 'L-peptide linking' y METHIONINE      ? 'C5 H11 N O2 S'  149.211 
PHE 'L-peptide linking' y PHENYLALANINE   ? 'C9 H11 N O2'    165.189 
PRO 'L-peptide linking' y PROLINE         ? 'C5 H9 N O2'     115.130 
SER 'L-peptide linking' y SERINE          ? 'C3 H7 N O3'     105.093 
SO4 non-polymer         . 'SULFATE ION'   ? 'O4 S -2'        96.063  
THR 'L-peptide linking' y THREONINE       ? 'C4 H9 N O3'     119.119 
TRP 'L-peptide linking' y TRYPTOPHAN      ? 'C11 H12 N2 O2'  204.225 
TYR 'L-peptide linking' y TYROSINE        ? 'C9 H11 N O3'    181.189 
VAL 'L-peptide linking' y VALINE          ? 'C5 H11 N O2'    117.146 
# 
_exptl.absorpt_coefficient_mu     ? 
_exptl.absorpt_correction_T_max   ? 
_exptl.absorpt_correction_T_min   ? 
_exptl.absorpt_correction_type    ? 
_exptl.absorpt_process_details    ? 
_exptl.entry_id                   7C8S 
_exptl.crystals_number            1 
_exptl.details                    ? 
_exptl.method                     'X-RAY DIFFRACTION' 
_exptl.method_details             ? 
# 
_exptl_crystal.colour                      ? 
_exptl_crystal.density_diffrn              ? 
_exptl_crystal.density_Matthews            2.55 
_exptl_crystal.density_method              ? 
_exptl_crystal.density_percent_sol         51.76 
_exptl_crystal.description                 ? 
_exptl_crystal.F_000                       ? 
_exptl_crystal.id                          1 
_exptl_crystal.preparation                 ? 
_exptl_crystal.size_max                    ? 
_exptl_crystal.size_mid                    ? 
_exptl_crystal.size_min                    ? 
_exptl_crystal.size_rad                    ? 
_exptl_crystal.colour_lustre               ? 
_exptl_crystal.colour_modifier             ? 
_exptl_crystal.colour_primary              ? 
_exptl_crystal.density_meas                ? 
_exptl_crystal.density_meas_esd            ? 
_exptl_crystal.density_meas_gt             ? 
_exptl_crystal.density_meas_lt             ? 
_exptl_crystal.density_meas_temp           ? 
_exptl_crystal.density_meas_temp_esd       ? 
_exptl_crystal.density_meas_temp_gt        ? 
_exptl_crystal.density_meas_temp_lt        ? 
_exptl_crystal.pdbx_crystal_image_url      ? 
_exptl_crystal.pdbx_crystal_image_format   ? 
_exptl_crystal.pdbx_mosaicity              ? 
_exptl_crystal.pdbx_mosaicity_esd          ? 
# 
_exptl_crystal_grow.apparatus       ? 
_exptl_crystal_grow.atmosphere      ? 
_exptl_crystal_grow.crystal_id      1 
_exptl_crystal_grow.details         ? 
_exptl_crystal_grow.method          'VAPOR DIFFUSION, HANGING DROP' 
_exptl_crystal_grow.method_ref      ? 
_exptl_crystal_grow.pH              7.5 
_exptl_crystal_grow.pressure        ? 
_exptl_crystal_grow.pressure_esd    ? 
_exptl_crystal_grow.seeding         ? 
_exptl_crystal_grow.seeding_ref     ? 
_exptl_crystal_grow.temp            293 
_exptl_crystal_grow.temp_details    ? 
_exptl_crystal_grow.temp_esd        ? 
_exptl_crystal_grow.time            ? 
_exptl_crystal_grow.pdbx_details    '0.1 M HEPES, 30% PEG 3,350, 0.2 M Li2SO4' 
_exptl_crystal_grow.pdbx_pH_range   ? 
# 
_diffrn.ambient_environment              ? 
_diffrn.ambient_temp                     100 
_diffrn.ambient_temp_details             ? 
_diffrn.ambient_temp_esd                 ? 
_diffrn.crystal_id                       1 
_diffrn.crystal_support                  ? 
_diffrn.crystal_treatment                ? 
_diffrn.details                          ? 
_diffrn.id                               1 
_diffrn.ambient_pressure                 ? 
_diffrn.ambient_pressure_esd             ? 
_diffrn.ambient_pressure_gt              ? 
_diffrn.ambient_pressure_lt              ? 
_diffrn.ambient_temp_gt                  ? 
_diffrn.ambient_temp_lt                  ? 
_diffrn.pdbx_serial_crystal_experiment   N 
# 
_diffrn_detector.details                      ? 
_diffrn_detector.detector                     CCD 
_diffrn_detector.diffrn_id                    1 
_diffrn_detector.type                         'RAYONIX MX300HE' 
_diffrn_detector.area_resol_mean              ? 
_diffrn_detector.dtime                        ? 
_diffrn_detector.pdbx_frames_total            ? 
_diffrn_detector.pdbx_collection_time_total   ? 
_diffrn_detector.pdbx_collection_date         2018-12-23 
_diffrn_detector.pdbx_frequency               ? 
# 
_diffrn_radiation.collimation                      ? 
_diffrn_radiation.diffrn_id                        1 
_diffrn_radiation.filter_edge                      ? 
_diffrn_radiation.inhomogeneity                    ? 
_diffrn_radiation.monochromator                    ? 
_diffrn_radiation.polarisn_norm                    ? 
_diffrn_radiation.polarisn_ratio                   ? 
_diffrn_radiation.probe                            ? 
_diffrn_radiation.type                             ? 
_diffrn_radiation.xray_symbol                      ? 
_diffrn_radiation.wavelength_id                    1 
_diffrn_radiation.pdbx_monochromatic_or_laue_m_l   M 
_diffrn_radiation.pdbx_wavelength_list             ? 
_diffrn_radiation.pdbx_wavelength                  ? 
_diffrn_radiation.pdbx_diffrn_protocol             'SINGLE WAVELENGTH' 
_diffrn_radiation.pdbx_analyzer                    ? 
_diffrn_radiation.pdbx_scattering_type             x-ray 
# 
_diffrn_radiation_wavelength.id           1 
_diffrn_radiation_wavelength.wavelength   1 
_diffrn_radiation_wavelength.wt           1.0 
# 
_diffrn_source.current                     ? 
_diffrn_source.details                     ? 
_diffrn_source.diffrn_id                   1 
_diffrn_source.power                       ? 
_diffrn_source.size                        ? 
_diffrn_source.source                      SYNCHROTRON 
_diffrn_source.target                      ? 
_diffrn_source.type                        'NSRRC BEAMLINE BL15A1' 
_diffrn_source.voltage                     ? 
_diffrn_source.take-off_angle              ? 
_diffrn_source.pdbx_wavelength_list        1 
_diffrn_source.pdbx_wavelength             ? 
_diffrn_source.pdbx_synchrotron_beamline   BL15A1 
_diffrn_source.pdbx_synchrotron_site       NSRRC 
# 
_reflns.B_iso_Wilson_estimate            14.13 
_reflns.entry_id                         7C8S 
_reflns.data_reduction_details           ? 
_reflns.data_reduction_method            ? 
_reflns.d_resolution_high                1.31 
_reflns.d_resolution_low                 30.0 
_reflns.details                          ? 
_reflns.limit_h_max                      ? 
_reflns.limit_h_min                      ? 
_reflns.limit_k_max                      ? 
_reflns.limit_k_min                      ? 
_reflns.limit_l_max                      ? 
_reflns.limit_l_min                      ? 
_reflns.number_all                       ? 
_reflns.number_obs                       42476 
_reflns.observed_criterion               ? 
_reflns.observed_criterion_F_max         ? 
_reflns.observed_criterion_F_min         ? 
_reflns.observed_criterion_I_max         ? 
_reflns.observed_criterion_I_min         ? 
_reflns.observed_criterion_sigma_F       ? 
_reflns.observed_criterion_sigma_I       ? 
_reflns.percent_possible_obs             98.6 
_reflns.R_free_details                   ? 
_reflns.Rmerge_F_all                     ? 
_reflns.Rmerge_F_obs                     ? 
_reflns.Friedel_coverage                 ? 
_reflns.number_gt                        ? 
_reflns.threshold_expression             ? 
_reflns.pdbx_redundancy                  3.7 
_reflns.pdbx_Rmerge_I_obs                0.053 
_reflns.pdbx_Rmerge_I_all                ? 
_reflns.pdbx_Rsym_value                  ? 
_reflns.pdbx_netI_over_av_sigmaI         ? 
_reflns.pdbx_netI_over_sigmaI            22.03 
_reflns.pdbx_res_netI_over_av_sigmaI_2   ? 
_reflns.pdbx_res_netI_over_sigmaI_2      ? 
_reflns.pdbx_chi_squared                 ? 
_reflns.pdbx_scaling_rejects             ? 
_reflns.pdbx_d_res_high_opt              ? 
_reflns.pdbx_d_res_low_opt               ? 
_reflns.pdbx_d_res_opt_method            ? 
_reflns.phase_calculation_details        ? 
_reflns.pdbx_Rrim_I_all                  ? 
_reflns.pdbx_Rpim_I_all                  ? 
_reflns.pdbx_d_opt                       ? 
_reflns.pdbx_number_measured_all         ? 
_reflns.pdbx_diffrn_id                   1 
_reflns.pdbx_ordinal                     1 
_reflns.pdbx_CC_half                     ? 
_reflns.pdbx_CC_star                     ? 
_reflns.pdbx_R_split                     ? 
# 
loop_
_reflns_shell.d_res_high 
_reflns_shell.d_res_low 
_reflns_shell.meanI_over_sigI_all 
_reflns_shell.meanI_over_sigI_obs 
_reflns_shell.number_measured_all 
_reflns_shell.number_measured_obs 
_reflns_shell.number_possible 
_reflns_shell.number_unique_all 
_reflns_shell.number_unique_obs 
_reflns_shell.percent_possible_all 
_reflns_shell.percent_possible_obs 
_reflns_shell.Rmerge_F_all 
_reflns_shell.Rmerge_F_obs 
_reflns_shell.Rmerge_I_all 
_reflns_shell.Rmerge_I_obs 
_reflns_shell.meanI_over_sigI_gt 
_reflns_shell.meanI_over_uI_all 
_reflns_shell.meanI_over_uI_gt 
_reflns_shell.number_measured_gt 
_reflns_shell.number_unique_gt 
_reflns_shell.percent_possible_gt 
_reflns_shell.Rmerge_F_gt 
_reflns_shell.Rmerge_I_gt 
_reflns_shell.pdbx_redundancy 
_reflns_shell.pdbx_Rsym_value 
_reflns_shell.pdbx_chi_squared 
_reflns_shell.pdbx_netI_over_sigmaI_all 
_reflns_shell.pdbx_netI_over_sigmaI_obs 
_reflns_shell.pdbx_Rrim_I_all 
_reflns_shell.pdbx_Rpim_I_all 
_reflns_shell.pdbx_rejects 
_reflns_shell.pdbx_ordinal 
_reflns_shell.pdbx_diffrn_id 
_reflns_shell.pdbx_CC_half 
_reflns_shell.pdbx_CC_star 
_reflns_shell.pdbx_R_split 
1.310 1.360  ? ? ? ? ? ? 4184 97.400 ? ? ? ? 0.645 ? ? ? ? ? ? ? ? 3.700 ? 1.017 ? ? 0.755 0.388 ? 1  1 0.719 ? ? 
1.360 1.410  ? ? ? ? ? ? 4176 97.900 ? ? ? ? 0.524 ? ? ? ? ? ? ? ? 3.700 ? 1.014 ? ? 0.613 0.315 ? 2  1 0.809 ? ? 
1.410 1.480  ? ? ? ? ? ? 4203 98.100 ? ? ? ? 0.356 ? ? ? ? ? ? ? ? 3.700 ? 1.004 ? ? 0.416 0.213 ? 3  1 0.889 ? ? 
1.480 1.550  ? ? ? ? ? ? 4250 98.500 ? ? ? ? 0.237 ? ? ? ? ? ? ? ? 3.700 ? 1.006 ? ? 0.277 0.143 ? 4  1 0.946 ? ? 
1.550 1.650  ? ? ? ? ? ? 4214 98.800 ? ? ? ? 0.169 ? ? ? ? ? ? ? ? 3.700 ? 1.021 ? ? 0.197 0.102 ? 5  1 0.971 ? ? 
1.650 1.780  ? ? ? ? ? ? 4261 99.000 ? ? ? ? 0.123 ? ? ? ? ? ? ? ? 3.700 ? 1.026 ? ? 0.144 0.075 ? 6  1 0.983 ? ? 
1.780 1.960  ? ? ? ? ? ? 4274 99.100 ? ? ? ? 0.078 ? ? ? ? ? ? ? ? 3.700 ? 1.016 ? ? 0.091 0.047 ? 7  1 0.993 ? ? 
1.960 2.240  ? ? ? ? ? ? 4299 99.400 ? ? ? ? 0.056 ? ? ? ? ? ? ? ? 3.600 ? 1.006 ? ? 0.066 0.035 ? 8  1 0.995 ? ? 
2.240 2.820  ? ? ? ? ? ? 4313 99.500 ? ? ? ? 0.037 ? ? ? ? ? ? ? ? 3.600 ? 1.035 ? ? 0.044 0.023 ? 9  1 0.998 ? ? 
2.820 30.000 ? ? ? ? ? ? 4302 97.800 ? ? ? ? 0.033 ? ? ? ? ? ? ? ? 3.500 ? 1.026 ? ? 0.039 0.021 ? 10 1 0.998 ? ? 
# 
_refine.aniso_B[1][1]                            ? 
_refine.aniso_B[1][2]                            ? 
_refine.aniso_B[1][3]                            ? 
_refine.aniso_B[2][2]                            ? 
_refine.aniso_B[2][3]                            ? 
_refine.aniso_B[3][3]                            ? 
_refine.B_iso_max                                ? 
_refine.B_iso_mean                               19.79 
_refine.B_iso_min                                ? 
_refine.correlation_coeff_Fo_to_Fc               ? 
_refine.correlation_coeff_Fo_to_Fc_free          ? 
_refine.details                                  ? 
_refine.diff_density_max                         ? 
_refine.diff_density_max_esd                     ? 
_refine.diff_density_min                         ? 
_refine.diff_density_min_esd                     ? 
_refine.diff_density_rms                         ? 
_refine.diff_density_rms_esd                     ? 
_refine.entry_id                                 7C8S 
_refine.pdbx_refine_id                           'X-RAY DIFFRACTION' 
_refine.ls_abs_structure_details                 ? 
_refine.ls_abs_structure_Flack                   ? 
_refine.ls_abs_structure_Flack_esd               ? 
_refine.ls_abs_structure_Rogers                  ? 
_refine.ls_abs_structure_Rogers_esd              ? 
_refine.ls_d_res_high                            1.31 
_refine.ls_d_res_low                             22.53 
_refine.ls_extinction_coef                       ? 
_refine.ls_extinction_coef_esd                   ? 
_refine.ls_extinction_expression                 ? 
_refine.ls_extinction_method                     ? 
_refine.ls_goodness_of_fit_all                   ? 
_refine.ls_goodness_of_fit_all_esd               ? 
_refine.ls_goodness_of_fit_obs                   ? 
_refine.ls_goodness_of_fit_obs_esd               ? 
_refine.ls_hydrogen_treatment                    ? 
_refine.ls_matrix_type                           ? 
_refine.ls_number_constraints                    ? 
_refine.ls_number_parameters                     ? 
_refine.ls_number_reflns_all                     ? 
_refine.ls_number_reflns_obs                     42475 
_refine.ls_number_reflns_R_free                  2000 
_refine.ls_number_reflns_R_work                  40475 
_refine.ls_number_restraints                     ? 
_refine.ls_percent_reflns_obs                    98.48 
_refine.ls_percent_reflns_R_free                 4.71 
_refine.ls_R_factor_all                          ? 
_refine.ls_R_factor_obs                          0.1879 
_refine.ls_R_factor_R_free                       0.1965 
_refine.ls_R_factor_R_free_error                 ? 
_refine.ls_R_factor_R_free_error_details         ? 
_refine.ls_R_factor_R_work                       0.1874 
_refine.ls_R_Fsqd_factor_obs                     ? 
_refine.ls_R_I_factor_obs                        ? 
_refine.ls_redundancy_reflns_all                 ? 
_refine.ls_redundancy_reflns_obs                 ? 
_refine.ls_restrained_S_all                      ? 
_refine.ls_restrained_S_obs                      ? 
_refine.ls_shift_over_esd_max                    ? 
_refine.ls_shift_over_esd_mean                   ? 
_refine.ls_structure_factor_coef                 ? 
_refine.ls_weighting_details                     ? 
_refine.ls_weighting_scheme                      ? 
_refine.ls_wR_factor_all                         ? 
_refine.ls_wR_factor_obs                         ? 
_refine.ls_wR_factor_R_free                      ? 
_refine.ls_wR_factor_R_work                      ? 
_refine.occupancy_max                            ? 
_refine.occupancy_min                            ? 
_refine.solvent_model_details                    'FLAT BULK SOLVENT MODEL' 
_refine.solvent_model_param_bsol                 ? 
_refine.solvent_model_param_ksol                 ? 
_refine.pdbx_R_complete                          ? 
_refine.ls_R_factor_gt                           ? 
_refine.ls_goodness_of_fit_gt                    ? 
_refine.ls_goodness_of_fit_ref                   ? 
_refine.ls_shift_over_su_max                     ? 
_refine.ls_shift_over_su_max_lt                  ? 
_refine.ls_shift_over_su_mean                    ? 
_refine.ls_shift_over_su_mean_lt                 ? 
_refine.pdbx_ls_sigma_I                          ? 
_refine.pdbx_ls_sigma_F                          1.33 
_refine.pdbx_ls_sigma_Fsqd                       ? 
_refine.pdbx_data_cutoff_high_absF               ? 
_refine.pdbx_data_cutoff_high_rms_absF           ? 
_refine.pdbx_data_cutoff_low_absF                ? 
_refine.pdbx_isotropic_thermal_model             ? 
_refine.pdbx_ls_cross_valid_method               'FREE R-VALUE' 
_refine.pdbx_method_to_determine_struct          'MOLECULAR REPLACEMENT' 
_refine.pdbx_starting_model                      1WRM 
_refine.pdbx_stereochemistry_target_values       'GeoStd + Monomer Library + CDL v1.2' 
_refine.pdbx_R_Free_selection_details            ? 
_refine.pdbx_stereochem_target_val_spec_case     ? 
_refine.pdbx_overall_ESU_R                       ? 
_refine.pdbx_overall_ESU_R_Free                  ? 
_refine.pdbx_solvent_vdw_probe_radii             1.1100 
_refine.pdbx_solvent_ion_probe_radii             ? 
_refine.pdbx_solvent_shrinkage_radii             0.9000 
_refine.pdbx_real_space_R                        ? 
_refine.pdbx_density_correlation                 ? 
_refine.pdbx_pd_number_of_powder_patterns        ? 
_refine.pdbx_pd_number_of_points                 ? 
_refine.pdbx_pd_meas_number_of_points            ? 
_refine.pdbx_pd_proc_ls_prof_R_factor            ? 
_refine.pdbx_pd_proc_ls_prof_wR_factor           ? 
_refine.pdbx_pd_Marquardt_correlation_coeff      ? 
_refine.pdbx_pd_Fsqrd_R_factor                   ? 
_refine.pdbx_pd_ls_matrix_band_width             ? 
_refine.pdbx_overall_phase_error                 19.9472 
_refine.pdbx_overall_SU_R_free_Cruickshank_DPI   ? 
_refine.pdbx_overall_SU_R_free_Blow_DPI          ? 
_refine.pdbx_overall_SU_R_Blow_DPI               ? 
_refine.pdbx_TLS_residual_ADP_flag               ? 
_refine.pdbx_diffrn_id                           1 
_refine.overall_SU_B                             ? 
_refine.overall_SU_ML                            0.1576 
_refine.overall_SU_R_Cruickshank_DPI             ? 
_refine.overall_SU_R_free                        ? 
_refine.overall_FOM_free_R_set                   ? 
_refine.overall_FOM_work_R_set                   ? 
_refine.pdbx_average_fsc_overall                 ? 
_refine.pdbx_average_fsc_work                    ? 
_refine.pdbx_average_fsc_free                    ? 
# 
_refine_hist.pdbx_refine_id                   'X-RAY DIFFRACTION' 
_refine_hist.cycle_id                         final 
_refine_hist.details                          ? 
_refine_hist.d_res_high                       1.31 
_refine_hist.d_res_low                        22.53 
_refine_hist.number_atoms_solvent             154 
_refine_hist.number_atoms_total               1400 
_refine_hist.number_reflns_all                ? 
_refine_hist.number_reflns_obs                ? 
_refine_hist.number_reflns_R_free             ? 
_refine_hist.number_reflns_R_work             ? 
_refine_hist.R_factor_all                     ? 
_refine_hist.R_factor_obs                     ? 
_refine_hist.R_factor_R_free                  ? 
_refine_hist.R_factor_R_work                  ? 
_refine_hist.pdbx_number_residues_total       156 
_refine_hist.pdbx_B_iso_mean_ligand           13.37 
_refine_hist.pdbx_B_iso_mean_solvent          29.15 
_refine_hist.pdbx_number_atoms_protein        1241 
_refine_hist.pdbx_number_atoms_nucleic_acid   0 
_refine_hist.pdbx_number_atoms_ligand         5 
_refine_hist.pdbx_number_atoms_lipid          ? 
_refine_hist.pdbx_number_atoms_carb           ? 
_refine_hist.pdbx_pseudo_atom_details         ? 
# 
loop_
_refine_ls_restr.pdbx_refine_id 
_refine_ls_restr.criterion 
_refine_ls_restr.dev_ideal 
_refine_ls_restr.dev_ideal_target 
_refine_ls_restr.number 
_refine_ls_restr.rejects 
_refine_ls_restr.type 
_refine_ls_restr.weight 
_refine_ls_restr.pdbx_restraint_function 
'X-RAY DIFFRACTION' ? 0.0046  ? 1273 ? f_bond_d           ? ? 
'X-RAY DIFFRACTION' ? 0.7921  ? 1718 ? f_angle_d          ? ? 
'X-RAY DIFFRACTION' ? 0.0684  ? 184  ? f_chiral_restr     ? ? 
'X-RAY DIFFRACTION' ? 0.0044  ? 222  ? f_plane_restr      ? ? 
'X-RAY DIFFRACTION' ? 12.2657 ? 473  ? f_dihedral_angle_d ? ? 
# 
loop_
_refine_ls_shell.pdbx_refine_id 
_refine_ls_shell.d_res_high 
_refine_ls_shell.d_res_low 
_refine_ls_shell.number_reflns_all 
_refine_ls_shell.number_reflns_obs 
_refine_ls_shell.number_reflns_R_free 
_refine_ls_shell.number_reflns_R_work 
_refine_ls_shell.percent_reflns_obs 
_refine_ls_shell.percent_reflns_R_free 
_refine_ls_shell.R_factor_all 
_refine_ls_shell.R_factor_obs 
_refine_ls_shell.R_factor_R_free 
_refine_ls_shell.R_factor_R_free_error 
_refine_ls_shell.R_factor_R_work 
_refine_ls_shell.redundancy_reflns_all 
_refine_ls_shell.redundancy_reflns_obs 
_refine_ls_shell.wR_factor_all 
_refine_ls_shell.wR_factor_obs 
_refine_ls_shell.wR_factor_R_free 
_refine_ls_shell.wR_factor_R_work 
_refine_ls_shell.pdbx_R_complete 
_refine_ls_shell.pdbx_total_number_of_bins_used 
_refine_ls_shell.pdbx_phase_error 
_refine_ls_shell.pdbx_fsc_work 
_refine_ls_shell.pdbx_fsc_free 
'X-RAY DIFFRACTION' 1.31 1.34  . . 139 2814 96.35 . . . 0.3261 . 0.2693 . . . . . . . . . . . 
'X-RAY DIFFRACTION' 1.34 1.38  . . 141 2836 97.70 . . . 0.2612 . 0.2608 . . . . . . . . . . . 
'X-RAY DIFFRACTION' 1.38 1.42  . . 141 2877 97.92 . . . 0.2615 . 0.2324 . . . . . . . . . . . 
'X-RAY DIFFRACTION' 1.42 1.46  . . 141 2846 98.06 . . . 0.2464 . 0.2123 . . . . . . . . . . . 
'X-RAY DIFFRACTION' 1.46 1.52  . . 142 2881 98.34 . . . 0.2361 . 0.2038 . . . . . . . . . . . 
'X-RAY DIFFRACTION' 1.52 1.58  . . 142 2876 98.21 . . . 0.2069 . 0.1937 . . . . . . . . . . . 
'X-RAY DIFFRACTION' 1.58 1.65  . . 144 2887 99.12 . . . 0.1964 . 0.1879 . . . . . . . . . . . 
'X-RAY DIFFRACTION' 1.65 1.74  . . 143 2911 98.87 . . . 0.2244 . 0.1834 . . . . . . . . . . . 
'X-RAY DIFFRACTION' 1.74 1.84  . . 144 2915 99.29 . . . 0.2115 . 0.1822 . . . . . . . . . . . 
'X-RAY DIFFRACTION' 1.84 1.99  . . 143 2900 99.25 . . . 0.1748 . 0.1809 . . . . . . . . . . . 
'X-RAY DIFFRACTION' 1.99 2.19  . . 145 2922 99.32 . . . 0.1835 . 0.1760 . . . . . . . . . . . 
'X-RAY DIFFRACTION' 2.19 2.50  . . 145 2933 99.42 . . . 0.1897 . 0.1894 . . . . . . . . . . . 
'X-RAY DIFFRACTION' 2.50 3.15  . . 145 2943 99.68 . . . 0.2251 . 0.1887 . . . . . . . . . . . 
'X-RAY DIFFRACTION' 3.15 22.53 . . 145 2934 97.22 . . . 0.1588 . 0.1733 . . . . . . . . . . . 
# 
_struct.entry_id                     7C8S 
_struct.title                        'Crystal structure of DUSP22 mutant_N128A' 
_struct.pdbx_model_details           ? 
_struct.pdbx_formula_weight          ? 
_struct.pdbx_formula_weight_method   ? 
_struct.pdbx_model_type_details      ? 
_struct.pdbx_CASP_flag               N 
# 
_struct_keywords.entry_id        7C8S 
_struct_keywords.text            
'DUSP22, atypical DUSPs, Cysteine based protein tyrosine phosphatases (Cys-based PTPs), active site of DUSPs, HYDROLASE' 
_struct_keywords.pdbx_keywords   HYDROLASE 
# 
loop_
_struct_asym.id 
_struct_asym.pdbx_blank_PDB_chainid_flag 
_struct_asym.pdbx_modified 
_struct_asym.entity_id 
_struct_asym.details 
A N N 1 ? 
B N N 2 ? 
C N N 3 ? 
# 
loop_
_struct_conf.conf_type_id 
_struct_conf.id 
_struct_conf.pdbx_PDB_helix_id 
_struct_conf.beg_label_comp_id 
_struct_conf.beg_label_asym_id 
_struct_conf.beg_label_seq_id 
_struct_conf.pdbx_beg_PDB_ins_code 
_struct_conf.end_label_comp_id 
_struct_conf.end_label_asym_id 
_struct_conf.end_label_seq_id 
_struct_conf.pdbx_end_PDB_ins_code 
_struct_conf.beg_auth_comp_id 
_struct_conf.beg_auth_asym_id 
_struct_conf.beg_auth_seq_id 
_struct_conf.end_auth_comp_id 
_struct_conf.end_auth_asym_id 
_struct_conf.end_auth_seq_id 
_struct_conf.pdbx_PDB_helix_class 
_struct_conf.details 
_struct_conf.pdbx_PDB_helix_length 
HELX_P HELX_P1 AA1 LYS A 20  ? ARG A 23  ? LYS A 18  ARG A 21  5 ? 4  
HELX_P HELX_P2 AA2 ASP A 24  ? ASN A 31  ? ASP A 22  ASN A 29  1 ? 8  
HELX_P HELX_P3 AA3 LEU A 65  ? ARG A 67  ? LEU A 63  ARG A 65  5 ? 3  
HELX_P HELX_P4 AA4 HIS A 68  ? ARG A 82  ? HIS A 66  ARG A 80  1 ? 15 
HELX_P HELX_P5 AA5 SER A 95  ? THR A 109 ? SER A 93  THR A 107 1 ? 15 
HELX_P HELX_P6 AA6 GLY A 112 ? ARG A 124 ? GLY A 110 ARG A 122 1 ? 13 
HELX_P HELX_P7 AA7 ALA A 130 ? GLU A 144 ? ALA A 128 GLU A 142 1 ? 15 
HELX_P HELX_P8 AA8 GLU A 144 ? TYR A 156 ? GLU A 142 TYR A 154 1 ? 13 
# 
_struct_conf_type.id          HELX_P 
_struct_conf_type.criteria    ? 
_struct_conf_type.reference   ? 
# 
_struct_sheet.id               AA1 
_struct_sheet.type             ? 
_struct_sheet.number_strands   5 
_struct_sheet.details          ? 
# 
loop_
_struct_sheet_order.sheet_id 
_struct_sheet_order.range_id_1 
_struct_sheet_order.range_id_2 
_struct_sheet_order.offset 
_struct_sheet_order.sense 
AA1 1 2 ? anti-parallel 
AA1 2 3 ? parallel      
AA1 3 4 ? parallel      
AA1 4 5 ? parallel      
# 
loop_
_struct_sheet_range.sheet_id 
_struct_sheet_range.id 
_struct_sheet_range.beg_label_comp_id 
_struct_sheet_range.beg_label_asym_id 
_struct_sheet_range.beg_label_seq_id 
_struct_sheet_range.pdbx_beg_PDB_ins_code 
_struct_sheet_range.end_label_comp_id 
_struct_sheet_range.end_label_asym_id 
_struct_sheet_range.end_label_seq_id 
_struct_sheet_range.pdbx_end_PDB_ins_code 
_struct_sheet_range.beg_auth_comp_id 
_struct_sheet_range.beg_auth_asym_id 
_struct_sheet_range.beg_auth_seq_id 
_struct_sheet_range.end_auth_comp_id 
_struct_sheet_range.end_auth_asym_id 
_struct_sheet_range.end_auth_seq_id 
AA1 1 ASN A 8  ? LEU A 11 ? ASN A 6  LEU A 9  
AA1 2 LEU A 14 ? GLY A 17 ? LEU A 12 GLY A 15 
AA1 3 SER A 85 ? HIS A 89 ? SER A 83 HIS A 87 
AA1 4 VAL A 33 ? VAL A 39 ? VAL A 31 VAL A 37 
AA1 5 LYS A 51 ? ILE A 55 ? LYS A 49 ILE A 53 
# 
loop_
_pdbx_struct_sheet_hbond.sheet_id 
_pdbx_struct_sheet_hbond.range_id_1 
_pdbx_struct_sheet_hbond.range_id_2 
_pdbx_struct_sheet_hbond.range_1_label_atom_id 
_pdbx_struct_sheet_hbond.range_1_label_comp_id 
_pdbx_struct_sheet_hbond.range_1_label_asym_id 
_pdbx_struct_sheet_hbond.range_1_label_seq_id 
_pdbx_struct_sheet_hbond.range_1_PDB_ins_code 
_pdbx_struct_sheet_hbond.range_1_auth_atom_id 
_pdbx_struct_sheet_hbond.range_1_auth_comp_id 
_pdbx_struct_sheet_hbond.range_1_auth_asym_id 
_pdbx_struct_sheet_hbond.range_1_auth_seq_id 
_pdbx_struct_sheet_hbond.range_2_label_atom_id 
_pdbx_struct_sheet_hbond.range_2_label_comp_id 
_pdbx_struct_sheet_hbond.range_2_label_asym_id 
_pdbx_struct_sheet_hbond.range_2_label_seq_id 
_pdbx_struct_sheet_hbond.range_2_PDB_ins_code 
_pdbx_struct_sheet_hbond.range_2_auth_atom_id 
_pdbx_struct_sheet_hbond.range_2_auth_comp_id 
_pdbx_struct_sheet_hbond.range_2_auth_asym_id 
_pdbx_struct_sheet_hbond.range_2_auth_seq_id 
AA1 1 2 N ILE A 10 ? N ILE A 8  O LEU A 14 ? O LEU A 12 
AA1 2 3 N TYR A 15 ? N TYR A 13 O VAL A 88 ? O VAL A 86 
AA1 3 4 O HIS A 89 ? O HIS A 87 N VAL A 39 ? N VAL A 37 
AA1 4 5 N SER A 38 ? N SER A 36 O ILE A 55 ? O ILE A 53 
# 
_struct_site.id                   AC1 
_struct_site.pdbx_evidence_code   Software 
_struct_site.pdbx_auth_asym_id    A 
_struct_site.pdbx_auth_comp_id    SO4 
_struct_site.pdbx_auth_seq_id     201 
_struct_site.pdbx_auth_ins_code   ? 
_struct_site.pdbx_num_residues    10 
_struct_site.details              'binding site for residue SO4 A 201' 
# 
loop_
_struct_site_gen.id 
_struct_site_gen.site_id 
_struct_site_gen.pdbx_num_res 
_struct_site_gen.label_comp_id 
_struct_site_gen.label_asym_id 
_struct_site_gen.label_seq_id 
_struct_site_gen.pdbx_auth_ins_code 
_struct_site_gen.auth_comp_id 
_struct_site_gen.auth_asym_id 
_struct_site_gen.auth_seq_id 
_struct_site_gen.label_atom_id 
_struct_site_gen.label_alt_id 
_struct_site_gen.symmetry 
_struct_site_gen.details 
1  AC1 10 CYS A 90 ? CYS A 88  . ? 1_555 ? 
2  AC1 10 LEU A 91 ? LEU A 89  . ? 1_555 ? 
3  AC1 10 ALA A 92 ? ALA A 90  . ? 1_555 ? 
4  AC1 10 GLY A 93 ? GLY A 91  . ? 1_555 ? 
5  AC1 10 VAL A 94 ? VAL A 92  . ? 1_555 ? 
6  AC1 10 SER A 95 ? SER A 93  . ? 1_555 ? 
7  AC1 10 ARG A 96 ? ARG A 94  . ? 1_555 ? 
8  AC1 10 HOH C .  ? HOH A 322 . ? 1_555 ? 
9  AC1 10 HOH C .  ? HOH A 327 . ? 1_555 ? 
10 AC1 10 HOH C .  ? HOH A 357 . ? 1_555 ? 
# 
_atom_sites.entry_id                    7C8S 
_atom_sites.Cartn_transf_matrix[1][1]   ? 
_atom_sites.Cartn_transf_matrix[1][2]   ? 
_atom_sites.Cartn_transf_matrix[1][3]   ? 
_atom_sites.Cartn_transf_matrix[2][1]   ? 
_atom_sites.Cartn_transf_matrix[2][2]   ? 
_atom_sites.Cartn_transf_matrix[2][3]   ? 
_atom_sites.Cartn_transf_matrix[3][1]   ? 
_atom_sites.Cartn_transf_matrix[3][2]   ? 
_atom_sites.Cartn_transf_matrix[3][3]   ? 
_atom_sites.Cartn_transf_vector[1]      ? 
_atom_sites.Cartn_transf_vector[2]      ? 
_atom_sites.Cartn_transf_vector[3]      ? 
_atom_sites.fract_transf_matrix[1][1]   -0.00514542 
_atom_sites.fract_transf_matrix[1][2]   0.00597777 
_atom_sites.fract_transf_matrix[1][3]   0.00793994 
_atom_sites.fract_transf_matrix[2][1]   -0.00796774 
_atom_sites.fract_transf_matrix[2][2]   0.01164580 
_atom_sites.fract_transf_matrix[2][3]   -0.01393125 
_atom_sites.fract_transf_matrix[3][1]   -0.02088813 
_atom_sites.fract_transf_matrix[3][2]   -0.01373387 
_atom_sites.fract_transf_matrix[3][3]   0.00046580 
_atom_sites.fract_transf_vector[1]      0.176623 
_atom_sites.fract_transf_vector[2]      0.015945 
_atom_sites.fract_transf_vector[3]      0.368823 
_atom_sites.solution_primary            ? 
_atom_sites.solution_secondary          ? 
_atom_sites.solution_hydrogens          ? 
_atom_sites.special_details             ? 
# 
loop_
_atom_type.symbol 
_atom_type.scat_dispersion_real 
_atom_type.scat_dispersion_imag 
_atom_type.scat_Cromer_Mann_a1 
_atom_type.scat_Cromer_Mann_a2 
_atom_type.scat_Cromer_Mann_a3 
_atom_type.scat_Cromer_Mann_a4 
_atom_type.scat_Cromer_Mann_b1 
_atom_type.scat_Cromer_Mann_b2 
_atom_type.scat_Cromer_Mann_b3 
_atom_type.scat_Cromer_Mann_b4 
_atom_type.scat_Cromer_Mann_c 
_atom_type.scat_source 
_atom_type.scat_dispersion_source 
C ? ? 3.54356 2.42580 ? ? 25.62398 1.50364  ? ? 0.0 
;2-Gaussian fit: Grosse-Kunstleve RW, Sauter NK, Adams PD: Newsletter of the IUCr Commission on Crystallographic Computing 2004, 3, 22-31.
;
? 
N ? ? 4.01032 2.96436 ? ? 19.97189 1.75589  ? ? 0.0 
;2-Gaussian fit: Grosse-Kunstleve RW, Sauter NK, Adams PD: Newsletter of the IUCr Commission on Crystallographic Computing 2004, 3, 22-31.
;
? 
O ? ? 4.49882 3.47563 ? ? 15.80542 1.70748  ? ? 0.0 
;2-Gaussian fit: Grosse-Kunstleve RW, Sauter NK, Adams PD: Newsletter of the IUCr Commission on Crystallographic Computing 2004, 3, 22-31.
;
? 
S ? ? 9.55732 6.39887 ? ? 1.23737  29.19336 ? ? 0.0 
;2-Gaussian fit: Grosse-Kunstleve RW, Sauter NK, Adams PD: Newsletter of the IUCr Commission on Crystallographic Computing 2004, 3, 22-31.
;
? 
# 
loop_
_atom_site.group_PDB 
_atom_site.id 
_atom_site.type_symbol 
_atom_site.label_atom_id 
_atom_site.label_alt_id 
_atom_site.label_comp_id 
_atom_site.label_asym_id 
_atom_site.label_entity_id 
_atom_site.label_seq_id 
_atom_site.pdbx_PDB_ins_code 
_atom_site.Cartn_x 
_atom_site.Cartn_y 
_atom_site.Cartn_z 
_atom_site.occupancy 
_atom_site.B_iso_or_equiv 
_atom_site.pdbx_formal_charge 
_atom_site.auth_seq_id 
_atom_site.auth_comp_id 
_atom_site.auth_asym_id 
_atom_site.auth_atom_id 
_atom_site.pdbx_PDB_model_num 
ATOM   1    N N   . GLY A 1 1   ? -12.13804 -4.00796  13.90584  1.000 26.71399 ? -1  GLY A N   1 
ATOM   2    C CA  . GLY A 1 1   ? -11.14157 -4.53907  14.81898  1.000 16.85694 ? -1  GLY A CA  1 
ATOM   3    C C   . GLY A 1 1   ? -9.71234  -4.21740  14.43099  1.000 16.07473 ? -1  GLY A C   1 
ATOM   4    O O   . GLY A 1 1   ? -9.46467  -3.56236  13.41876  1.000 16.15934 ? -1  GLY A O   1 
ATOM   5    N N   . PRO A 1 2   ? -8.75728  -4.71654  15.21630  1.000 13.67680 ? 0   PRO A N   1 
ATOM   6    C CA  . PRO A 1 2   ? -7.35855  -4.31454  15.04151  1.000 12.32061 ? 0   PRO A CA  1 
ATOM   7    C C   . PRO A 1 2   ? -6.67605  -4.94233  13.84295  1.000 13.92208 ? 0   PRO A C   1 
ATOM   8    O O   . PRO A 1 2   ? -5.52905  -4.59443  13.56413  1.000 13.19877 ? 0   PRO A O   1 
ATOM   9    C CB  . PRO A 1 2   ? -6.70261  -4.77021  16.35371  1.000 14.38425 ? 0   PRO A CB  1 
ATOM   10   C CG  . PRO A 1 2   ? -7.54557  -5.91433  16.81431  1.000 15.04518 ? 0   PRO A CG  1 
ATOM   11   C CD  . PRO A 1 2   ? -8.95133  -5.58531  16.39134  1.000 13.81988 ? 0   PRO A CD  1 
ATOM   12   N N   . MET A 1 3   ? -7.34020  -5.84532  13.13444  1.000 11.85472 ? 1   MET A N   1 
ATOM   13   C CA  . MET A 1 3   ? -6.80201  -6.37736  11.88763  1.000 10.22580 ? 1   MET A CA  1 
ATOM   14   C C   . MET A 1 3   ? -7.82098  -6.25250  10.76491  1.000 10.13385 ? 1   MET A C   1 
ATOM   15   O O   . MET A 1 3   ? -7.72318  -6.95613  9.75761   1.000 10.78334 ? 1   MET A O   1 
ATOM   16   C CB  . MET A 1 3   ? -6.31346  -7.81878  12.05885  1.000 10.77909 ? 1   MET A CB  1 
ATOM   17   C CG  . MET A 1 3   ? -5.40011  -7.96797  13.26182  1.000 13.00823 ? 1   MET A CG  1 
ATOM   18   S SD  . MET A 1 3   ? -4.70916  -9.61287  13.51643  1.000 12.43289 ? 1   MET A SD  1 
ATOM   19   C CE  . MET A 1 3   ? -3.44882  -9.65766  12.24415  1.000 12.64259 ? 1   MET A CE  1 
ATOM   20   N N   . GLY A 1 4   ? -8.77658  -5.33686  10.90429  1.000 12.16492 ? 2   GLY A N   1 
ATOM   21   C CA  . GLY A 1 4   ? -9.78991  -5.11487  9.89877   1.000 12.56447 ? 2   GLY A CA  1 
ATOM   22   C C   . GLY A 1 4   ? -10.80540 -6.24104  9.85931   1.000 13.80398 ? 2   GLY A C   1 
ATOM   23   O O   . GLY A 1 4   ? -10.80994 -7.16183  10.68340  1.000 14.53624 ? 2   GLY A O   1 
ATOM   24   N N   . ASN A 1 5   ? -11.67821 -6.16797  8.85292   1.000 14.22877 ? 3   ASN A N   1 
ATOM   25   C CA  . ASN A 1 5   ? -12.75492 -7.14720  8.71109   1.000 16.27250 ? 3   ASN A CA  1 
ATOM   26   C C   . ASN A 1 5   ? -12.76318 -7.82255  7.34265   1.000 18.28963 ? 3   ASN A C   1 
ATOM   27   O O   . ASN A 1 5   ? -13.79082 -8.37218  6.93185   1.000 22.14441 ? 3   ASN A O   1 
ATOM   28   C CB  . ASN A 1 5   ? -14.12228 -6.52952  9.02250   1.000 21.76057 ? 3   ASN A CB  1 
ATOM   29   C CG  . ASN A 1 5   ? -14.20157 -5.95517  10.43123  1.000 30.37840 ? 3   ASN A CG  1 
ATOM   30   O OD1 . ASN A 1 5   ? -14.41839 -4.75415  10.61098  1.000 35.82746 ? 3   ASN A OD1 1 
ATOM   31   N ND2 . ASN A 1 5   ? -14.02495 -6.81306  11.43896  1.000 29.62291 ? 3   ASN A ND2 1 
ATOM   32   N N   . GLY A 1 6   ? -11.63313 -7.82399  6.65008   1.000 15.99298 ? 4   GLY A N   1 
ATOM   33   C CA  . GLY A 1 6   ? -11.52996 -8.31936  5.29080   1.000 15.54917 ? 4   GLY A CA  1 
ATOM   34   C C   . GLY A 1 6   ? -10.84884 -7.26447  4.44226   1.000 13.57532 ? 4   GLY A C   1 
ATOM   35   O O   . GLY A 1 6   ? -10.74422 -6.11170  4.86942   1.000 14.06228 ? 4   GLY A O   1 
ATOM   36   N N   . MET A 1 7   ? -10.36630 -7.61670  3.25736   1.000 12.95681 ? 5   MET A N   1 
ATOM   37   C CA  . MET A 1 7   ? -9.70653  -6.60004  2.45653   1.000 13.25215 ? 5   MET A CA  1 
ATOM   38   C C   . MET A 1 7   ? -10.72205 -5.56442  1.97889   1.000 12.45304 ? 5   MET A C   1 
ATOM   39   O O   . MET A 1 7   ? -11.90023 -5.86480  1.74293   1.000 14.19357 ? 5   MET A O   1 
ATOM   40   C CB  . MET A 1 7   ? -8.93179  -7.22167  1.29110   1.000 14.39760 ? 5   MET A CB  1 
ATOM   41   C CG  . MET A 1 7   ? -9.78093  -7.76919  0.15362   1.000 14.85512 ? 5   MET A CG  1 
ATOM   42   S SD  . MET A 1 7   ? -8.78870  -8.48161  -1.19253  1.000 14.88821 ? 5   MET A SD  1 
ATOM   43   C CE  . MET A 1 7   ? -8.07926  -9.91468  -0.37258  1.000 17.59260 ? 5   MET A CE  1 
ATOM   44   N N   . ASN A 1 8   ? -10.24970 -4.33502  1.83915   1.000 11.34169 ? 6   ASN A N   1 
ATOM   45   C CA  . ASN A 1 8   ? -11.10899 -3.20382  1.53673   1.000 9.80640  ? 6   ASN A CA  1 
ATOM   46   C C   . ASN A 1 8   ? -10.59545 -2.46897  0.31164   1.000 10.86673 ? 6   ASN A C   1 
ATOM   47   O O   . ASN A 1 8   ? -9.39834  -2.18210  0.20366   1.000 10.47065 ? 6   ASN A O   1 
ATOM   48   C CB  . ASN A 1 8   ? -11.12192 -2.19881  2.69215   1.000 10.12228 ? 6   ASN A CB  1 
ATOM   49   C CG  . ASN A 1 8   ? -11.57505 -2.80512  4.00234   1.000 12.00644 ? 6   ASN A CG  1 
ATOM   50   O OD1 . ASN A 1 8   ? -10.81124 -2.87134  4.94945   1.000 12.20515 ? 6   ASN A OD1 1 
ATOM   51   N ND2 . ASN A 1 8   ? -12.82831 -3.25027  4.05769   1.000 16.00840 ? 6   ASN A ND2 1 
ATOM   52   N N   . LYS A 1 9   ? -11.52191 -2.10568  -0.57173  1.000 11.46379 ? 7   LYS A N   1 
ATOM   53   C CA  . LYS A 1 9   ? -11.19064 -1.23608  -1.68760  1.000 12.05643 ? 7   LYS A CA  1 
ATOM   54   C C   . LYS A 1 9   ? -10.86138 0.16088   -1.18522  1.000 11.56083 ? 7   LYS A C   1 
ATOM   55   O O   . LYS A 1 9   ? -11.61309 0.74607   -0.39835  1.000 12.28903 ? 7   LYS A O   1 
ATOM   56   C CB  . LYS A 1 9   ? -12.37043 -1.17311  -2.65340  1.000 14.80422 ? 7   LYS A CB  1 
ATOM   57   C CG  . LYS A 1 9   ? -12.04545 -0.39236  -3.91729  1.000 15.93727 ? 7   LYS A CG  1 
ATOM   58   C CD  . LYS A 1 9   ? -13.22818 -0.35863  -4.88876  1.000 21.72538 ? 7   LYS A CD  1 
ATOM   59   C CE  . LYS A 1 9   ? -14.22233 0.71861   -4.47011  1.000 27.33704 ? 7   LYS A CE  1 
ATOM   60   N NZ  . LYS A 1 9   ? -14.58017 1.65413   -5.58290  1.000 33.53034 ? 7   LYS A NZ  1 
ATOM   61   N N   . ILE A 1 10  ? -9.73445  0.69523   -1.63855  1.000 9.88339  ? 8   ILE A N   1 
ATOM   62   C CA  . ILE A 1 10  ? -9.32831  2.06877   -1.35152  1.000 10.50742 ? 8   ILE A CA  1 
ATOM   63   C C   . ILE A 1 10  ? -9.60078  2.97817   -2.54277  1.000 11.10935 ? 8   ILE A C   1 
ATOM   64   O O   . ILE A 1 10  ? -10.18678 4.05343   -2.40373  1.000 12.35841 ? 8   ILE A O   1 
ATOM   65   C CB  . ILE A 1 10  ? -7.83484  2.10807   -0.95157  1.000 10.35893 ? 8   ILE A CB  1 
ATOM   66   C CG1 . ILE A 1 10  ? -7.53075  1.09136   0.15906   1.000 10.63374 ? 8   ILE A CG1 1 
ATOM   67   C CG2 . ILE A 1 10  ? -7.40227  3.52809   -0.59012  1.000 12.17792 ? 8   ILE A CG2 1 
ATOM   68   C CD1 . ILE A 1 10  ? -8.40714  1.22799   1.41512   1.000 11.21239 ? 8   ILE A CD1 1 
ATOM   69   N N   . LEU A 1 11  ? -9.15907  2.56681   -3.71964  1.000 11.52240 ? 9   LEU A N   1 
ATOM   70   C CA  . LEU A 1 11  ? -9.42572  3.21562   -4.99296  1.000 13.58805 ? 9   LEU A CA  1 
ATOM   71   C C   . LEU A 1 11  ? -9.70948  2.07869   -5.96179  1.000 13.57199 ? 9   LEU A C   1 
ATOM   72   O O   . LEU A 1 11  ? -9.41808  0.92039   -5.64317  1.000 12.33465 ? 9   LEU A O   1 
ATOM   73   C CB  . LEU A 1 11  ? -8.19879  4.00119   -5.45829  1.000 15.27607 ? 9   LEU A CB  1 
ATOM   74   C CG  . LEU A 1 11  ? -7.91336  5.30650   -4.71059  1.000 18.40381 ? 9   LEU A CG  1 
ATOM   75   C CD1 . LEU A 1 11  ? -6.56049  5.86951   -5.14044  1.000 22.88208 ? 9   LEU A CD1 1 
ATOM   76   C CD2 . LEU A 1 11  ? -9.03314  6.31558   -4.93588  1.000 20.57651 ? 9   LEU A CD2 1 
ATOM   77   N N   . PRO A 1 12  ? -10.26743 2.34527   -7.13860  1.000 13.46332 ? 10  PRO A N   1 
ATOM   78   C CA  . PRO A 1 12  ? -10.41568 1.27256   -8.12973  1.000 12.47988 ? 10  PRO A CA  1 
ATOM   79   C C   . PRO A 1 12  ? -9.09079  0.55729   -8.36862  1.000 12.26643 ? 10  PRO A C   1 
ATOM   80   O O   . PRO A 1 12  ? -8.05853  1.18588   -8.61783  1.000 12.90073 ? 10  PRO A O   1 
ATOM   81   C CB  . PRO A 1 12  ? -10.89752 2.01587   -9.37958  1.000 15.80802 ? 10  PRO A CB  1 
ATOM   82   C CG  . PRO A 1 12  ? -11.64157 3.20073   -8.82435  1.000 15.22339 ? 10  PRO A CG  1 
ATOM   83   C CD  . PRO A 1 12  ? -10.83958 3.62062   -7.61371  1.000 14.90723 ? 10  PRO A CD  1 
ATOM   84   N N   . GLY A 1 13  ? -9.12374  -0.76861  -8.23811  1.000 11.83397 ? 11  GLY A N   1 
ATOM   85   C CA  . GLY A 1 13  ? -7.94430  -1.58429  -8.44587  1.000 13.22450 ? 11  GLY A CA  1 
ATOM   86   C C   . GLY A 1 13  ? -6.92131  -1.53922  -7.33141  1.000 10.75571 ? 11  GLY A C   1 
ATOM   87   O O   . GLY A 1 13  ? -5.78760  -1.96444  -7.53819  1.000 11.35082 ? 11  GLY A O   1 
ATOM   88   N N   . LEU A 1 14  ? -7.27925  -1.03913  -6.14765  1.000 10.30960 ? 12  LEU A N   1 
ATOM   89   C CA  . LEU A 1 14  ? -6.31728  -0.93326  -5.05092  1.000 11.15365 ? 12  LEU A CA  1 
ATOM   90   C C   . LEU A 1 14  ? -6.99199  -1.28889  -3.73696  1.000 9.70145  ? 12  LEU A C   1 
ATOM   91   O O   . LEU A 1 14  ? -7.91124  -0.58879  -3.30036  1.000 10.79722 ? 12  LEU A O   1 
ATOM   92   C CB  . LEU A 1 14  ? -5.72147  0.46905   -4.98172  1.000 11.28298 ? 12  LEU A CB  1 
ATOM   93   C CG  . LEU A 1 14  ? -4.59114  0.64704   -3.96091  1.000 12.37075 ? 12  LEU A CG  1 
ATOM   94   C CD1 . LEU A 1 14  ? -3.50064  -0.40481  -4.12344  1.000 14.28688 ? 12  LEU A CD1 1 
ATOM   95   C CD2 . LEU A 1 14  ? -4.01566  2.03169   -4.08350  1.000 15.64208 ? 12  LEU A CD2 1 
ATOM   96   N N   . TYR A 1 15  ? -6.50607  -2.34514  -3.10021  1.000 9.41959  ? 13  TYR A N   1 
ATOM   97   C CA  . TYR A 1 15  ? -7.09267  -2.91229  -1.89505  1.000 9.52662  ? 13  TYR A CA  1 
ATOM   98   C C   . TYR A 1 15  ? -6.03865  -3.00574  -0.80253  1.000 10.76324 ? 13  TYR A C   1 
ATOM   99   O O   . TYR A 1 15  ? -4.84619  -3.14362  -1.08183  1.000 10.20547 ? 13  TYR A O   1 
ATOM   100  C CB  . TYR A 1 15  ? -7.63550  -4.32888  -2.17460  1.000 10.56927 ? 13  TYR A CB  1 
ATOM   101  C CG  . TYR A 1 15  ? -8.80045  -4.32630  -3.14234  1.000 11.49869 ? 13  TYR A CG  1 
ATOM   102  C CD1 . TYR A 1 15  ? -8.59458  -4.15745  -4.51388  1.000 12.83733 ? 13  TYR A CD1 1 
ATOM   103  C CD2 . TYR A 1 15  ? -10.11118 -4.44303  -2.68562  1.000 12.38626 ? 13  TYR A CD2 1 
ATOM   104  C CE1 . TYR A 1 15  ? -9.66450  -4.10709  -5.39770  1.000 14.99779 ? 13  TYR A CE1 1 
ATOM   105  C CE2 . TYR A 1 15  ? -11.18866 -4.39317  -3.56351  1.000 13.74399 ? 13  TYR A CE2 1 
ATOM   106  C CZ  . TYR A 1 15  ? -10.95413 -4.23462  -4.91176  1.000 15.83302 ? 13  TYR A CZ  1 
ATOM   107  O OH  . TYR A 1 15  ? -12.01595 -4.18234  -5.79462  1.000 19.82149 ? 13  TYR A OH  1 
ATOM   108  N N   . ILE A 1 16  ? -6.48336  -2.93199  0.45339   1.000 8.48774  ? 14  ILE A N   1 
ATOM   109  C CA  . ILE A 1 16  ? -5.62739  -3.20857  1.60536   1.000 10.12450 ? 14  ILE A CA  1 
ATOM   110  C C   . ILE A 1 16  ? -6.27847  -4.29161  2.44860   1.000 9.96538  ? 14  ILE A C   1 
ATOM   111  O O   . ILE A 1 16  ? -7.49563  -4.26994  2.66794   1.000 10.75273 ? 14  ILE A O   1 
ATOM   112  C CB  . ILE A 1 16  ? -5.37114  -1.95877  2.46695   1.000 9.58406  ? 14  ILE A CB  1 
ATOM   113  C CG1 . ILE A 1 16  ? -4.63642  -0.88745  1.67292   1.000 10.13166 ? 14  ILE A CG1 1 
ATOM   114  C CG2 . ILE A 1 16  ? -4.54893  -2.32517  3.73809   1.000 10.02930 ? 14  ILE A CG2 1 
ATOM   115  C CD1 . ILE A 1 16  ? -4.49402  0.41680   2.44038   1.000 11.28452 ? 14  ILE A CD1 1 
ATOM   116  N N   . GLY A 1 17  ? -5.46652  -5.23187  2.93106   1.000 9.33393  ? 15  GLY A N   1 
ATOM   117  C CA  . GLY A 1 17  ? -5.95598  -6.22777  3.86300   1.000 11.10503 ? 15  GLY A CA  1 
ATOM   118  C C   . GLY A 1 17  ? -4.88071  -6.71124  4.80882   1.000 8.81564  ? 15  GLY A C   1 
ATOM   119  O O   . GLY A 1 17  ? -3.76619  -6.19015  4.82749   1.000 10.10260 ? 15  GLY A O   1 
ATOM   120  N N   . ASN A 1 18  ? -5.22438  -7.71752  5.60922   1.000 10.85713 ? 16  ASN A N   1 
ATOM   121  C CA  . ASN A 1 18  ? -4.27144  -8.38636  6.48414   1.000 10.20099 ? 16  ASN A CA  1 
ATOM   122  C C   . ASN A 1 18  ? -3.69727  -9.62531  5.78044   1.000 10.83707 ? 16  ASN A C   1 
ATOM   123  O O   . ASN A 1 18  ? -4.06413  -9.95046  4.64425   1.000 11.50004 ? 16  ASN A O   1 
ATOM   124  C CB  . ASN A 1 18  ? -4.89987  -8.67248  7.85882   1.000 10.61379 ? 16  ASN A CB  1 
ATOM   125  C CG  . ASN A 1 18  ? -6.02436  -9.70469  7.80736   1.000 11.09876 ? 16  ASN A CG  1 
ATOM   126  O OD1 . ASN A 1 18  ? -5.93655  -10.69844 7.08441   1.000 11.10204 ? 16  ASN A OD1 1 
ATOM   127  N ND2 . ASN A 1 18  ? -7.07577  -9.48807  8.59428   1.000 12.85547 ? 16  ASN A ND2 1 
ATOM   128  N N   . PHE A 1 19  ? -2.77402  -10.32744 6.45445   1.000 11.15855 ? 17  PHE A N   1 
ATOM   129  C CA  . PHE A 1 19  ? -2.08490  -11.44623 5.80305   1.000 11.31775 ? 17  PHE A CA  1 
ATOM   130  C C   . PHE A 1 19  ? -3.03639  -12.58865 5.48798   1.000 12.22753 ? 17  PHE A C   1 
ATOM   131  O O   . PHE A 1 19  ? -2.80128  -13.33966 4.53142   1.000 12.69071 ? 17  PHE A O   1 
ATOM   132  C CB  . PHE A 1 19  ? -0.93688  -11.96070 6.68026   1.000 12.62811 ? 17  PHE A CB  1 
ATOM   133  C CG  . PHE A 1 19  ? -1.39706  -12.82556 7.81765   1.000 12.32156 ? 17  PHE A CG  1 
ATOM   134  C CD1 . PHE A 1 19  ? -1.49287  -14.20517 7.67828   1.000 16.50609 ? 17  PHE A CD1 1 
ATOM   135  C CD2 . PHE A 1 19  ? -1.75866  -12.25739 9.02656   1.000 11.99722 ? 17  PHE A CD2 1 
ATOM   136  C CE1 . PHE A 1 19  ? -1.94113  -14.98737 8.72329   1.000 15.42916 ? 17  PHE A CE1 1 
ATOM   137  C CE2 . PHE A 1 19  ? -2.20315  -13.02875 10.07298  1.000 13.99237 ? 17  PHE A CE2 1 
ATOM   138  C CZ  . PHE A 1 19  ? -2.28838  -14.39602 9.92884   1.000 15.90854 ? 17  PHE A CZ  1 
ATOM   139  N N   . LYS A 1 20  ? -4.08745  -12.76013 6.28997   1.000 11.40306 ? 18  LYS A N   1 
ATOM   140  C CA  . LYS A 1 20  ? -5.06376  -13.81170 6.04927   1.000 11.38889 ? 18  LYS A CA  1 
ATOM   141  C C   . LYS A 1 20  ? -5.90866  -13.49937 4.82710   1.000 14.07616 ? 18  LYS A C   1 
ATOM   142  O O   . LYS A 1 20  ? -6.15268  -14.38149 3.99687   1.000 13.22177 ? 18  LYS A O   1 
ATOM   143  C CB  . LYS A 1 20  ? -5.95064  -13.98663 7.28500   1.000 14.12829 ? 18  LYS A CB  1 
ATOM   144  C CG  . LYS A 1 20  ? -7.02787  -15.04877 7.09360   1.000 17.41419 ? 18  LYS A CG  1 
ATOM   145  C CD  . LYS A 1 20  ? -8.33559  -14.71614 7.77158   1.000 26.89751 ? 18  LYS A CD  1 
ATOM   146  C CE  . LYS A 1 20  ? -9.45329  -15.60506 7.24967   1.000 24.60671 ? 18  LYS A CE  1 
ATOM   147  N NZ  . LYS A 1 20  ? -10.48351 -15.84974 8.29573   1.000 28.60289 ? 18  LYS A NZ  1 
ATOM   148  N N   . ASP A 1 21  ? -6.38249  -12.25330 4.71485   1.000 12.29527 ? 19  ASP A N   1 
ATOM   149  C CA  . ASP A 1 21  ? -7.10803  -11.82879 3.52426   1.000 13.10013 ? 19  ASP A CA  1 
ATOM   150  C C   . ASP A 1 21  ? -6.30189  -12.12451 2.26284   1.000 13.74603 ? 19  ASP A C   1 
ATOM   151  O O   . ASP A 1 21  ? -6.86302  -12.52351 1.23690   1.000 15.04160 ? 19  ASP A O   1 
ATOM   152  C CB  . ASP A 1 21  ? -7.42418  -10.32314 3.59901   1.000 12.90863 ? 19  ASP A CB  1 
ATOM   153  C CG  . ASP A 1 21  ? -8.16264  -9.91691  4.86198   1.000 14.33551 ? 19  ASP A CG  1 
ATOM   154  O OD1 . ASP A 1 21  ? -9.03253  -10.67486 5.34497   1.000 14.80252 ? 19  ASP A OD1 1 
ATOM   155  O OD2 . ASP A 1 21  ? -7.87937  -8.80381  5.35309   1.000 13.54528 ? 19  ASP A OD2 1 
ATOM   156  N N   . ALA A 1 22  ? -4.98044  -11.94446 2.32928   1.000 11.85688 ? 20  ALA A N   1 
ATOM   157  C CA  . ALA A 1 22  ? -4.11294  -12.11359 1.16886   1.000 13.34897 ? 20  ALA A CA  1 
ATOM   158  C C   . ALA A 1 22  ? -3.98519  -13.55902 0.71561   1.000 16.72818 ? 20  ALA A C   1 
ATOM   159  O O   . ALA A 1 22  ? -3.47460  -13.79401 -0.38657  1.000 16.52749 ? 20  ALA A O   1 
ATOM   160  C CB  . ALA A 1 22  ? -2.72326  -11.54784 1.46254   1.000 14.87073 ? 20  ALA A CB  1 
ATOM   161  N N   . ARG A 1 23  ? -4.42445  -14.51904 1.52935   1.000 15.02941 ? 21  ARG A N   1 
ATOM   162  C CA  . ARG A 1 23  ? -4.48600  -15.92549 1.15310   1.000 17.58504 ? 21  ARG A CA  1 
ATOM   163  C C   . ARG A 1 23  ? -5.91365  -16.39981 0.91882   1.000 21.47679 ? 21  ARG A C   1 
ATOM   164  O O   . ARG A 1 23  ? -6.11736  -17.58378 0.62633   1.000 25.28386 ? 21  ARG A O   1 
ATOM   165  C CB  . ARG A 1 23  ? -3.86946  -16.79411 2.26100   1.000 22.93881 ? 21  ARG A CB  1 
ATOM   166  C CG  . ARG A 1 23  ? -2.56607  -16.30013 2.86623   1.000 26.33452 ? 21  ARG A CG  1 
ATOM   167  C CD  . ARG A 1 23  ? -2.37630  -16.93187 4.24817   1.000 33.68997 ? 21  ARG A CD  1 
ATOM   168  N NE  . ARG A 1 23  ? -0.98903  -16.91920 4.70601   1.000 34.11085 ? 21  ARG A NE  1 
ATOM   169  C CZ  . ARG A 1 23  ? -0.54744  -17.58398 5.77216   1.000 33.74147 ? 21  ARG A CZ  1 
ATOM   170  N NH1 . ARG A 1 23  ? -1.38533  -18.31591 6.49865   1.000 36.82583 ? 21  ARG A NH1 1 
ATOM   171  N NH2 . ARG A 1 23  ? 0.73416   -17.51571 6.11355   1.000 36.04397 ? 21  ARG A NH2 1 
ATOM   172  N N   . ASP A 1 24  ? -6.90735  -15.52559 1.07169   1.000 20.00662 ? 22  ASP A N   1 
ATOM   173  C CA  . ASP A 1 24  ? -8.31648  -15.91122 1.00611   1.000 19.12440 ? 22  ASP A CA  1 
ATOM   174  C C   . ASP A 1 24  ? -8.73964  -15.95931 -0.45806  1.000 25.39566 ? 22  ASP A C   1 
ATOM   175  O O   . ASP A 1 24  ? -8.87974  -14.91645 -1.10646  1.000 23.22667 ? 22  ASP A O   1 
ATOM   176  C CB  . ASP A 1 24  ? -9.15448  -14.89948 1.78405   1.000 23.91772 ? 22  ASP A CB  1 
ATOM   177  C CG  . ASP A 1 24  ? -10.59309 -15.35413 2.00421   1.000 24.04037 ? 22  ASP A CG  1 
ATOM   178  O OD1 . ASP A 1 24  ? -11.13139 -16.10453 1.16629   1.000 27.80017 ? 22  ASP A OD1 1 
ATOM   179  O OD2 . ASP A 1 24  ? -11.19414 -14.94161 3.02326   1.000 28.18952 ? 22  ASP A OD2 1 
ATOM   180  N N   . ALA A 1 25  ? -8.95516  -17.17181 -0.98106  1.000 24.29026 ? 23  ALA A N   1 
ATOM   181  C CA  . ALA A 1 25  ? -9.28421  -17.31591 -2.39777  1.000 26.83952 ? 23  ALA A CA  1 
ATOM   182  C C   . ALA A 1 25  ? -10.61968 -16.66963 -2.73945  1.000 24.19622 ? 23  ALA A C   1 
ATOM   183  O O   . ALA A 1 25  ? -10.79206 -16.15131 -3.84850  1.000 24.23428 ? 23  ALA A O   1 
ATOM   184  C CB  . ALA A 1 25  ? -9.28110  -18.79281 -2.79703  1.000 29.45586 ? 23  ALA A CB  1 
ATOM   185  N N   . GLU A 1 26  ? -11.57102 -16.67672 -1.80273  1.000 23.49669 ? 24  GLU A N   1 
ATOM   186  C CA  . GLU A 1 26  ? -12.86815 -16.06678 -2.07462  1.000 27.06759 ? 24  GLU A CA  1 
ATOM   187  C C   . GLU A 1 26  ? -12.75404 -14.55062 -2.18733  1.000 25.13158 ? 24  GLU A C   1 
ATOM   188  O O   . GLU A 1 26  ? -13.39968 -13.93195 -3.04290  1.000 22.23716 ? 24  GLU A O   1 
ATOM   189  C CB  . GLU A 1 26  ? -13.85966 -16.44441 -0.97749  1.000 27.93558 ? 24  GLU A CB  1 
ATOM   190  C CG  . GLU A 1 26  ? -14.48894 -17.81050 -1.14842  1.000 30.55098 ? 24  GLU A CG  1 
ATOM   191  C CD  . GLU A 1 26  ? -15.52541 -18.08840 -0.07970  1.000 30.61457 ? 24  GLU A CD  1 
ATOM   192  O OE1 . GLU A 1 26  ? -15.12921 -18.43282 1.05160   1.000 37.86411 ? 24  GLU A OE1 1 
ATOM   193  O OE2 . GLU A 1 26  ? -16.73459 -17.93767 -0.36393  1.000 35.18032 ? 24  GLU A OE2 1 
ATOM   194  N N   . GLN A 1 27  ? -11.94328 -13.93220 -1.32893  1.000 21.58514 ? 25  GLN A N   1 
ATOM   195  C CA  . GLN A 1 27  ? -11.75723 -12.49221 -1.42622  1.000 20.60919 ? 25  GLN A CA  1 
ATOM   196  C C   . GLN A 1 27  ? -10.96238 -12.12853 -2.67317  1.000 18.26366 ? 25  GLN A C   1 
ATOM   197  O O   . GLN A 1 27  ? -11.31322 -11.17836 -3.37718  1.000 19.48602 ? 25  GLN A O   1 
ATOM   198  C CB  . GLN A 1 27  ? -11.06955 -11.96302 -0.16944  1.000 21.07611 ? 25  GLN A CB  1 
ATOM   199  C CG  . GLN A 1 27  ? -11.88540 -12.08517 1.10556   1.000 21.65325 ? 25  GLN A CG  1 
ATOM   200  C CD  . GLN A 1 27  ? -11.23364 -11.34762 2.25853   1.000 20.50369 ? 25  GLN A CD  1 
ATOM   201  O OE1 . GLN A 1 27  ? -11.00574 -10.14197 2.17655   1.000 19.95139 ? 25  GLN A OE1 1 
ATOM   202  N NE2 . GLN A 1 27  ? -10.92035 -12.06625 3.33158   1.000 20.98616 ? 25  GLN A NE2 1 
ATOM   203  N N   . LEU A 1 28  ? -9.89429  -12.87624 -2.96738  1.000 18.52501 ? 26  LEU A N   1 
ATOM   204  C CA  . LEU A 1 28  ? -9.05502  -12.51858 -4.10824  1.000 17.50838 ? 26  LEU A CA  1 
ATOM   205  C C   . LEU A 1 28  ? -9.83142  -12.61776 -5.41046  1.000 18.94164 ? 26  LEU A C   1 
ATOM   206  O O   . LEU A 1 28  ? -9.69963  -11.75862 -6.28823  1.000 18.94279 ? 26  LEU A O   1 
ATOM   207  C CB  . LEU A 1 28  ? -7.81386  -13.40538 -4.16234  1.000 19.99026 ? 26  LEU A CB  1 
ATOM   208  C CG  . LEU A 1 28  ? -6.82301  -13.23840 -3.01426  1.000 19.73558 ? 26  LEU A CG  1 
ATOM   209  C CD1 . LEU A 1 28  ? -5.83167  -14.36964 -3.03346  1.000 21.96597 ? 26  LEU A CD1 1 
ATOM   210  C CD2 . LEU A 1 28  ? -6.10656  -11.91917 -3.11284  1.000 17.48810 ? 26  LEU A CD2 1 
ATOM   211  N N   . SER A 1 29  ? -10.65819 -13.65732 -5.54410  1.000 20.57644 ? 27  SER A N   1 
ATOM   212  C CA  . SER A 1 29  ? -11.43703 -13.83598 -6.76457  1.000 24.53842 ? 27  SER A CA  1 
ATOM   213  C C   . SER A 1 29  ? -12.52074 -12.77358 -6.89417  1.000 22.00198 ? 27  SER A C   1 
ATOM   214  O O   . SER A 1 29  ? -12.72811 -12.22285 -7.97959  1.000 25.97842 ? 27  SER A O   1 
ATOM   215  C CB  . SER A 1 29  ? -12.04979 -15.23616 -6.78816  1.000 29.99102 ? 27  SER A CB  1 
ATOM   216  O OG  . SER A 1 29  ? -13.08654 -15.30228 -7.74896  1.000 32.86128 ? 27  SER A OG  1 
ATOM   217  N N   . LYS A 1 30  ? -13.21773 -12.46586 -5.79837  1.000 22.79282 ? 28  LYS A N   1 
ATOM   218  C CA  . LYS A 1 30  ? -14.30527 -11.49204 -5.85826  1.000 24.85143 ? 28  LYS A CA  1 
ATOM   219  C C   . LYS A 1 30  ? -13.79372 -10.09181 -6.17689  1.000 23.15239 ? 28  LYS A C   1 
ATOM   220  O O   . LYS A 1 30  ? -14.48273 -9.31146  -6.84560  1.000 24.21997 ? 28  LYS A O   1 
ATOM   221  C CB  . LYS A 1 30  ? -15.07455 -11.47734 -4.54188  1.000 28.33166 ? 28  LYS A CB  1 
ATOM   222  C CG  . LYS A 1 30  ? -16.43764 -10.81754 -4.61484  1.000 35.64152 ? 28  LYS A CG  1 
ATOM   223  C CD  . LYS A 1 30  ? -16.55854 -9.80356  -3.48174  1.000 36.58731 ? 28  LYS A CD  1 
ATOM   224  C CE  . LYS A 1 30  ? -16.27519 -10.46414 -2.13855  1.000 36.34222 ? 28  LYS A CE  1 
ATOM   225  N NZ  . LYS A 1 30  ? -15.67874 -9.52097  -1.15173  1.000 42.03798 ? 28  LYS A NZ  1 
ATOM   226  N N   . ASN A 1 31  ? -12.60535 -9.74160  -5.68503  1.000 19.71567 ? 29  ASN A N   1 
ATOM   227  C CA  . ASN A 1 31  ? -12.00773 -8.44072  -5.94575  1.000 18.98167 ? 29  ASN A CA  1 
ATOM   228  C C   . ASN A 1 31  ? -11.06834 -8.45514  -7.13830  1.000 16.60632 ? 29  ASN A C   1 
ATOM   229  O O   . ASN A 1 31  ? -10.42435 -7.43848  -7.41348  1.000 17.12377 ? 29  ASN A O   1 
ATOM   230  C CB  . ASN A 1 31  ? -11.30585 -7.92076  -4.68690  1.000 17.27191 ? 29  ASN A CB  1 
ATOM   231  C CG  . ASN A 1 31  ? -12.28461 -7.62868  -3.56957  1.000 17.97215 ? 29  ASN A CG  1 
ATOM   232  O OD1 . ASN A 1 31  ? -13.35937 -7.08019  -3.80431  1.000 20.43483 ? 29  ASN A OD1 1 
ATOM   233  N ND2 . ASN A 1 31  ? -11.93494 -8.02172  -2.36003  1.000 20.12608 ? 29  ASN A ND2 1 
ATOM   234  N N   . LYS A 1 32  ? -10.98778 -9.58275  -7.84769  1.000 16.81354 ? 30  LYS A N   1 
ATOM   235  C CA  . LYS A 1 32  ? -10.20209 -9.70505  -9.08033  1.000 17.05445 ? 30  LYS A CA  1 
ATOM   236  C C   . LYS A 1 32  ? -8.73426  -9.33481  -8.86444  1.000 15.93291 ? 30  LYS A C   1 
ATOM   237  O O   . LYS A 1 32  ? -8.09866  -8.71269  -9.71142  1.000 16.15033 ? 30  LYS A O   1 
ATOM   238  C CB  . LYS A 1 32  ? -10.82490 -8.89856  -10.22112 1.000 21.82906 ? 30  LYS A CB  1 
ATOM   239  C CG  . LYS A 1 32  ? -12.28194 -9.24727  -10.49017 1.000 26.68687 ? 30  LYS A CG  1 
ATOM   240  C CD  . LYS A 1 32  ? -12.76630 -8.64632  -11.80138 1.000 36.49727 ? 30  LYS A CD  1 
ATOM   241  C CE  . LYS A 1 32  ? -13.85928 -9.50159  -12.42972 1.000 39.35982 ? 30  LYS A CE  1 
ATOM   242  N NZ  . LYS A 1 32  ? -15.11660 -8.73443  -12.65958 1.000 43.52205 ? 30  LYS A NZ  1 
ATOM   243  N N   . VAL A 1 33  ? -8.19318  -9.71887  -7.71384  1.000 14.04000 ? 31  VAL A N   1 
ATOM   244  C CA  . VAL A 1 33  ? -6.81801  -9.37655  -7.35761  1.000 13.71927 ? 31  VAL A CA  1 
ATOM   245  C C   . VAL A 1 33  ? -5.85493  -10.27185 -8.12639  1.000 13.81791 ? 31  VAL A C   1 
ATOM   246  O O   . VAL A 1 33  ? -5.89848  -11.49950 -7.99927  1.000 16.76455 ? 31  VAL A O   1 
ATOM   247  C CB  . VAL A 1 33  ? -6.59883  -9.51643  -5.84619  1.000 14.49693 ? 31  VAL A CB  1 
ATOM   248  C CG1 . VAL A 1 33  ? -5.12240  -9.35604  -5.50215  1.000 15.70522 ? 31  VAL A CG1 1 
ATOM   249  C CG2 . VAL A 1 33  ? -7.43954  -8.50140  -5.08640  1.000 17.57835 ? 31  VAL A CG2 1 
ATOM   250  N N   . THR A 1 34  ? -4.95209  -9.65486  -8.88327  1.000 13.06873 ? 32  THR A N   1 
ATOM   251  C CA  . THR A 1 34  ? -3.91936  -10.38520 -9.61302  1.000 13.10164 ? 32  THR A CA  1 
ATOM   252  C C   . THR A 1 34  ? -2.50878  -9.95673  -9.23857  1.000 13.00139 ? 32  THR A C   1 
ATOM   253  O O   . THR A 1 34  ? -1.54252  -10.55439 -9.73203  1.000 12.58195 ? 32  THR A O   1 
ATOM   254  C CB  . THR A 1 34  ? -4.09143  -10.21157 -11.12538 1.000 17.21404 ? 32  THR A CB  1 
ATOM   255  O OG1 . THR A 1 34  ? -4.01395  -8.81954  -11.44352 1.000 18.24743 ? 32  THR A OG1 1 
ATOM   256  C CG2 . THR A 1 34  ? -5.43073  -10.78543 -11.59733 1.000 18.18408 ? 32  THR A CG2 1 
ATOM   257  N N   . HIS A 1 35  ? -2.36026  -8.94019  -8.39157  1.000 11.88598 ? 33  HIS A N   1 
ATOM   258  C CA  . HIS A 1 35  ? -1.06938  -8.43187  -7.95738  1.000 10.20232 ? 33  HIS A CA  1 
ATOM   259  C C   . HIS A 1 35  ? -1.14510  -8.28341  -6.44997  1.000 9.60877  ? 33  HIS A C   1 
ATOM   260  O O   . HIS A 1 35  ? -2.13831  -7.75857  -5.92855  1.000 10.75390 ? 33  HIS A O   1 
ATOM   261  C CB  . HIS A 1 35  ? -0.79373  -7.03831  -8.54804  1.000 11.99866 ? 33  HIS A CB  1 
ATOM   262  C CG  . HIS A 1 35  ? -0.53266  -7.03366  -10.02443 1.000 12.44879 ? 33  HIS A CG  1 
ATOM   263  N ND1 . HIS A 1 35  ? -1.46361  -7.45369  -10.94890 1.000 13.48377 ? 33  HIS A ND1 1 
ATOM   264  C CD2 . HIS A 1 35  ? 0.53902   -6.60776  -10.73234 1.000 14.64910 ? 33  HIS A CD2 1 
ATOM   265  C CE1 . HIS A 1 35  ? -0.96049  -7.32180  -12.16558 1.000 15.94599 ? 33  HIS A CE1 1 
ATOM   266  N NE2 . HIS A 1 35  ? 0.25356   -6.81260  -12.06157 1.000 15.91283 ? 33  HIS A NE2 1 
ATOM   267  N N   . ILE A 1 36  ? -0.10759  -8.72695  -5.74721  1.000 10.05550 ? 34  ILE A N   1 
ATOM   268  C CA  . ILE A 1 36  ? -0.03867  -8.58610  -4.30002  1.000 9.78539  ? 34  ILE A CA  1 
ATOM   269  C C   . ILE A 1 36  ? 1.29381   -7.96275  -3.93422  1.000 10.60244 ? 34  ILE A C   1 
ATOM   270  O O   . ILE A 1 36  ? 2.35653   -8.47756  -4.30453  1.000 11.35087 ? 34  ILE A O   1 
ATOM   271  C CB  . ILE A 1 36  ? -0.24165  -9.92381  -3.56932  1.000 10.44422 ? 34  ILE A CB  1 
ATOM   272  C CG1 . ILE A 1 36  ? -1.66768  -10.42231 -3.78423  1.000 11.56988 ? 34  ILE A CG1 1 
ATOM   273  C CG2 . ILE A 1 36  ? 0.07196   -9.75366  -2.06979  1.000 12.53231 ? 34  ILE A CG2 1 
ATOM   274  C CD1 . ILE A 1 36  ? -1.96449  -11.76513 -3.12961  1.000 13.73888 ? 34  ILE A CD1 1 
ATOM   275  N N   . LEU A 1 37  ? 1.23681   -6.86606  -3.19525  1.000 10.80848 ? 35  LEU A N   1 
ATOM   276  C CA  . LEU A 1 37  ? 2.41313   -6.25864  -2.58933  1.000 10.77960 ? 35  LEU A CA  1 
ATOM   277  C C   . LEU A 1 37  ? 2.37215   -6.65729  -1.12005  1.000 10.44966 ? 35  LEU A C   1 
ATOM   278  O O   . LEU A 1 37  ? 1.52794   -6.16204  -0.36165  1.000 10.68476 ? 35  LEU A O   1 
ATOM   279  C CB  . LEU A 1 37  ? 2.37583   -4.73573  -2.73443  1.000 11.73666 ? 35  LEU A CB  1 
ATOM   280  C CG  . LEU A 1 37  ? 3.68575   -3.97135  -2.47328  1.000 13.09284 ? 35  LEU A CG  1 
ATOM   281  C CD1 . LEU A 1 37  ? 3.49937   -2.50869  -2.82334  1.000 14.86155 ? 35  LEU A CD1 1 
ATOM   282  C CD2 . LEU A 1 37  ? 4.20959   -4.12007  -1.04192  1.000 15.68233 ? 35  LEU A CD2 1 
ATOM   283  N N   . SER A 1 38  ? 3.28546   -7.53822  -0.71822  1.000 11.68979 ? 36  SER A N   1 
ATOM   284  C CA  . SER A 1 38  ? 3.36461   -8.04032  0.65041   1.000 11.65871 ? 36  SER A CA  1 
ATOM   285  C C   . SER A 1 38  ? 4.48735   -7.31356  1.37473   1.000 12.84234 ? 36  SER A C   1 
ATOM   286  O O   . SER A 1 38  ? 5.65157   -7.41071  0.97350   1.000 14.64977 ? 36  SER A O   1 
ATOM   287  C CB  . SER A 1 38  ? 3.68557   -9.53639  0.64008   1.000 17.43485 ? 36  SER A CB  1 
ATOM   288  O OG  . SER A 1 38  ? 2.70261   -10.28823 -0.03987  1.000 20.99244 ? 36  SER A OG  1 
ATOM   289  N N   . VAL A 1 39  ? 4.15224   -6.60671  2.45577   1.000 13.00161 ? 37  VAL A N   1 
ATOM   290  C CA  . VAL A 1 39  ? 5.16046   -5.82915  3.17040   1.000 15.03533 ? 37  VAL A CA  1 
ATOM   291  C C   . VAL A 1 39  ? 5.16471   -6.22716  4.64092   1.000 16.76098 ? 37  VAL A C   1 
ATOM   292  O O   . VAL A 1 39  ? 4.51265   -5.59854  5.48503   1.000 18.66032 ? 37  VAL A O   1 
ATOM   293  C CB  . VAL A 1 39  ? 5.02806   -4.30295  2.92271   1.000 16.19674 ? 37  VAL A CB  1 
ATOM   294  C CG1 . VAL A 1 39  ? 3.60652   -3.78642  3.12672   1.000 15.45518 ? 37  VAL A CG1 1 
ATOM   295  C CG2 . VAL A 1 39  ? 6.02741   -3.52461  3.76722   1.000 16.99023 ? 37  VAL A CG2 1 
ATOM   296  N N   . HIS A 1 40  ? 5.89190   -7.29059  4.95436   1.000 17.62540 ? 38  HIS A N   1 
ATOM   297  C CA  . HIS A 1 40  ? 5.98636   -7.77207  6.32538   1.000 21.67014 ? 38  HIS A CA  1 
ATOM   298  C C   . HIS A 1 40  ? 7.20750   -8.67771  6.42172   1.000 24.47639 ? 38  HIS A C   1 
ATOM   299  O O   . HIS A 1 40  ? 7.90622   -8.92086  5.43218   1.000 24.80044 ? 38  HIS A O   1 
ATOM   300  C CB  . HIS A 1 40  ? 4.70992   -8.51440  6.73125   1.000 21.94092 ? 38  HIS A CB  1 
ATOM   301  C CG  . HIS A 1 40  ? 4.42786   -9.70907  5.88014   1.000 22.74283 ? 38  HIS A CG  1 
ATOM   302  N ND1 . HIS A 1 40  ? 5.16169   -10.87317 5.96867   1.000 27.04773 ? 38  HIS A ND1 1 
ATOM   303  C CD2 . HIS A 1 40  ? 3.51442   -9.91418  4.90171   1.000 23.74782 ? 38  HIS A CD2 1 
ATOM   304  C CE1 . HIS A 1 40  ? 4.70565   -11.74761 5.09015   1.000 27.38294 ? 38  HIS A CE1 1 
ATOM   305  N NE2 . HIS A 1 40  ? 3.71252   -11.18853 4.42342   1.000 21.75849 ? 38  HIS A NE2 1 
ATOM   306  N N   . ASP A 1 41  ? 7.44755   -9.19207  7.62731   1.000 27.72974 ? 39  ASP A N   1 
ATOM   307  C CA  . ASP A 1 41  ? 8.58615   -10.07240 7.85430   1.000 30.45154 ? 39  ASP A CA  1 
ATOM   308  C C   . ASP A 1 41  ? 8.45317   -11.34236 7.01976   1.000 28.49412 ? 39  ASP A C   1 
ATOM   309  O O   . ASP A 1 41  ? 7.40490   -11.99614 7.01962   1.000 29.53517 ? 39  ASP A O   1 
ATOM   310  C CB  . ASP A 1 41  ? 8.67826   -10.43454 9.33998   1.000 32.08518 ? 39  ASP A CB  1 
ATOM   311  C CG  . ASP A 1 41  ? 8.71375   -9.20992  10.24483  1.000 35.19887 ? 39  ASP A CG  1 
ATOM   312  O OD1 . ASP A 1 41  ? 7.69329   -8.48986  10.31482  1.000 35.10378 ? 39  ASP A OD1 1 
ATOM   313  O OD2 . ASP A 1 41  ? 9.75717   -8.97125  10.89393  1.000 42.34023 ? 39  ASP A OD2 1 
ATOM   314  N N   . SER A 1 42  ? 9.52083   -11.67715 6.29281   1.000 31.09502 ? 40  SER A N   1 
ATOM   315  C CA  . SER A 1 42  ? 9.62338   -12.94830 5.56816   1.000 32.65927 ? 40  SER A CA  1 
ATOM   316  C C   . SER A 1 42  ? 8.56156   -13.09443 4.47623   1.000 33.60268 ? 40  SER A C   1 
ATOM   317  O O   . SER A 1 42  ? 8.09194   -14.19817 4.18876   1.000 29.91926 ? 40  SER A O   1 
ATOM   318  C CB  . SER A 1 42  ? 9.62796   -14.14985 6.51893   1.000 38.10485 ? 40  SER A CB  1 
ATOM   319  O OG  . SER A 1 42  ? 10.65008  -14.01984 7.49401   1.000 41.23513 ? 40  SER A OG  1 
ATOM   320  N N   . ALA A 1 43  ? 8.19251   -11.97692 3.85161   1.000 28.74224 ? 41  ALA A N   1 
ATOM   321  C CA  . ALA A 1 43  ? 7.23302   -12.01447 2.75491   1.000 27.46082 ? 41  ALA A CA  1 
ATOM   322  C C   . ALA A 1 43  ? 7.82231   -12.75126 1.55663   1.000 26.17108 ? 41  ALA A C   1 
ATOM   323  O O   . ALA A 1 43  ? 8.97447   -12.52922 1.17346   1.000 26.54872 ? 41  ALA A O   1 
ATOM   324  C CB  . ALA A 1 43  ? 6.84112   -10.59121 2.35097   1.000 20.49910 ? 41  ALA A CB  1 
ATOM   325  N N   . ARG A 1 44  ? 7.02206   -13.62940 0.96224   1.000 26.77131 ? 42  ARG A N   1 
ATOM   326  C CA  . ARG A 1 44  ? 7.44040   -14.42285 -0.18333  1.000 26.64574 ? 42  ARG A CA  1 
ATOM   327  C C   . ARG A 1 44  ? 6.21367   -14.70027 -1.04074  1.000 25.89499 ? 42  ARG A C   1 
ATOM   328  O O   . ARG A 1 44  ? 5.08528   -14.66226 -0.53756  1.000 23.81906 ? 42  ARG A O   1 
ATOM   329  C CB  . ARG A 1 44  ? 8.07238   -15.74990 0.26214   1.000 27.87749 ? 42  ARG A CB  1 
ATOM   330  C CG  . ARG A 1 44  ? 7.17427   -16.58812 1.16562   1.000 35.19184 ? 42  ARG A CG  1 
ATOM   331  C CD  . ARG A 1 44  ? 7.96854   -17.60730 1.97181   1.000 40.34131 ? 42  ARG A CD  1 
ATOM   332  N NE  . ARG A 1 44  ? 7.48991   -17.69618 3.34981   1.000 48.15784 ? 42  ARG A NE  1 
ATOM   333  C CZ  . ARG A 1 44  ? 6.66887   -18.64014 3.80107   1.000 49.13984 ? 42  ARG A CZ  1 
ATOM   334  N NH1 . ARG A 1 44  ? 6.28914   -18.63666 5.07237   1.000 47.47127 ? 42  ARG A NH1 1 
ATOM   335  N NH2 . ARG A 1 44  ? 6.22486   -19.58552 2.98262   1.000 46.00436 ? 42  ARG A NH2 1 
ATOM   336  N N   . PRO A 1 45  ? 6.39945   -14.97333 -2.33556  1.000 24.66418 ? 43  PRO A N   1 
ATOM   337  C CA  . PRO A 1 45  ? 5.25607   -15.36137 -3.17533  1.000 22.99702 ? 43  PRO A CA  1 
ATOM   338  C C   . PRO A 1 45  ? 4.63637   -16.65701 -2.67320  1.000 26.27666 ? 43  PRO A C   1 
ATOM   339  O O   . PRO A 1 45  ? 5.33547   -17.59827 -2.29124  1.000 27.99253 ? 43  PRO A O   1 
ATOM   340  C CB  . PRO A 1 45  ? 5.88002   -15.53230 -4.57243  1.000 16.95317 ? 43  PRO A CB  1 
ATOM   341  C CG  . PRO A 1 45  ? 7.08845   -14.68365 -4.54322  1.000 23.09561 ? 43  PRO A CG  1 
ATOM   342  C CD  . PRO A 1 45  ? 7.62386   -14.79704 -3.13450  1.000 24.09176 ? 43  PRO A CD  1 
ATOM   343  N N   . MET A 1 46  ? 3.30578   -16.69475 -2.65872  1.000 24.87554 ? 44  MET A N   1 
ATOM   344  C CA  . MET A 1 46  ? 2.57903   -17.85446 -2.15558  1.000 27.20181 ? 44  MET A CA  1 
ATOM   345  C C   . MET A 1 46  ? 1.70944   -18.49467 -3.22740  1.000 23.03688 ? 44  MET A C   1 
ATOM   346  O O   . MET A 1 46  ? 1.91600   -19.66386 -3.57355  1.000 29.48252 ? 44  MET A O   1 
ATOM   347  C CB  . MET A 1 46  ? 1.74373   -17.46417 -0.92793  1.000 27.79311 ? 44  MET A CB  1 
ATOM   348  C CG  . MET A 1 46  ? 2.43515   -16.47905 0.00611   1.000 31.21006 ? 44  MET A CG  1 
ATOM   349  S SD  . MET A 1 46  ? 3.32902   -17.30002 1.34438   1.000 45.20321 ? 44  MET A SD  1 
ATOM   350  C CE  . MET A 1 46  ? 2.03666   -18.31416 2.05325   1.000 35.38736 ? 44  MET A CE  1 
ATOM   351  N N   . LEU A 1 47  ? 0.76320   -17.75771 -3.78480  1.000 16.08262 ? 45  LEU A N   1 
ATOM   352  C CA  . LEU A 1 47  ? -0.32252  -18.32805 -4.56041  1.000 15.20511 ? 45  LEU A CA  1 
ATOM   353  C C   . LEU A 1 47  ? -0.01445  -18.29912 -6.04725  1.000 15.54442 ? 45  LEU A C   1 
ATOM   354  O O   . LEU A 1 47  ? 0.77664   -17.48544 -6.52998  1.000 15.20809 ? 45  LEU A O   1 
ATOM   355  C CB  . LEU A 1 47  ? -1.60543  -17.53759 -4.30970  1.000 16.39445 ? 45  LEU A CB  1 
ATOM   356  C CG  . LEU A 1 47  ? -2.03891  -17.52080 -2.85014  1.000 19.50951 ? 45  LEU A CG  1 
ATOM   357  C CD1 . LEU A 1 47  ? -3.23551  -16.61733 -2.71330  1.000 20.49056 ? 45  LEU A CD1 1 
ATOM   358  C CD2 . LEU A 1 47  ? -2.35434  -18.92280 -2.35827  1.000 21.38885 ? 45  LEU A CD2 1 
ATOM   359  N N   . GLU A 1 48  ? -0.67440  -19.19745 -6.77096  1.000 14.24572 ? 46  GLU A N   1 
ATOM   360  C CA  . GLU A 1 48  ? -0.67717  -19.14481 -8.22403  1.000 13.73479 ? 46  GLU A CA  1 
ATOM   361  C C   . GLU A 1 48  ? -1.58046  -18.01329 -8.70808  1.000 15.11460 ? 46  GLU A C   1 
ATOM   362  O O   . GLU A 1 48  ? -2.43387  -17.50515 -7.96718  1.000 15.92433 ? 46  GLU A O   1 
ATOM   363  C CB  . GLU A 1 48  ? -1.14801  -20.48877 -8.78545  1.000 16.78950 ? 46  GLU A CB  1 
ATOM   364  C CG  . GLU A 1 48  ? -0.16668  -21.61920 -8.48647  1.000 18.05874 ? 46  GLU A CG  1 
ATOM   365  C CD  . GLU A 1 48  ? -0.67955  -22.99908 -8.86294  1.000 20.12122 ? 46  GLU A CD  1 
ATOM   366  O OE1 . GLU A 1 48  ? -1.20992  -23.16518 -9.98029  1.000 17.10667 ? 46  GLU A OE1 1 
ATOM   367  O OE2 . GLU A 1 48  ? -0.53591  -23.92886 -8.03194  1.000 26.43079 ? 46  GLU A OE2 1 
ATOM   368  N N   . GLY A 1 49  ? -1.35507  -17.58025 -9.94648  1.000 14.53302 ? 47  GLY A N   1 
ATOM   369  C CA  . GLY A 1 49  ? -2.18654  -16.57473 -10.57762 1.000 14.18400 ? 47  GLY A CA  1 
ATOM   370  C C   . GLY A 1 49  ? -1.97148  -15.15402 -10.10247 1.000 13.76583 ? 47  GLY A C   1 
ATOM   371  O O   . GLY A 1 49  ? -2.78466  -14.28368 -10.43321 1.000 15.67843 ? 47  GLY A O   1 
ATOM   372  N N   . VAL A 1 50  ? -0.88686  -14.87932 -9.38404  1.000 12.39449 ? 48  VAL A N   1 
ATOM   373  C CA  . VAL A 1 50  ? -0.67783  -13.58188 -8.74017  1.000 12.24825 ? 48  VAL A CA  1 
ATOM   374  C C   . VAL A 1 50  ? 0.76088   -13.13289 -8.95027  1.000 11.33630 ? 48  VAL A C   1 
ATOM   375  O O   . VAL A 1 50  ? 1.69414   -13.90688 -8.70873  1.000 12.59946 ? 48  VAL A O   1 
ATOM   376  C CB  . VAL A 1 50  ? -0.96526  -13.68112 -7.23126  1.000 13.73343 ? 48  VAL A CB  1 
ATOM   377  C CG1 . VAL A 1 50  ? -0.57049  -12.38040 -6.52147  1.000 14.48403 ? 48  VAL A CG1 1 
ATOM   378  C CG2 . VAL A 1 50  ? -2.43731  -14.01968 -6.99397  1.000 14.49161 ? 48  VAL A CG2 1 
ATOM   379  N N   . LYS A 1 51  ? 0.95126   -11.89047 -9.39317  1.000 11.07340 ? 49  LYS A N   1 
ATOM   380  C CA  . LYS A 1 51  ? 2.28068   -11.29021 -9.43719  1.000 11.71517 ? 49  LYS A CA  1 
ATOM   381  C C   . LYS A 1 51  ? 2.58103   -10.65835 -8.08726  1.000 11.22589 ? 49  LYS A C   1 
ATOM   382  O O   . LYS A 1 51  ? 1.81533   -9.81225  -7.61179  1.000 11.40201 ? 49  LYS A O   1 
ATOM   383  C CB  . LYS A 1 51  ? 2.35727   -10.20213 -10.50775 1.000 11.82785 ? 49  LYS A CB  1 
ATOM   384  C CG  . LYS A 1 51  ? 2.29871   -10.68400 -11.93678 1.000 18.10690 ? 49  LYS A CG  1 
ATOM   385  C CD  . LYS A 1 51  ? 2.38602   -9.51417  -12.90534 1.000 20.19545 ? 49  LYS A CD  1 
ATOM   386  C CE  . LYS A 1 51  ? 2.31395   -9.97071  -14.35278 1.000 23.48012 ? 49  LYS A CE  1 
ATOM   387  N NZ  . LYS A 1 51  ? 2.33380   -8.78795  -15.26157 1.000 27.21432 ? 49  LYS A NZ  1 
ATOM   388  N N   . TYR A 1 52  ? 3.70879   -11.02305 -7.49531  1.000 10.29073 ? 50  TYR A N   1 
ATOM   389  C CA  . TYR A 1 52  ? 4.06570   -10.54360 -6.16890  1.000 10.66408 ? 50  TYR A CA  1 
ATOM   390  C C   . TYR A 1 52  ? 5.19257   -9.52364  -6.22518  1.000 11.83810 ? 50  TYR A C   1 
ATOM   391  O O   . TYR A 1 52  ? 6.10768   -9.61159  -7.05287  1.000 13.36755 ? 50  TYR A O   1 
ATOM   392  C CB  . TYR A 1 52  ? 4.53994   -11.69146 -5.27854  1.000 12.13087 ? 50  TYR A CB  1 
ATOM   393  C CG  . TYR A 1 52  ? 3.43680   -12.55027 -4.73120  1.000 12.41439 ? 50  TYR A CG  1 
ATOM   394  C CD1 . TYR A 1 52  ? 2.93792   -13.62313 -5.45635  1.000 13.65261 ? 50  TYR A CD1 1 
ATOM   395  C CD2 . TYR A 1 52  ? 2.89266   -12.29439 -3.47202  1.000 12.54799 ? 50  TYR A CD2 1 
ATOM   396  C CE1 . TYR A 1 52  ? 1.92987   -14.41813 -4.95284  1.000 13.27374 ? 50  TYR A CE1 1 
ATOM   397  C CE2 . TYR A 1 52  ? 1.88560   -13.07807 -2.96241  1.000 13.35818 ? 50  TYR A CE2 1 
ATOM   398  C CZ  . TYR A 1 52  ? 1.40671   -14.14182 -3.70278  1.000 12.65849 ? 50  TYR A CZ  1 
ATOM   399  O OH  . TYR A 1 52  ? 0.40087   -14.94882 -3.22869  1.000 14.37843 ? 50  TYR A OH  1 
ATOM   400  N N   . LEU A 1 53  ? 5.13738   -8.57089  -5.29894  1.000 11.62384 ? 51  LEU A N   1 
ATOM   401  C CA  . LEU A 1 53  ? 6.29299   -7.77926  -4.90522  1.000 11.98065 ? 51  LEU A CA  1 
ATOM   402  C C   . LEU A 1 53  ? 6.37381   -7.90237  -3.39365  1.000 12.41758 ? 51  LEU A C   1 
ATOM   403  O O   . LEU A 1 53  ? 5.39463   -7.60856  -2.69691  1.000 12.71932 ? 51  LEU A O   1 
ATOM   404  C CB  . LEU A 1 53  ? 6.12915   -6.31432  -5.31889  1.000 12.13423 ? 51  LEU A CB  1 
ATOM   405  C CG  . LEU A 1 53  ? 7.16096   -5.35973  -4.71220  1.000 14.90826 ? 51  LEU A CG  1 
ATOM   406  C CD1 . LEU A 1 53  ? 8.57650   -5.71435  -5.16359  1.000 20.52064 ? 51  LEU A CD1 1 
ATOM   407  C CD2 . LEU A 1 53  ? 6.82077   -3.91096  -5.03918  1.000 16.95503 ? 51  LEU A CD2 1 
ATOM   408  N N   . CYS A 1 54  ? 7.51752   -8.34603  -2.88111  1.000 12.26968 ? 52  CYS A N   1 
ATOM   409  C CA  . CYS A 1 54  ? 7.66279   -8.66759  -1.47103  1.000 14.66267 ? 52  CYS A CA  1 
ATOM   410  C C   . CYS A 1 54  ? 8.69444   -7.72933  -0.87769  1.000 16.20350 ? 52  CYS A C   1 
ATOM   411  O O   . CYS A 1 54  ? 9.81337   -7.61946  -1.39117  1.000 19.87345 ? 52  CYS A O   1 
ATOM   412  C CB  . CYS A 1 54  ? 8.14221   -10.11238 -1.33063  1.000 18.17610 ? 52  CYS A CB  1 
ATOM   413  S SG  . CYS A 1 54  ? 6.86685   -11.28230 -1.87868  1.000 19.95246 ? 52  CYS A SG  1 
ATOM   414  N N   . ILE A 1 55  ? 8.32309   -7.05566  0.20323   1.000 14.99475 ? 53  ILE A N   1 
ATOM   415  C CA  . ILE A 1 55  ? 9.23121   -6.12731  0.86864   1.000 18.46583 ? 53  ILE A CA  1 
ATOM   416  C C   . ILE A 1 55  ? 9.36812   -6.55528  2.32374   1.000 21.12493 ? 53  ILE A C   1 
ATOM   417  O O   . ILE A 1 55  ? 8.38691   -6.49459  3.07792   1.000 18.47042 ? 53  ILE A O   1 
ATOM   418  C CB  . ILE A 1 55  ? 8.72670   -4.68425  0.74041   1.000 20.18184 ? 53  ILE A CB  1 
ATOM   419  C CG1 . ILE A 1 55  ? 8.72354   -4.26929  -0.73374  1.000 22.01567 ? 53  ILE A CG1 1 
ATOM   420  C CG2 . ILE A 1 55  ? 9.58735   -3.73668  1.58460   1.000 22.50840 ? 53  ILE A CG2 1 
ATOM   421  C CD1 . ILE A 1 55  ? 7.91349   -3.03493  -1.01024  1.000 24.81035 ? 53  ILE A CD1 1 
ATOM   422  N N   . PRO A 1 56  ? 10.55252  -6.98644  2.76721   1.000 23.65880 ? 54  PRO A N   1 
ATOM   423  C CA  . PRO A 1 56  ? 10.70776  -7.54573  4.13033   1.000 28.53971 ? 54  PRO A CA  1 
ATOM   424  C C   . PRO A 1 56  ? 10.87670  -6.47508  5.20257   1.000 29.93397 ? 54  PRO A C   1 
ATOM   425  O O   . PRO A 1 56  ? 11.95028  -6.27282  5.78387   1.000 35.12617 ? 54  PRO A O   1 
ATOM   426  C CB  . PRO A 1 56  ? 11.95214  -8.42432  3.97606   1.000 29.19108 ? 54  PRO A CB  1 
ATOM   427  C CG  . PRO A 1 56  ? 12.78509  -7.67622  2.97915   1.000 29.53241 ? 54  PRO A CG  1 
ATOM   428  C CD  . PRO A 1 56  ? 11.81268  -7.03956  2.00157   1.000 27.06672 ? 54  PRO A CD  1 
ATOM   429  N N   . ALA A 1 57  ? 9.78795   -5.77406  5.49936   1.000 23.85795 ? 55  ALA A N   1 
ATOM   430  C CA  . ALA A 1 57  ? 9.80006   -4.67228  6.45209   1.000 20.27778 ? 55  ALA A CA  1 
ATOM   431  C C   . ALA A 1 57  ? 9.24589   -5.12992  7.79582   1.000 21.05141 ? 55  ALA A C   1 
ATOM   432  O O   . ALA A 1 57  ? 8.19863   -5.78271  7.85706   1.000 22.27595 ? 55  ALA A O   1 
ATOM   433  C CB  . ALA A 1 57  ? 8.96925   -3.50517  5.92153   1.000 23.44336 ? 55  ALA A CB  1 
ATOM   434  N N   . ALA A 1 58  ? 9.94097   -4.77362  8.86771   1.000 21.33836 ? 56  ALA A N   1 
ATOM   435  C CA  . ALA A 1 58  ? 9.50477   -5.11856  10.20899  1.000 22.23479 ? 56  ALA A CA  1 
ATOM   436  C C   . ALA A 1 58  ? 8.56525   -4.05468  10.76434  1.000 20.11774 ? 56  ALA A C   1 
ATOM   437  O O   . ALA A 1 58  ? 8.56222   -2.89641  10.33575  1.000 21.18028 ? 56  ALA A O   1 
ATOM   438  C CB  . ALA A 1 58  ? 10.70986  -5.26907  11.13551  1.000 24.65809 ? 56  ALA A CB  1 
ATOM   439  N N   . ASP A 1 59  ? 7.74696   -4.47557  11.73004  1.000 23.82614 ? 57  ASP A N   1 
ATOM   440  C CA  . ASP A 1 59  ? 6.96652   -3.55490  12.55123  1.000 23.61138 ? 57  ASP A CA  1 
ATOM   441  C C   . ASP A 1 59  ? 7.86842   -3.13295  13.70599  1.000 24.44580 ? 57  ASP A C   1 
ATOM   442  O O   . ASP A 1 59  ? 7.82465   -3.67488  14.81288  1.000 29.11412 ? 57  ASP A O   1 
ATOM   443  C CB  . ASP A 1 59  ? 5.69067   -4.22764  13.04269  1.000 24.00975 ? 57  ASP A CB  1 
ATOM   444  C CG  . ASP A 1 59  ? 4.94162   -3.38672  14.06295  1.000 26.99316 ? 57  ASP A CG  1 
ATOM   445  O OD1 . ASP A 1 59  ? 5.14181   -2.15398  14.08325  1.000 34.23244 ? 57  ASP A OD1 1 
ATOM   446  O OD2 . ASP A 1 59  ? 4.14669   -3.95275  14.83987  1.000 31.36641 ? 57  ASP A OD2 1 
ATOM   447  N N   . SER A 1 60  ? 8.72420   -2.15972  13.42469  1.000 24.16260 ? 58  SER A N   1 
ATOM   448  C CA  . SER A 1 60  ? 9.67604   -1.67453  14.40881  1.000 27.57487 ? 58  SER A CA  1 
ATOM   449  C C   . SER A 1 60  ? 9.82703   -0.17269  14.25291  1.000 27.43143 ? 58  SER A C   1 
ATOM   450  O O   . SER A 1 60  ? 9.67813   0.36036   13.14605  1.000 26.09608 ? 58  SER A O   1 
ATOM   451  C CB  . SER A 1 60  ? 11.04780  -2.34581  14.23394  1.000 28.77380 ? 58  SER A CB  1 
ATOM   452  O OG  . SER A 1 60  ? 11.60366  -2.06002  12.96272  1.000 31.76233 ? 58  SER A OG  1 
ATOM   453  N N   . PRO A 1 61  ? 10.12577  0.54036   15.34296  1.000 33.55530 ? 59  PRO A N   1 
ATOM   454  C CA  . PRO A 1 61  ? 10.31545  1.99499   15.23502  1.000 33.76997 ? 59  PRO A CA  1 
ATOM   455  C C   . PRO A 1 61  ? 11.44721  2.39682   14.30159  1.000 31.37267 ? 59  PRO A C   1 
ATOM   456  O O   . PRO A 1 61  ? 11.45431  3.53438   13.81526  1.000 35.34765 ? 59  PRO A O   1 
ATOM   457  C CB  . PRO A 1 61  ? 10.59037  2.43225   16.68320  1.000 33.15111 ? 59  PRO A CB  1 
ATOM   458  C CG  . PRO A 1 61  ? 10.09465  1.30517   17.53888  1.000 33.55184 ? 59  PRO A CG  1 
ATOM   459  C CD  . PRO A 1 61  ? 10.27608  0.05805   16.72719  1.000 33.41961 ? 59  PRO A CD  1 
ATOM   460  N N   . SER A 1 62  ? 12.39089  1.49878   14.02145  1.000 23.31190 ? 60  SER A N   1 
ATOM   461  C CA  . SER A 1 62  ? 13.54298  1.81085   13.18862  1.000 27.79396 ? 60  SER A CA  1 
ATOM   462  C C   . SER A 1 62  ? 13.31109  1.54934   11.70441  1.000 26.96840 ? 60  SER A C   1 
ATOM   463  O O   . SER A 1 62  ? 14.12063  1.99562   10.88340  1.000 29.56411 ? 60  SER A O   1 
ATOM   464  C CB  . SER A 1 62  ? 14.75966  1.00289   13.65892  1.000 29.43958 ? 60  SER A CB  1 
ATOM   465  O OG  . SER A 1 62  ? 14.37792  -0.30422  14.05749  1.000 34.18135 ? 60  SER A OG  1 
ATOM   466  N N   . GLN A 1 63  ? 12.23402  0.85286   11.34053  1.000 23.60372 ? 61  GLN A N   1 
ATOM   467  C CA  . GLN A 1 63  ? 12.04452  0.41758   9.96088   1.000 22.75811 ? 61  GLN A CA  1 
ATOM   468  C C   . GLN A 1 63  ? 11.87474  1.60612   9.01838   1.000 20.87022 ? 61  GLN A C   1 
ATOM   469  O O   . GLN A 1 63  ? 11.03484  2.48184   9.24336   1.000 20.11246 ? 61  GLN A O   1 
ATOM   470  C CB  . GLN A 1 63  ? 10.82496  -0.49687  9.85825   1.000 21.77241 ? 61  GLN A CB  1 
ATOM   471  C CG  . GLN A 1 63  ? 10.49532  -0.91749  8.42753   1.000 21.42836 ? 61  GLN A CG  1 
ATOM   472  C CD  . GLN A 1 63  ? 11.54534  -1.84674  7.83305   1.000 24.07642 ? 61  GLN A CD  1 
ATOM   473  O OE1 . GLN A 1 63  ? 11.89840  -2.86611  8.42682   1.000 24.48764 ? 61  GLN A OE1 1 
ATOM   474  N NE2 . GLN A 1 63  ? 12.04928  -1.49616  6.65340   1.000 24.29256 ? 61  GLN A NE2 1 
ATOM   475  N N   . ASN A 1 64  ? 12.67080  1.61836   7.95153   1.000 20.53903 ? 62  ASN A N   1 
ATOM   476  C CA  . ASN A 1 64  ? 12.59039  2.62999   6.90633   1.000 21.65410 ? 62  ASN A CA  1 
ATOM   477  C C   . ASN A 1 64  ? 11.65985  2.10182   5.82150   1.000 19.05238 ? 62  ASN A C   1 
ATOM   478  O O   . ASN A 1 64  ? 11.93288  1.05379   5.22808   1.000 19.90473 ? 62  ASN A O   1 
ATOM   479  C CB  . ASN A 1 64  ? 13.99693  2.86041   6.33865   1.000 21.51163 ? 62  ASN A CB  1 
ATOM   480  C CG  . ASN A 1 64  ? 14.04345  3.88522   5.19904   1.000 24.16587 ? 62  ASN A CG  1 
ATOM   481  O OD1 . ASN A 1 64  ? 13.11327  4.02161   4.40587   1.000 24.93272 ? 62  ASN A OD1 1 
ATOM   482  N ND2 . ASN A 1 64  ? 15.16417  4.59343   5.10304   1.000 23.36753 ? 62  ASN A ND2 1 
ATOM   483  N N   . LEU A 1 65  ? 10.55852  2.81591   5.56868   1.000 17.57282 ? 63  LEU A N   1 
ATOM   484  C CA  . LEU A 1 65  ? 9.72815   2.50435   4.40805   1.000 16.01621 ? 63  LEU A CA  1 
ATOM   485  C C   . LEU A 1 65  ? 9.91208   3.46892   3.24513   1.000 16.82090 ? 63  LEU A C   1 
ATOM   486  O O   . LEU A 1 65  ? 9.59011   3.10410   2.10958   1.000 16.34110 ? 63  LEU A O   1 
ATOM   487  C CB  . LEU A 1 65  ? 8.24014   2.45091   4.78061   1.000 17.44752 ? 63  LEU A CB  1 
ATOM   488  C CG  . LEU A 1 65  ? 7.77239   1.14352   5.41826   1.000 20.19667 ? 63  LEU A CG  1 
ATOM   489  C CD1 . LEU A 1 65  ? 6.25968   1.18531   5.62041   1.000 19.53994 ? 63  LEU A CD1 1 
ATOM   490  C CD2 . LEU A 1 65  ? 8.18245   -0.06136  4.58062   1.000 19.88049 ? 63  LEU A CD2 1 
ATOM   491  N N   . THR A 1 66  ? 10.43695  4.67370   3.49353   1.000 17.26469 ? 64  THR A N   1 
ATOM   492  C CA  . THR A 1 66  ? 10.61162  5.65372   2.42423   1.000 16.81957 ? 64  THR A CA  1 
ATOM   493  C C   . THR A 1 66  ? 11.41069  5.08515   1.25736   1.000 16.98061 ? 64  THR A C   1 
ATOM   494  O O   . THR A 1 66  ? 11.08499  5.33454   0.09067   1.000 17.71224 ? 64  THR A O   1 
ATOM   495  C CB  . THR A 1 66  ? 11.30158  6.90677   2.96840   1.000 18.60816 ? 64  THR A CB  1 
ATOM   496  O OG1 . THR A 1 66  ? 10.58674  7.39792   4.11112   1.000 21.94718 ? 64  THR A OG1 1 
ATOM   497  C CG2 . THR A 1 66  ? 11.33207  7.98643   1.90779   1.000 22.97823 ? 64  THR A CG2 1 
ATOM   498  N N   . ARG A 1 67  ? 12.46437  4.32065   1.54798   1.000 16.36920 ? 65  ARG A N   1 
ATOM   499  C CA  . ARG A 1 67  ? 13.29842  3.77400   0.48433   1.000 17.22160 ? 65  ARG A CA  1 
ATOM   500  C C   . ARG A 1 67  ? 12.56731  2.75450   -0.37473  1.000 18.68074 ? 65  ARG A C   1 
ATOM   501  O O   . ARG A 1 67  ? 13.08946  2.36934   -1.42758  1.000 19.93726 ? 65  ARG A O   1 
ATOM   502  C CB  . ARG A 1 67  ? 14.57983  3.16389   1.05872   1.000 22.81261 ? 65  ARG A CB  1 
ATOM   503  C CG  . ARG A 1 67  ? 14.36307  1.90594   1.87556   1.000 23.34947 ? 65  ARG A CG  1 
ATOM   504  C CD  . ARG A 1 67  ? 15.67351  1.13502   2.03972   1.000 29.17541 ? 65  ARG A CD  1 
ATOM   505  N NE  . ARG A 1 67  ? 16.74450  1.97142   2.58067   1.000 32.59570 ? 65  ARG A NE  1 
ATOM   506  C CZ  . ARG A 1 67  ? 17.09955  2.00408   3.86323   1.000 35.60518 ? 65  ARG A CZ  1 
ATOM   507  N NH1 . ARG A 1 67  ? 16.47279  1.24240   4.75205   1.000 36.16821 ? 65  ARG A NH1 1 
ATOM   508  N NH2 . ARG A 1 67  ? 18.08656  2.79875   4.25841   1.000 36.01541 ? 65  ARG A NH2 1 
ATOM   509  N N   . HIS A 1 68  ? 11.38208  2.31090   0.04456   1.000 16.75679 ? 66  HIS A N   1 
ATOM   510  C CA  . HIS A 1 68  ? 10.56935  1.38690   -0.73053  1.000 16.28157 ? 66  HIS A CA  1 
ATOM   511  C C   . HIS A 1 68  ? 9.39478   2.05990   -1.42984  1.000 15.00405 ? 66  HIS A C   1 
ATOM   512  O O   . HIS A 1 68  ? 8.64202   1.37140   -2.12970  1.000 15.59606 ? 66  HIS A O   1 
ATOM   513  C CB  . HIS A 1 68  ? 10.06083  0.25566   0.16848   1.000 17.14545 ? 66  HIS A CB  1 
ATOM   514  C CG  . HIS A 1 68  ? 11.15621  -0.56447  0.77523   1.000 19.13011 ? 66  HIS A CG  1 
ATOM   515  N ND1 . HIS A 1 68  ? 12.02325  -1.32076  0.01570   1.000 21.83386 ? 66  HIS A ND1 1 
ATOM   516  C CD2 . HIS A 1 68  ? 11.53632  -0.73411  2.06379   1.000 19.46530 ? 66  HIS A CD2 1 
ATOM   517  C CE1 . HIS A 1 68  ? 12.88423  -1.92894  0.81176   1.000 21.95543 ? 66  HIS A CE1 1 
ATOM   518  N NE2 . HIS A 1 68  ? 12.61164  -1.59038  2.05878   1.000 21.64281 ? 66  HIS A NE2 1 
ATOM   519  N N   . PHE A 1 69  ? 9.21173   3.37611   -1.25482  1.000 14.51423 ? 67  PHE A N   1 
ATOM   520  C CA  . PHE A 1 69  ? 8.07423   4.06083   -1.86815  1.000 13.90726 ? 67  PHE A CA  1 
ATOM   521  C C   . PHE A 1 69  ? 8.10958   3.94810   -3.38987  1.000 14.95477 ? 67  PHE A C   1 
ATOM   522  O O   . PHE A 1 69  ? 7.09237   3.65218   -4.02036  1.000 14.23091 ? 67  PHE A O   1 
ATOM   523  C CB  . PHE A 1 69  ? 8.03777   5.53728   -1.45715  1.000 14.11109 ? 67  PHE A CB  1 
ATOM   524  C CG  . PHE A 1 69  ? 7.59502   5.79939   -0.02967  1.000 13.07237 ? 67  PHE A CG  1 
ATOM   525  C CD1 . PHE A 1 69  ? 7.21126   4.77513   0.83155   1.000 14.05425 ? 67  PHE A CD1 1 
ATOM   526  C CD2 . PHE A 1 69  ? 7.55662   7.11137   0.44169   1.000 14.42435 ? 67  PHE A CD2 1 
ATOM   527  C CE1 . PHE A 1 69  ? 6.81562   5.05122   2.13532   1.000 15.05933 ? 67  PHE A CE1 1 
ATOM   528  C CE2 . PHE A 1 69  ? 7.15485   7.39571   1.73369   1.000 15.15998 ? 67  PHE A CE2 1 
ATOM   529  C CZ  . PHE A 1 69  ? 6.78477   6.36660   2.58804   1.000 15.75659 ? 67  PHE A CZ  1 
ATOM   530  N N   . LYS A 1 70  ? 9.27303   4.19312   -4.00497  1.000 15.76205 ? 68  LYS A N   1 
ATOM   531  C CA  . LYS A 1 70  ? 9.34366   4.24203   -5.46655  1.000 16.23268 ? 68  LYS A CA  1 
ATOM   532  C C   . LYS A 1 70  ? 8.99633   2.89268   -6.09501  1.000 16.14628 ? 68  LYS A C   1 
ATOM   533  O O   . LYS A 1 70  ? 8.17010   2.81593   -7.01012  1.000 16.08940 ? 68  LYS A O   1 
ATOM   534  C CB  . LYS A 1 70  ? 10.73105  4.71762   -5.91470  1.000 20.31365 ? 68  LYS A CB  1 
ATOM   535  C CG  . LYS A 1 70  ? 10.76304  5.35718   -7.29775  1.000 28.90580 ? 68  LYS A CG  1 
ATOM   536  C CD  . LYS A 1 70  ? 10.04257  6.70073   -7.30441  1.000 28.79598 ? 68  LYS A CD  1 
ATOM   537  C CE  . LYS A 1 70  ? 10.84732  7.77412   -8.02740  1.000 30.79062 ? 68  LYS A CE  1 
ATOM   538  N NZ  . LYS A 1 70  ? 11.97113  8.31685   -7.21920  1.000 32.15811 ? 68  LYS A NZ  1 
ATOM   539  N N   . GLU A 1 71  ? 9.62237   1.81443   -5.61316  1.000 15.96135 ? 69  GLU A N   1 
ATOM   540  C CA  . GLU A 1 71  ? 9.34322   0.47670   -6.12935  1.000 16.90062 ? 69  GLU A CA  1 
ATOM   541  C C   . GLU A 1 71  ? 7.88311   0.09516   -5.90742  1.000 14.28016 ? 69  GLU A C   1 
ATOM   542  O O   . GLU A 1 71  ? 7.25412   -0.52789  -6.76841  1.000 14.82396 ? 69  GLU A O   1 
ATOM   543  C CB  . GLU A 1 71  ? 10.27643  -0.51734  -5.43051  1.000 20.62363 ? 69  GLU A CB  1 
ATOM   544  C CG  . GLU A 1 71  ? 10.45335  -1.88225  -6.06558  1.000 27.16515 ? 69  GLU A CG  1 
ATOM   545  C CD  . GLU A 1 71  ? 11.25084  -2.82987  -5.16939  1.000 31.16085 ? 69  GLU A CD  1 
ATOM   546  O OE1 . GLU A 1 71  ? 11.40548  -2.53220  -3.96111  1.000 32.88531 ? 69  GLU A OE1 1 
ATOM   547  O OE2 . GLU A 1 71  ? 11.72264  -3.87248  -5.67725  1.000 38.08424 ? 69  GLU A OE2 1 
ATOM   548  N N   . SER A 1 72  ? 7.32394   0.48143   -4.76066  1.000 14.42799 ? 70  SER A N   1 
ATOM   549  C CA  . SER A 1 72  ? 5.93058   0.15483   -4.46531  1.000 14.16465 ? 70  SER A CA  1 
ATOM   550  C C   . SER A 1 72  ? 4.98232   0.90569   -5.38862  1.000 12.20768 ? 70  SER A C   1 
ATOM   551  O O   . SER A 1 72  ? 4.00139   0.33764   -5.89067  1.000 12.17413 ? 70  SER A O   1 
ATOM   552  C CB  . SER A 1 72  ? 5.63435   0.52383   -3.01598  1.000 13.94869 ? 70  SER A CB  1 
ATOM   553  O OG  . SER A 1 72  ? 6.39431   -0.29254  -2.14355  1.000 14.45738 ? 70  SER A OG  1 
ATOM   554  N N   . ILE A 1 73  ? 5.26859   2.18012   -5.63171  1.000 12.63855 ? 71  ILE A N   1 
ATOM   555  C CA  . ILE A 1 73  ? 4.39793   2.98431   -6.47907  1.000 13.11649 ? 71  ILE A CA  1 
ATOM   556  C C   . ILE A 1 73  ? 4.44071   2.48899   -7.91738  1.000 13.21584 ? 71  ILE A C   1 
ATOM   557  O O   . ILE A 1 73  ? 3.40852   2.41652   -8.59393  1.000 13.81478 ? 71  ILE A O   1 
ATOM   558  C CB  . ILE A 1 73  ? 4.78655   4.46462   -6.35723  1.000 14.14053 ? 71  ILE A CB  1 
ATOM   559  C CG1 . ILE A 1 73  ? 4.37634   4.99838   -4.98549  1.000 13.49383 ? 71  ILE A CG1 1 
ATOM   560  C CG2 . ILE A 1 73  ? 4.17703   5.27684   -7.48541  1.000 15.95101 ? 71  ILE A CG2 1 
ATOM   561  C CD1 . ILE A 1 73  ? 5.10491   6.27232   -4.61616  1.000 15.06217 ? 71  ILE A CD1 1 
ATOM   562  N N   . LYS A 1 74  ? 5.62962   2.12550   -8.40667  1.000 14.06713 ? 72  LYS A N   1 
ATOM   563  C CA  . LYS A 1 74  ? 5.73135   1.57228   -9.75205  1.000 13.87192 ? 72  LYS A CA  1 
ATOM   564  C C   . LYS A 1 74  ? 4.91324   0.29478   -9.87918  1.000 13.58894 ? 72  LYS A C   1 
ATOM   565  O O   . LYS A 1 74  ? 4.19197   0.09989   -10.86375 1.000 14.61740 ? 72  LYS A O   1 
ATOM   566  C CB  . LYS A 1 74  ? 7.20064   1.30728   -10.08208 1.000 18.22371 ? 72  LYS A CB  1 
ATOM   567  C CG  . LYS A 1 74  ? 7.43603   0.51590   -11.35420 1.000 22.81957 ? 72  LYS A CG  1 
ATOM   568  C CD  . LYS A 1 74  ? 8.93215   0.33988   -11.60026 1.000 25.15002 ? 72  LYS A CD  1 
ATOM   569  C CE  . LYS A 1 74  ? 9.21526   -0.86125  -12.48375 1.000 30.34414 ? 72  LYS A CE  1 
ATOM   570  N NZ  . LYS A 1 74  ? 8.59379   -0.69919  -13.82349 1.000 32.67750 ? 72  LYS A NZ  1 
ATOM   571  N N   . PHE A 1 75  ? 5.00916   -0.58652  -8.88623  1.000 12.78560 ? 73  PHE A N   1 
ATOM   572  C CA  . PHE A 1 75  ? 4.28018   -1.84970  -8.93544  1.000 13.60392 ? 73  PHE A CA  1 
ATOM   573  C C   . PHE A 1 75  ? 2.77371   -1.61634  -8.94614  1.000 11.83965 ? 73  PHE A C   1 
ATOM   574  O O   . PHE A 1 75  ? 2.04926   -2.18444  -9.77265  1.000 13.54725 ? 73  PHE A O   1 
ATOM   575  C CB  . PHE A 1 75  ? 4.70138   -2.70295  -7.73722  1.000 13.13213 ? 73  PHE A CB  1 
ATOM   576  C CG  . PHE A 1 75  ? 4.06160   -4.06086  -7.68174  1.000 12.27578 ? 73  PHE A CG  1 
ATOM   577  C CD1 . PHE A 1 75  ? 4.54288   -5.10564  -8.46115  1.000 13.15869 ? 73  PHE A CD1 1 
ATOM   578  C CD2 . PHE A 1 75  ? 3.01623   -4.31032  -6.81207  1.000 12.66176 ? 73  PHE A CD2 1 
ATOM   579  C CE1 . PHE A 1 75  ? 3.97209   -6.35621  -8.39445  1.000 12.78975 ? 73  PHE A CE1 1 
ATOM   580  C CE2 . PHE A 1 75  ? 2.43765   -5.56187  -6.73199  1.000 11.99169 ? 73  PHE A CE2 1 
ATOM   581  C CZ  . PHE A 1 75  ? 2.92494   -6.59552  -7.52700  1.000 12.38966 ? 73  PHE A CZ  1 
ATOM   582  N N   . ILE A 1 76  ? 2.28247   -0.79553  -8.01128  1.000 11.18638 ? 74  ILE A N   1 
ATOM   583  C CA  . ILE A 1 76  ? 0.85132   -0.50390  -7.94634  1.000 11.45260 ? 74  ILE A CA  1 
ATOM   584  C C   . ILE A 1 76  ? 0.38942   0.18964   -9.22109  1.000 11.06667 ? 74  ILE A C   1 
ATOM   585  O O   . ILE A 1 76  ? -0.65078  -0.15162  -9.79179  1.000 11.96267 ? 74  ILE A O   1 
ATOM   586  C CB  . ILE A 1 76  ? 0.53862   0.35050   -6.70478  1.000 11.33116 ? 74  ILE A CB  1 
ATOM   587  C CG1 . ILE A 1 76  ? 0.83363   -0.40973  -5.40285  1.000 11.34034 ? 74  ILE A CG1 1 
ATOM   588  C CG2 . ILE A 1 76  ? -0.91015  0.84196   -6.75724  1.000 12.09477 ? 74  ILE A CG2 1 
ATOM   589  C CD1 . ILE A 1 76  ? 0.95476   0.50913   -4.18488  1.000 12.72712 ? 74  ILE A CD1 1 
ATOM   590  N N   . HIS A 1 77  ? 1.12928   1.21138   -9.65168  1.000 12.51596 ? 75  HIS A N   1 
ATOM   591  C CA  . HIS A 1 77  ? 0.65362   2.03856   -10.74969 1.000 12.78683 ? 75  HIS A CA  1 
ATOM   592  C C   . HIS A 1 77  ? 0.59032   1.25641   -12.04995 1.000 13.76552 ? 75  HIS A C   1 
ATOM   593  O O   . HIS A 1 77  ? -0.38841  1.36532   -12.79664 1.000 14.03545 ? 75  HIS A O   1 
ATOM   594  C CB  . HIS A 1 77  ? 1.53859   3.26857   -10.91056 1.000 13.21801 ? 75  HIS A CB  1 
ATOM   595  C CG  . HIS A 1 77  ? 0.85209   4.39746   -11.60146 1.000 13.81327 ? 75  HIS A CG  1 
ATOM   596  N ND1 . HIS A 1 77  ? -0.31845  4.94777   -11.12898 1.000 14.48097 ? 75  HIS A ND1 1 
ATOM   597  C CD2 . HIS A 1 77  ? 1.15897   5.07121   -12.73441 1.000 17.16849 ? 75  HIS A CD2 1 
ATOM   598  C CE1 . HIS A 1 77  ? -0.69519  5.92615   -11.93463 1.000 18.13357 ? 75  HIS A CE1 1 
ATOM   599  N NE2 . HIS A 1 77  ? 0.18028   6.01619   -12.91926 1.000 16.89810 ? 75  HIS A NE2 1 
ATOM   600  N N   . GLU A 1 78  ? 1.60233   0.43167   -12.32002 1.000 13.88043 ? 76  GLU A N   1 
ATOM   601  C CA  . GLU A 1 78  ? 1.59739   -0.31919  -13.56843 1.000 14.48810 ? 76  GLU A CA  1 
ATOM   602  C C   . GLU A 1 78  ? 0.48484   -1.35724  -13.57694 1.000 16.10961 ? 76  GLU A C   1 
ATOM   603  O O   . GLU A 1 78  ? -0.13034  -1.59685  -14.62244 1.000 17.55279 ? 76  GLU A O   1 
ATOM   604  C CB  . GLU A 1 78  ? 2.99227   -0.88931  -13.84879 1.000 17.42782 ? 76  GLU A CB  1 
ATOM   605  C CG  . GLU A 1 78  ? 3.99944   0.24351   -14.03816 1.000 17.94686 ? 76  GLU A CG  1 
ATOM   606  C CD  . GLU A 1 78  ? 5.38502   -0.20265  -14.45828 1.000 22.65708 ? 76  GLU A CD  1 
ATOM   607  O OE1 . GLU A 1 78  ? 5.65476   -1.42119  -14.49630 1.000 27.47215 ? 76  GLU A OE1 1 
ATOM   608  O OE2 . GLU A 1 78  ? 6.21515   0.69123   -14.73522 1.000 25.86240 ? 76  GLU A OE2 1 
ATOM   609  N N   . CYS A 1 79  ? 0.17878   -1.94306  -12.41396 1.000 13.78965 ? 77  CYS A N   1 
ATOM   610  C CA  . CYS A 1 79  ? -0.98171  -2.81768  -12.29640 1.000 13.82512 ? 77  CYS A CA  1 
ATOM   611  C C   . CYS A 1 79  ? -2.26365  -2.06111  -12.62433 1.000 14.35761 ? 77  CYS A C   1 
ATOM   612  O O   . CYS A 1 79  ? -3.07044  -2.50424  -13.45012 1.000 14.66534 ? 77  CYS A O   1 
ATOM   613  C CB  . CYS A 1 79  ? -1.04102  -3.37593  -10.86892 1.000 12.95521 ? 77  CYS A CB  1 
ATOM   614  S SG  . CYS A 1 79  ? -2.51159  -4.32526  -10.47884 1.000 13.95965 ? 77  CYS A SG  1 
ATOM   615  N N   . ARG A 1 80  ? -2.47061  -0.90514  -11.98192 1.000 11.70825 ? 78  ARG A N   1 
ATOM   616  C CA  . ARG A 1 80  ? -3.71899  -0.16511  -12.16154 1.000 13.21407 ? 78  ARG A CA  1 
ATOM   617  C C   . ARG A 1 80  ? -3.86024  0.36293   -13.58612 1.000 15.99800 ? 78  ARG A C   1 
ATOM   618  O O   . ARG A 1 80  ? -4.96732  0.36803   -14.13722 1.000 16.46262 ? 78  ARG A O   1 
ATOM   619  C CB  . ARG A 1 80  ? -3.82613  0.95755   -11.12199 1.000 13.27850 ? 78  ARG A CB  1 
ATOM   620  C CG  . ARG A 1 80  ? -3.87509  0.45337   -9.66324  1.000 13.50001 ? 78  ARG A CG  1 
ATOM   621  C CD  . ARG A 1 80  ? -4.10619  1.57810   -8.63228  1.000 13.82966 ? 78  ARG A CD  1 
ATOM   622  N NE  . ARG A 1 80  ? -5.44199  2.13303   -8.82076  1.000 14.69516 ? 78  ARG A NE  1 
ATOM   623  C CZ  . ARG A 1 80  ? -5.70250  3.27943   -9.43660  1.000 13.87151 ? 78  ARG A CZ  1 
ATOM   624  N NH1 . ARG A 1 80  ? -4.72257  4.06728   -9.86251  1.000 14.43540 ? 78  ARG A NH1 1 
ATOM   625  N NH2 . ARG A 1 80  ? -6.96521  3.63482   -9.61234  1.000 16.64436 ? 78  ARG A NH2 1 
ATOM   626  N N   . LEU A 1 81  ? -2.75377  0.79045   -14.20762 1.000 14.82851 ? 79  LEU A N   1 
ATOM   627  C CA  . LEU A 1 81  ? -2.81769  1.27890   -15.58744 1.000 17.62815 ? 79  LEU A CA  1 
ATOM   628  C C   . LEU A 1 81  ? -3.19926  0.18271   -16.57861 1.000 20.31097 ? 79  LEU A C   1 
ATOM   629  O O   . LEU A 1 81  ? -3.70250  0.49503   -17.66633 1.000 21.23853 ? 79  LEU A O   1 
ATOM   630  C CB  . LEU A 1 81  ? -1.49236  1.92731   -15.99656 1.000 18.32463 ? 79  LEU A CB  1 
ATOM   631  C CG  . LEU A 1 81  ? -1.10278  3.26289   -15.35778 1.000 21.72385 ? 79  LEU A CG  1 
ATOM   632  C CD1 . LEU A 1 81  ? 0.25690   3.72878   -15.86314 1.000 22.77249 ? 79  LEU A CD1 1 
ATOM   633  C CD2 . LEU A 1 81  ? -2.15957  4.32733   -15.59826 1.000 25.48913 ? 79  LEU A CD2 1 
ATOM   634  N N   . ARG A 1 82  ? -2.97189  -1.08312  -16.23387 1.000 18.05194 ? 80  ARG A N   1 
ATOM   635  C CA  . ARG A 1 82  ? -3.39878  -2.22611  -17.03161 1.000 19.24789 ? 80  ARG A CA  1 
ATOM   636  C C   . ARG A 1 82  ? -4.83146  -2.64660  -16.73408 1.000 20.69970 ? 80  ARG A C   1 
ATOM   637  O O   . ARG A 1 82  ? -5.28749  -3.66449  -17.27301 1.000 22.01775 ? 80  ARG A O   1 
ATOM   638  C CB  . ARG A 1 82  ? -2.47126  -3.42524  -16.78446 1.000 24.40967 ? 80  ARG A CB  1 
ATOM   639  C CG  . ARG A 1 82  ? -1.10536  -3.33529  -17.45376 1.000 29.38380 ? 80  ARG A CG  1 
ATOM   640  C CD  . ARG A 1 82  ? -0.27996  -4.61223  -17.24236 1.000 34.28948 ? 80  ARG A CD  1 
ATOM   641  N NE  . ARG A 1 82  ? 0.69607   -4.46719  -16.16250 1.000 34.52068 ? 80  ARG A NE  1 
ATOM   642  C CZ  . ARG A 1 82  ? 0.78162   -5.28053  -15.11418 1.000 32.78572 ? 80  ARG A CZ  1 
ATOM   643  N NH1 . ARG A 1 82  ? -0.04593  -6.31148  -15.01059 1.000 33.81884 ? 80  ARG A NH1 1 
ATOM   644  N NH2 . ARG A 1 82  ? 1.69626   -5.06953  -14.16945 1.000 30.26220 ? 80  ARG A NH2 1 
ATOM   645  N N   . GLY A 1 83  ? -5.54004  -1.91238  -15.87812 1.000 18.35238 ? 81  GLY A N   1 
ATOM   646  C CA  . GLY A 1 83  ? -6.89030  -2.28676  -15.50414 1.000 17.65120 ? 81  GLY A CA  1 
ATOM   647  C C   . GLY A 1 83  ? -6.99252  -3.45056  -14.54778 1.000 17.19546 ? 81  GLY A C   1 
ATOM   648  O O   . GLY A 1 83  ? -8.07337  -4.03517  -14.41381 1.000 21.13499 ? 81  GLY A O   1 
ATOM   649  N N   . GLU A 1 84  ? -5.89812  -3.82158  -13.89247 1.000 15.96507 ? 82  GLU A N   1 
ATOM   650  C CA  . GLU A 1 84  ? -5.89487  -4.93044  -12.95340 1.000 15.40089 ? 82  GLU A CA  1 
ATOM   651  C C   . GLU A 1 84  ? -5.93690  -4.40467  -11.51978 1.000 14.69766 ? 82  GLU A C   1 
ATOM   652  O O   . GLU A 1 84  ? -5.90501  -3.19586  -11.27317 1.000 17.17521 ? 82  GLU A O   1 
ATOM   653  C CB  . GLU A 1 84  ? -4.69064  -5.84193  -13.20350 1.000 15.39615 ? 82  GLU A CB  1 
ATOM   654  C CG  . GLU A 1 84  ? -4.74969  -6.53643  -14.57160 1.000 17.96713 ? 82  GLU A CG  1 
ATOM   655  C CD  . GLU A 1 84  ? -3.62667  -7.53560  -14.79477 1.000 24.95547 ? 82  GLU A CD  1 
ATOM   656  O OE1 . GLU A 1 84  ? -3.50482  -8.49930  -14.00971 1.000 25.71481 ? 82  GLU A OE1 1 
ATOM   657  O OE2 . GLU A 1 84  ? -2.86909  -7.36242  -15.77365 1.000 33.71821 ? 82  GLU A OE2 1 
ATOM   658  N N   . SER A 1 85  ? -6.04428  -5.33173  -10.57035 1.000 13.81962 ? 83  SER A N   1 
ATOM   659  C CA  . SER A 1 85  ? -6.28518  -4.99494  -9.17194  1.000 12.13299 ? 83  SER A CA  1 
ATOM   660  C C   . SER A 1 85  ? -5.14009  -5.48757  -8.30538  1.000 11.87246 ? 83  SER A C   1 
ATOM   661  O O   . SER A 1 85  ? -4.70332  -6.64320  -8.42199  1.000 11.71262 ? 83  SER A O   1 
ATOM   662  C CB  . SER A 1 85  ? -7.61171  -5.56776  -8.67789  1.000 15.32700 ? 83  SER A CB  1 
ATOM   663  O OG  . SER A 1 85  ? -8.68693  -4.80270  -9.18877  1.000 18.93231 ? 83  SER A OG  1 
ATOM   664  N N   . CYS A 1 86  ? -4.67462  -4.60875  -7.41904  1.000 11.28798 ? 84  CYS A N   1 
ATOM   665  C CA  . CYS A 1 86  ? -3.54974  -4.87684  -6.53973  1.000 10.76284 ? 84  CYS A CA  1 
ATOM   666  C C   . CYS A 1 86  ? -4.00279  -4.85323  -5.08755  1.000 10.45440 ? 84  CYS A C   1 
ATOM   667  O O   . CYS A 1 86  ? -4.71090  -3.93050  -4.66330  1.000 11.50204 ? 84  CYS A O   1 
ATOM   668  C CB  . CYS A 1 86  ? -2.47134  -3.80828  -6.74522  1.000 12.53184 ? 84  CYS A CB  1 
ATOM   669  S SG  . CYS A 1 86  ? -0.96002  -4.02125  -5.79348  1.000 13.87392 ? 84  CYS A SG  1 
ATOM   670  N N   . LEU A 1 87  ? -3.58875  -5.85580  -4.33995  1.000 10.07641 ? 85  LEU A N   1 
ATOM   671  C CA  . LEU A 1 87  ? -3.76035  -5.88808  -2.89536  1.000 10.73564 ? 85  LEU A CA  1 
ATOM   672  C C   . LEU A 1 87  ? -2.42719  -5.56443  -2.23966  1.000 9.63752  ? 85  LEU A C   1 
ATOM   673  O O   . LEU A 1 87  ? -1.41904  -6.21687  -2.52791  1.000 11.25888 ? 85  LEU A O   1 
ATOM   674  C CB  . LEU A 1 87  ? -4.22144  -7.27220  -2.43420  1.000 10.71772 ? 85  LEU A CB  1 
ATOM   675  C CG  . LEU A 1 87  ? -4.17756  -7.51927  -0.92033  1.000 10.16665 ? 85  LEU A CG  1 
ATOM   676  C CD1 . LEU A 1 87  ? -5.24492  -6.70338  -0.16791  1.000 11.17587 ? 85  LEU A CD1 1 
ATOM   677  C CD2 . LEU A 1 87  ? -4.33571  -9.00882  -0.65759  1.000 12.44363 ? 85  LEU A CD2 1 
ATOM   678  N N   . VAL A 1 88  ? -2.42389  -4.58797  -1.33780  1.000 9.58629  ? 86  VAL A N   1 
ATOM   679  C CA  . VAL A 1 88  ? -1.26920  -4.30042  -0.49298  1.000 10.01208 ? 86  VAL A CA  1 
ATOM   680  C C   . VAL A 1 88  ? -1.59803  -4.80447  0.90545   1.000 11.10615 ? 86  VAL A C   1 
ATOM   681  O O   . VAL A 1 88  ? -2.65770  -4.47495  1.45321   1.000 10.39863 ? 86  VAL A O   1 
ATOM   682  C CB  . VAL A 1 88  ? -0.93275  -2.80026  -0.48103  1.000 10.78027 ? 86  VAL A CB  1 
ATOM   683  C CG1 . VAL A 1 88  ? 0.39754   -2.56372  0.23074   1.000 10.84178 ? 86  VAL A CG1 1 
ATOM   684  C CG2 . VAL A 1 88  ? -0.87647  -2.25325  -1.89660  1.000 10.51622 ? 86  VAL A CG2 1 
ATOM   685  N N   . HIS A 1 89  ? -0.72714  -5.62763  1.47654   1.000 10.02333 ? 87  HIS A N   1 
ATOM   686  C CA  . HIS A 1 89  ? -1.00657  -6.15265  2.80651   1.000 10.11867 ? 87  HIS A CA  1 
ATOM   687  C C   . HIS A 1 89  ? 0.26781   -6.26888  3.61885   1.000 11.34472 ? 87  HIS A C   1 
ATOM   688  O O   . HIS A 1 89  ? 1.37416   -6.40511  3.08578   1.000 11.05127 ? 87  HIS A O   1 
ATOM   689  C CB  . HIS A 1 89  ? -1.70750  -7.51396  2.77249   1.000 11.56497 ? 87  HIS A CB  1 
ATOM   690  C CG  . HIS A 1 89  ? -0.76779  -8.65899  2.57152   1.000 10.90232 ? 87  HIS A CG  1 
ATOM   691  N ND1 . HIS A 1 89  ? -0.11763  -9.28252  3.61256   1.000 11.58985 ? 87  HIS A ND1 1 
ATOM   692  C CD2 . HIS A 1 89  ? -0.33707  -9.26922  1.44053   1.000 12.59368 ? 87  HIS A CD2 1 
ATOM   693  C CE1 . HIS A 1 89  ? 0.66066   -10.24102 3.13577   1.000 13.13553 ? 87  HIS A CE1 1 
ATOM   694  N NE2 . HIS A 1 89  ? 0.53842   -10.25587 1.82007   1.000 15.29510 ? 87  HIS A NE2 1 
ATOM   695  N N   . CYS A 1 90  ? 0.08153   -6.24061  4.93665   1.000 10.81967 ? 88  CYS A N   1 
ATOM   696  C CA  . CYS A 1 90  ? 1.15159   -6.49829  5.89230   1.000 11.51991 ? 88  CYS A CA  1 
ATOM   697  C C   . CYS A 1 90  ? 0.66527   -7.57538  6.85475   1.000 13.31924 ? 88  CYS A C   1 
ATOM   698  O O   . CYS A 1 90  ? 0.04125   -8.54425  6.41412   1.000 14.80791 ? 88  CYS A O   1 
ATOM   699  C CB  . CYS A 1 90  ? 1.58592   -5.18087  6.55131   1.000 11.05733 ? 88  CYS A CB  1 
ATOM   700  S SG  . CYS A 1 90  ? 0.25243   -4.13376  7.16002   1.000 11.86126 ? 88  CYS A SG  1 
ATOM   701  N N   . LEU A 1 91  ? 0.94080   -7.45487  8.15344   1.000 11.81319 ? 89  LEU A N   1 
ATOM   702  C CA  . LEU A 1 91  ? 0.33695   -8.41083  9.07702   1.000 11.85819 ? 89  LEU A CA  1 
ATOM   703  C C   . LEU A 1 91  ? -1.11977  -8.04905  9.35778   1.000 11.91238 ? 89  LEU A C   1 
ATOM   704  O O   . LEU A 1 91  ? -2.03117  -8.83943  9.08314   1.000 11.39797 ? 89  LEU A O   1 
ATOM   705  C CB  . LEU A 1 91  ? 1.15607   -8.51272  10.36672  1.000 11.33935 ? 89  LEU A CB  1 
ATOM   706  C CG  . LEU A 1 91  ? 0.65767   -9.59153  11.33702  1.000 12.69828 ? 89  LEU A CG  1 
ATOM   707  C CD1 . LEU A 1 91  ? 1.08247   -10.97412 10.87816  1.000 15.17806 ? 89  LEU A CD1 1 
ATOM   708  C CD2 . LEU A 1 91  ? 1.18981   -9.30811  12.72558  1.000 14.76498 ? 89  LEU A CD2 1 
ATOM   709  N N   . ALA A 1 92  ? -1.35528  -6.84979  9.89868   1.000 11.19213 ? 90  ALA A N   1 
ATOM   710  C CA  . ALA A 1 92  ? -2.68604  -6.40555  10.30780  1.000 10.37126 ? 90  ALA A CA  1 
ATOM   711  C C   . ALA A 1 92  ? -3.39933  -5.55726  9.26045   1.000 10.64821 ? 90  ALA A C   1 
ATOM   712  O O   . ALA A 1 92  ? -4.61573  -5.35612  9.36708   1.000 10.98882 ? 90  ALA A O   1 
ATOM   713  C CB  . ALA A 1 92  ? -2.57747  -5.60800  11.61509  1.000 10.72974 ? 90  ALA A CB  1 
ATOM   714  N N   . GLY A 1 93  ? -2.69148  -5.05412  8.25209   1.000 9.58648  ? 91  GLY A N   1 
ATOM   715  C CA  . GLY A 1 93  ? -3.30424  -4.12014  7.32560   1.000 9.58665  ? 91  GLY A CA  1 
ATOM   716  C C   . GLY A 1 93  ? -3.60980  -2.78777  7.95781   1.000 10.14641 ? 91  GLY A C   1 
ATOM   717  O O   . GLY A 1 93  ? -4.56169  -2.11180  7.55710   1.000 11.21969 ? 91  GLY A O   1 
ATOM   718  N N   . VAL A 1 94  ? -2.80242  -2.37982  8.93202   1.000 9.78459  ? 92  VAL A N   1 
ATOM   719  C CA  . VAL A 1 94  ? -3.04948  -1.17268  9.70510   1.000 9.93705  ? 92  VAL A CA  1 
ATOM   720  C C   . VAL A 1 94  ? -1.95473  -0.13773  9.50310   1.000 9.84058  ? 92  VAL A C   1 
ATOM   721  O O   . VAL A 1 94  ? -2.23735  1.05752   9.39935   1.000 11.19086 ? 92  VAL A O   1 
ATOM   722  C CB  . VAL A 1 94  ? -3.22430  -1.51294  11.20723  1.000 11.54609 ? 92  VAL A CB  1 
ATOM   723  C CG1 . VAL A 1 94  ? -3.13414  -0.26841  12.09448  1.000 12.32269 ? 92  VAL A CG1 1 
ATOM   724  C CG2 . VAL A 1 94  ? -4.54776  -2.23406  11.42471  1.000 12.08138 ? 92  VAL A CG2 1 
ATOM   725  N N   . SER A 1 95  ? -0.69874  -0.56558  9.42632   1.000 11.05339 ? 93  SER A N   1 
ATOM   726  C CA  . SER A 1 95  ? 0.40932   0.37909   9.48007   1.000 11.05563 ? 93  SER A CA  1 
ATOM   727  C C   . SER A 1 95  ? 1.33343   0.29456   8.27282   1.000 10.52417 ? 93  SER A C   1 
ATOM   728  O O   . SER A 1 95  ? 1.47156   1.28322   7.54427   1.000 11.48384 ? 93  SER A O   1 
ATOM   729  C CB  . SER A 1 95  ? 1.14160   0.21709   10.82331  1.000 12.26345 ? 93  SER A CB  1 
ATOM   730  O OG  . SER A 1 95  ? 2.26326   1.07161   10.89892  1.000 14.30112 ? 93  SER A OG  1 
ATOM   731  N N   . ARG A 1 96  ? 2.00142   -0.83959  8.04274   1.000 12.25140 ? 94  ARG A N   1 
ATOM   732  C CA  . ARG A 1 96  ? 2.99372   -0.91795  6.96293   1.000 11.23913 ? 94  ARG A CA  1 
ATOM   733  C C   . ARG A 1 96  ? 2.36261   -0.78883  5.57505   1.000 10.44417 ? 94  ARG A C   1 
ATOM   734  O O   . ARG A 1 96  ? 2.78826   0.04246   4.75899   1.000 11.17115 ? 94  ARG A O   1 
ATOM   735  C CB  . ARG A 1 96  ? 3.78431   -2.22006  7.07350   1.000 12.00758 ? 94  ARG A CB  1 
ATOM   736  C CG  . ARG A 1 96  ? 4.84001   -2.16517  8.16994   1.000 12.13895 ? 94  ARG A CG  1 
ATOM   737  C CD  . ARG A 1 96  ? 5.38674   -3.54977  8.46911   1.000 13.08762 ? 94  ARG A CD  1 
ATOM   738  N NE  . ARG A 1 96  ? 4.41284   -4.38609  9.17140   1.000 13.48222 ? 94  ARG A NE  1 
ATOM   739  C CZ  . ARG A 1 96  ? 4.66794   -5.61222  9.60836   1.000 14.77908 ? 94  ARG A CZ  1 
ATOM   740  N NH1 . ARG A 1 96  ? 5.86619   -6.15786  9.40849   1.000 14.51814 ? 94  ARG A NH1 1 
ATOM   741  N NH2 . ARG A 1 96  ? 3.72764   -6.29933  10.23798  1.000 15.52772 ? 94  ARG A NH2 1 
ATOM   742  N N   . SER A 1 97  ? 1.35244   -1.60941  5.28938   1.000 10.19109 ? 95  SER A N   1 
ATOM   743  C CA  . SER A 1 97  ? 0.70396   -1.54066  3.98057   1.000 11.01720 ? 95  SER A CA  1 
ATOM   744  C C   . SER A 1 97  ? 0.03332   -0.18801  3.77850   1.000 9.33411  ? 95  SER A C   1 
ATOM   745  O O   . SER A 1 97  ? 0.08333   0.38427   2.68068   1.000 10.69898 ? 95  SER A O   1 
ATOM   746  C CB  . SER A 1 97  ? -0.32255  -2.66464  3.84138   1.000 11.10882 ? 95  SER A CB  1 
ATOM   747  O OG  . SER A 1 97  ? -1.24286  -2.65253  4.93070   1.000 12.50524 ? 95  SER A OG  1 
ATOM   748  N N   . VAL A 1 98  ? -0.57569  0.34379   4.84108   1.000 10.18861 ? 96  VAL A N   1 
ATOM   749  C CA  . VAL A 1 98  ? -1.25796  1.63482   4.78328   1.000 9.19759  ? 96  VAL A CA  1 
ATOM   750  C C   . VAL A 1 98  ? -0.28053  2.74778   4.42577   1.000 10.05274 ? 96  VAL A C   1 
ATOM   751  O O   . VAL A 1 98  ? -0.60099  3.64920   3.64315   1.000 10.27963 ? 96  VAL A O   1 
ATOM   752  C CB  . VAL A 1 98  ? -1.97526  1.89682   6.12392   1.000 10.09602 ? 96  VAL A CB  1 
ATOM   753  C CG1 . VAL A 1 98  ? -2.42910  3.35553   6.24655   1.000 11.77556 ? 96  VAL A CG1 1 
ATOM   754  C CG2 . VAL A 1 98  ? -3.15328  0.94192   6.27834   1.000 10.37035 ? 96  VAL A CG2 1 
ATOM   755  N N   . THR A 1 99  ? 0.93322   2.69184   4.97862   1.000 9.68118  ? 97  THR A N   1 
ATOM   756  C CA  . THR A 1 99  ? 1.93721   3.70994   4.69051   1.000 10.93546 ? 97  THR A CA  1 
ATOM   757  C C   . THR A 1 99  ? 2.31627   3.71398   3.21767   1.000 10.23126 ? 97  THR A C   1 
ATOM   758  O O   . THR A 1 99  ? 2.44040   4.78244   2.60894   1.000 10.44494 ? 97  THR A O   1 
ATOM   759  C CB  . THR A 1 99  ? 3.15868   3.48145   5.58038   1.000 10.29229 ? 97  THR A CB  1 
ATOM   760  O OG1 . THR A 1 99  ? 2.77310   3.69956   6.94151   1.000 12.23478 ? 97  THR A OG1 1 
ATOM   761  C CG2 . THR A 1 99  ? 4.27297   4.45513   5.23389   1.000 12.76305 ? 97  THR A CG2 1 
ATOM   762  N N   . LEU A 1 100 ? 2.51878   2.53267   2.62836   1.000 9.55725  ? 98  LEU A N   1 
ATOM   763  C CA  . LEU A 1 100 ? 2.83726   2.48554   1.20395   1.000 10.10704 ? 98  LEU A CA  1 
ATOM   764  C C   . LEU A 1 100 ? 1.69501   3.03624   0.35999   1.000 10.44241 ? 98  LEU A C   1 
ATOM   765  O O   . LEU A 1 100 ? 1.93000   3.72631   -0.63772  1.000 10.41487 ? 98  LEU A O   1 
ATOM   766  C CB  . LEU A 1 100 ? 3.18904   1.06436   0.76341   1.000 11.50391 ? 98  LEU A CB  1 
ATOM   767  C CG  . LEU A 1 100 ? 4.39944   0.42065   1.43611   1.000 11.10772 ? 98  LEU A CG  1 
ATOM   768  C CD1 . LEU A 1 100 ? 4.61436   -0.97911  0.87643   1.000 12.57706 ? 98  LEU A CD1 1 
ATOM   769  C CD2 . LEU A 1 100 ? 5.65367   1.28165   1.25475   1.000 12.80934 ? 98  LEU A CD2 1 
ATOM   770  N N   . VAL A 1 101 ? 0.44934   2.70858   0.71835   1.000 10.61177 ? 99  VAL A N   1 
ATOM   771  C CA  . VAL A 1 101 ? -0.68986  3.17826   -0.06292  1.000 9.05970  ? 99  VAL A CA  1 
ATOM   772  C C   . VAL A 1 101 ? -0.86170  4.68771   0.08116   1.000 10.37181 ? 99  VAL A C   1 
ATOM   773  O O   . VAL A 1 101 ? -1.21902  5.37818   -0.87977  1.000 9.87052  ? 99  VAL A O   1 
ATOM   774  C CB  . VAL A 1 101 ? -1.94936  2.37384   0.30033   1.000 9.10554  ? 99  VAL A CB  1 
ATOM   775  C CG1 . VAL A 1 101 ? -3.19343  3.03494   -0.28669  1.000 10.68620 ? 99  VAL A CG1 1 
ATOM   776  C CG2 . VAL A 1 101 ? -1.80209  0.93364   -0.17662  1.000 11.40713 ? 99  VAL A CG2 1 
ATOM   777  N N   . ILE A 1 102 ? -0.58873  5.22626   1.27292   1.000 10.15962 ? 100 ILE A N   1 
ATOM   778  C CA  . ILE A 1 102 ? -0.60965  6.67850   1.44822   1.000 10.45933 ? 100 ILE A CA  1 
ATOM   779  C C   . ILE A 1 102 ? 0.39060   7.34176   0.50793   1.000 11.36603 ? 100 ILE A C   1 
ATOM   780  O O   . ILE A 1 102 ? 0.07961   8.33587   -0.15635  1.000 11.16769 ? 100 ILE A O   1 
ATOM   781  C CB  . ILE A 1 102 ? -0.35018  7.05547   2.91767   1.000 11.48618 ? 100 ILE A CB  1 
ATOM   782  C CG1 . ILE A 1 102 ? -1.56550  6.70966   3.78622   1.000 10.61941 ? 100 ILE A CG1 1 
ATOM   783  C CG2 . ILE A 1 102 ? 0.04082   8.55041   3.03960   1.000 12.37635 ? 100 ILE A CG2 1 
ATOM   784  C CD1 . ILE A 1 102 ? -1.29041  6.78207   5.26874   1.000 12.60995 ? 100 ILE A CD1 1 
ATOM   785  N N   . ALA A 1 103 ? 1.60876   6.79769   0.43484   1.000 11.86013 ? 101 ALA A N   1 
ATOM   786  C CA  . ALA A 1 103 ? 2.61088   7.37252   -0.46145  1.000 11.54945 ? 101 ALA A CA  1 
ATOM   787  C C   . ALA A 1 103 ? 2.14872   7.31646   -1.91445  1.000 11.83969 ? 101 ALA A C   1 
ATOM   788  O O   . ALA A 1 103 ? 2.36077   8.26826   -2.68139  1.000 12.22446 ? 101 ALA A O   1 
ATOM   789  C CB  . ALA A 1 103 ? 3.94813   6.64565   -0.27968  1.000 13.48721 ? 101 ALA A CB  1 
ATOM   790  N N   . TYR A 1 104 ? 1.50207   6.21421   -2.30672  1.000 10.55175 ? 102 TYR A N   1 
ATOM   791  C CA  . TYR A 1 104 ? 0.91465   6.11011   -3.64041  1.000 9.62656  ? 102 TYR A CA  1 
ATOM   792  C C   . TYR A 1 104 ? -0.12927  7.20140   -3.87846  1.000 11.08315 ? 102 TYR A C   1 
ATOM   793  O O   . TYR A 1 104 ? -0.07689  7.92284   -4.88743  1.000 10.77794 ? 102 TYR A O   1 
ATOM   794  C CB  . TYR A 1 104 ? 0.28920   4.72298   -3.83356  1.000 10.37019 ? 102 TYR A CB  1 
ATOM   795  C CG  . TYR A 1 104 ? -0.30604  4.57698   -5.21364  1.000 9.78249  ? 102 TYR A CG  1 
ATOM   796  C CD1 . TYR A 1 104 ? 0.50637   4.36987   -6.32868  1.000 11.95069 ? 102 TYR A CD1 1 
ATOM   797  C CD2 . TYR A 1 104 ? -1.67942  4.68620   -5.41637  1.000 10.98424 ? 102 TYR A CD2 1 
ATOM   798  C CE1 . TYR A 1 104 ? -0.03488  4.26066   -7.60597  1.000 13.36765 ? 102 TYR A CE1 1 
ATOM   799  C CE2 . TYR A 1 104 ? -2.22385  4.59797   -6.69019  1.000 10.45233 ? 102 TYR A CE2 1 
ATOM   800  C CZ  . TYR A 1 104 ? -1.40016  4.37535   -7.78045  1.000 11.15625 ? 102 TYR A CZ  1 
ATOM   801  O OH  . TYR A 1 104 ? -1.94033  4.27011   -9.04739  1.000 13.80052 ? 102 TYR A OH  1 
ATOM   802  N N   . ILE A 1 105 ? -1.08716  7.33857   -2.95292  1.000 10.47608 ? 103 ILE A N   1 
ATOM   803  C CA  . ILE A 1 105 ? -2.15642  8.32371   -3.11836  1.000 11.57631 ? 103 ILE A CA  1 
ATOM   804  C C   . ILE A 1 105 ? -1.57724  9.72870   -3.20534  1.000 11.33546 ? 103 ILE A C   1 
ATOM   805  O O   . ILE A 1 105 ? -1.98735  10.53488  -4.05031  1.000 11.37310 ? 103 ILE A O   1 
ATOM   806  C CB  . ILE A 1 105 ? -3.18874  8.19301   -1.98066  1.000 9.48853  ? 103 ILE A CB  1 
ATOM   807  C CG1 . ILE A 1 105 ? -3.96651  6.87938   -2.10566  1.000 11.09150 ? 103 ILE A CG1 1 
ATOM   808  C CG2 . ILE A 1 105 ? -4.15041  9.39820   -1.97715  1.000 12.12301 ? 103 ILE A CG2 1 
ATOM   809  C CD1 . ILE A 1 105 ? -4.78676  6.56016   -0.85909  1.000 12.78327 ? 103 ILE A CD1 1 
ATOM   810  N N   . MET A 1 106 ? -0.59674  10.03528  -2.35019  1.000 10.63565 ? 104 MET A N   1 
ATOM   811  C CA  . MET A 1 106 ? 0.05558   11.34189  -2.38928  1.000 11.81826 ? 104 MET A CA  1 
ATOM   812  C C   . MET A 1 106 ? 0.70321   11.60887  -3.73872  1.000 12.68046 ? 104 MET A C   1 
ATOM   813  O O   . MET A 1 106 ? 0.74525   12.75979  -4.18835  1.000 14.49173 ? 104 MET A O   1 
ATOM   814  C CB  . MET A 1 106 ? 1.12714   11.41612  -1.30542  1.000 13.30420 ? 104 MET A CB  1 
ATOM   815  C CG  . MET A 1 106 ? 0.58938   11.46649  0.10653   1.000 13.13986 ? 104 MET A CG  1 
ATOM   816  S SD  . MET A 1 106 ? 1.91230   11.33989  1.32406   1.000 14.46875 ? 104 MET A SD  1 
ATOM   817  C CE  . MET A 1 106 ? 2.78746   12.87883  1.04841   1.000 16.50535 ? 104 MET A CE  1 
ATOM   818  N N   . THR A 1 107 ? 1.21795   10.57094  -4.39672  1.000 12.19903 ? 105 THR A N   1 
ATOM   819  C CA  . THR A 1 107 ? 1.93090   10.74463  -5.65801  1.000 13.14258 ? 105 THR A CA  1 
ATOM   820  C C   . THR A 1 107 ? 0.98127   10.89978  -6.84218  1.000 12.90038 ? 105 THR A C   1 
ATOM   821  O O   . THR A 1 107 ? 1.31819   11.59282  -7.81204  1.000 14.97440 ? 105 THR A O   1 
ATOM   822  C CB  . THR A 1 107 ? 2.89297   9.56369   -5.85803  1.000 12.78089 ? 105 THR A CB  1 
ATOM   823  O OG1 . THR A 1 107 ? 3.85388   9.54702   -4.79361  1.000 14.05140 ? 105 THR A OG1 1 
ATOM   824  C CG2 . THR A 1 107 ? 3.62953   9.65778   -7.18734  1.000 14.67751 ? 105 THR A CG2 1 
ATOM   825  N N   . VAL A 1 108 ? -0.20335  10.27909  -6.80000  1.000 12.25976 ? 106 VAL A N   1 
ATOM   826  C CA  . VAL A 1 108 ? -1.14918  10.34862  -7.91212  1.000 12.96728 ? 106 VAL A CA  1 
ATOM   827  C C   . VAL A 1 108 ? -2.22090  11.41830  -7.71733  1.000 13.07380 ? 106 VAL A C   1 
ATOM   828  O O   . VAL A 1 108 ? -3.12819  11.52397  -8.55188  1.000 13.51546 ? 106 VAL A O   1 
ATOM   829  C CB  . VAL A 1 108 ? -1.79459  8.98360   -8.22093  1.000 12.53399 ? 106 VAL A CB  1 
ATOM   830  C CG1 . VAL A 1 108 ? -0.72157  7.93708   -8.53796  1.000 15.10446 ? 106 VAL A CG1 1 
ATOM   831  C CG2 . VAL A 1 108 ? -2.69356  8.53299   -7.05853  1.000 12.51168 ? 106 VAL A CG2 1 
ATOM   832  N N   . THR A 1 109 ? -2.14806  12.19772  -6.63535  1.000 13.14347 ? 107 THR A N   1 
ATOM   833  C CA  . THR A 1 109 ? -3.04857  13.31269  -6.35510  1.000 12.66528 ? 107 THR A CA  1 
ATOM   834  C C   . THR A 1 109 ? -2.18508  14.49450  -5.93845  1.000 14.40128 ? 107 THR A C   1 
ATOM   835  O O   . THR A 1 109 ? -0.95762  14.42617  -6.04483  1.000 16.76348 ? 107 THR A O   1 
ATOM   836  C CB  . THR A 1 109 ? -3.99583  12.97581  -5.19371  1.000 12.64502 ? 107 THR A CB  1 
ATOM   837  O OG1 . THR A 1 109 ? -3.24889  12.87276  -3.97055  1.000 12.98389 ? 107 THR A OG1 1 
ATOM   838  C CG2 . THR A 1 109 ? -4.78212  11.67939  -5.44137  1.000 13.01487 ? 107 THR A CG2 1 
ATOM   839  N N   . ASP A 1 110 ? -2.79708  15.57062  -5.44330  1.000 14.50572 ? 108 ASP A N   1 
ATOM   840  C CA  . ASP A 1 110 ? -2.05031  16.64593  -4.80313  1.000 16.09980 ? 108 ASP A CA  1 
ATOM   841  C C   . ASP A 1 110 ? -2.14755  16.59743  -3.27991  1.000 15.92658 ? 108 ASP A C   1 
ATOM   842  O O   . ASP A 1 110 ? -1.91815  17.61104  -2.61326  1.000 16.69839 ? 108 ASP A O   1 
ATOM   843  C CB  . ASP A 1 110 ? -2.44327  18.01854  -5.36800  1.000 18.87165 ? 108 ASP A CB  1 
ATOM   844  C CG  . ASP A 1 110 ? -3.86575  18.42940  -5.02700  1.000 21.04323 ? 108 ASP A CG  1 
ATOM   845  O OD1 . ASP A 1 110 ? -4.61393  17.66706  -4.38733  1.000 17.93031 ? 108 ASP A OD1 1 
ATOM   846  O OD2 . ASP A 1 110 ? -4.24889  19.55814  -5.40860  1.000 27.86660 ? 108 ASP A OD2 1 
ATOM   847  N N   . PHE A 1 111 ? -2.46866  15.43326  -2.71632  1.000 14.13475 ? 109 PHE A N   1 
ATOM   848  C CA  . PHE A 1 111 ? -2.73880  15.32420  -1.28841  1.000 13.35004 ? 109 PHE A CA  1 
ATOM   849  C C   . PHE A 1 111 ? -1.45391  15.24497  -0.46861  1.000 13.95983 ? 109 PHE A C   1 
ATOM   850  O O   . PHE A 1 111 ? -0.48836  14.57309  -0.85361  1.000 14.71342 ? 109 PHE A O   1 
ATOM   851  C CB  . PHE A 1 111 ? -3.51168  14.03896  -0.98763  1.000 12.55811 ? 109 PHE A CB  1 
ATOM   852  C CG  . PHE A 1 111 ? -4.93779  14.01510  -1.46600  1.000 11.12761 ? 109 PHE A CG  1 
ATOM   853  C CD1 . PHE A 1 111 ? -5.47718  15.02873  -2.24297  1.000 13.73382 ? 109 PHE A CD1 1 
ATOM   854  C CD2 . PHE A 1 111 ? -5.74473  12.94011  -1.12192  1.000 11.72028 ? 109 PHE A CD2 1 
ATOM   855  C CE1 . PHE A 1 111 ? -6.79723  14.96469  -2.66769  1.000 12.59873 ? 109 PHE A CE1 1 
ATOM   856  C CE2 . PHE A 1 111 ? -7.05504  12.86260  -1.53916  1.000 12.25232 ? 109 PHE A CE2 1 
ATOM   857  C CZ  . PHE A 1 111 ? -7.58943  13.87455  -2.31880  1.000 12.57377 ? 109 PHE A CZ  1 
ATOM   858  N N   . GLY A 1 112 ? -1.48023  15.87903  0.70081   1.000 14.76495 ? 110 GLY A N   1 
ATOM   859  C CA  . GLY A 1 112 ? -0.54630  15.56371  1.75951   1.000 14.84229 ? 110 GLY A CA  1 
ATOM   860  C C   . GLY A 1 112 ? -0.91218  14.24491  2.42823   1.000 15.47028 ? 110 GLY A C   1 
ATOM   861  O O   . GLY A 1 112 ? -1.92133  13.60819  2.12386   1.000 14.55038 ? 110 GLY A O   1 
ATOM   862  N N   . TRP A 1 113 ? -0.06747  13.83057  3.37650   1.000 13.87570 ? 111 TRP A N   1 
ATOM   863  C CA  . TRP A 1 113 ? -0.25032  12.50464  3.96038   1.000 14.62400 ? 111 TRP A CA  1 
ATOM   864  C C   . TRP A 1 113 ? -1.53572  12.40608  4.77289   1.000 14.86154 ? 111 TRP A C   1 
ATOM   865  O O   . TRP A 1 113 ? -2.14975  11.33333  4.82764   1.000 13.13302 ? 111 TRP A O   1 
ATOM   866  C CB  . TRP A 1 113 ? 0.98163   12.07065  4.76839   1.000 14.76676 ? 111 TRP A CB  1 
ATOM   867  C CG  . TRP A 1 113 ? 1.13132   12.73081  6.10845   1.000 17.09357 ? 111 TRP A CG  1 
ATOM   868  C CD1 . TRP A 1 113 ? 1.80934   13.88373  6.38381   1.000 20.47932 ? 111 TRP A CD1 1 
ATOM   869  C CD2 . TRP A 1 113 ? 0.61682   12.25912  7.35655   1.000 17.78505 ? 111 TRP A CD2 1 
ATOM   870  N NE1 . TRP A 1 113 ? 1.73674   14.16339  7.72947   1.000 19.84865 ? 111 TRP A NE1 1 
ATOM   871  C CE2 . TRP A 1 113 ? 1.00832   13.18251  8.34786   1.000 20.18358 ? 111 TRP A CE2 1 
ATOM   872  C CE3 . TRP A 1 113 ? -0.14663  11.14952  7.73320   1.000 19.01756 ? 111 TRP A CE3 1 
ATOM   873  C CZ2 . TRP A 1 113 ? 0.66436   13.02853  9.69219   1.000 23.44762 ? 111 TRP A CZ2 1 
ATOM   874  C CZ3 . TRP A 1 113 ? -0.48588  10.99734  9.06817   1.000 23.87584 ? 111 TRP A CZ3 1 
ATOM   875  C CH2 . TRP A 1 113 ? -0.07943  11.93223  10.03128  1.000 25.51201 ? 111 TRP A CH2 1 
ATOM   876  N N   . GLU A 1 114 ? -1.98050  13.50352  5.39003   1.000 14.95027 ? 112 GLU A N   1 
ATOM   877  C CA  . GLU A 1 114 ? -3.18016  13.41102  6.21556   1.000 14.26323 ? 112 GLU A CA  1 
ATOM   878  C C   . GLU A 1 114 ? -4.43120  13.22430  5.36706   1.000 11.52883 ? 112 GLU A C   1 
ATOM   879  O O   . GLU A 1 114 ? -5.29920  12.41457  5.71017   1.000 12.22846 ? 112 GLU A O   1 
ATOM   880  C CB  . GLU A 1 114 ? -3.29438  14.60845  7.16035   1.000 16.31306 ? 112 GLU A CB  1 
ATOM   881  C CG  . GLU A 1 114 ? -2.19528  14.59065  8.22434   1.000 19.69500 ? 112 GLU A CG  1 
ATOM   882  C CD  . GLU A 1 114 ? -2.52229  15.42821  9.44640   1.000 30.08231 ? 112 GLU A CD  1 
ATOM   883  O OE1 . GLU A 1 114 ? -3.38416  15.01168  10.24941  1.000 31.86547 ? 112 GLU A OE1 1 
ATOM   884  O OE2 . GLU A 1 114 ? -1.90699  16.49937  9.60908   1.000 29.57681 ? 112 GLU A OE2 1 
ATOM   885  N N   . ASP A 1 115 ? -4.53564  13.94003  4.24476   1.000 12.71440 ? 113 ASP A N   1 
ATOM   886  C CA  . ASP A 1 115 ? -5.66539  13.71938  3.34273   1.000 11.74763 ? 113 ASP A CA  1 
ATOM   887  C C   . ASP A 1 115 ? -5.58378  12.35778  2.66118   1.000 11.30334 ? 113 ASP A C   1 
ATOM   888  O O   . ASP A 1 115 ? -6.62215  11.73751  2.39851   1.000 10.87205 ? 113 ASP A O   1 
ATOM   889  C CB  . ASP A 1 115 ? -5.75257  14.83720  2.30007   1.000 14.33615 ? 113 ASP A CB  1 
ATOM   890  C CG  . ASP A 1 115 ? -6.34234  16.12689  2.86080   1.000 15.93683 ? 113 ASP A CG  1 
ATOM   891  O OD1 . ASP A 1 115 ? -7.07886  16.06319  3.86037   1.000 17.45921 ? 113 ASP A OD1 1 
ATOM   892  O OD2 . ASP A 1 115 ? -6.07613  17.19592  2.27614   1.000 18.65878 ? 113 ASP A OD2 1 
ATOM   893  N N   . ALA A 1 116 ? -4.36685  11.86807  2.39239   1.000 11.45460 ? 114 ALA A N   1 
ATOM   894  C CA  . ALA A 1 116 ? -4.21252  10.50570  1.88636   1.000 11.32972 ? 114 ALA A CA  1 
ATOM   895  C C   . ALA A 1 116 ? -4.67248  9.48412   2.92264   1.000 11.07707 ? 114 ALA A C   1 
ATOM   896  O O   . ALA A 1 116 ? -5.35920  8.51309   2.58236   1.000 11.24760 ? 114 ALA A O   1 
ATOM   897  C CB  . ALA A 1 116 ? -2.76830  10.25988  1.44895   1.000 12.42686 ? 114 ALA A CB  1 
ATOM   898  N N   . LEU A 1 117 ? -4.34100  9.70198   4.20106   1.000 11.20168 ? 115 LEU A N   1 
ATOM   899  C CA  . LEU A 1 117 ? -4.80211  8.79480   5.24868   1.000 11.74458 ? 115 LEU A CA  1 
ATOM   900  C C   . LEU A 1 117 ? -6.31840  8.83045   5.37920   1.000 11.43181 ? 115 LEU A C   1 
ATOM   901  O O   . LEU A 1 117 ? -6.95593  7.79034   5.59165   1.000 11.02547 ? 115 LEU A O   1 
ATOM   902  C CB  . LEU A 1 117 ? -4.11841  9.13005   6.57959   1.000 13.36742 ? 115 LEU A CB  1 
ATOM   903  C CG  . LEU A 1 117 ? -4.58433  8.34655   7.80912   1.000 12.73670 ? 115 LEU A CG  1 
ATOM   904  C CD1 . LEU A 1 117 ? -4.42643  6.84733   7.59685   1.000 12.88514 ? 115 LEU A CD1 1 
ATOM   905  C CD2 . LEU A 1 117 ? -3.80021  8.79116   9.04478   1.000 15.89273 ? 115 LEU A CD2 1 
ATOM   906  N N   . HIS A 1 118 ? -6.91609  10.01884  5.24457   1.000 11.20116 ? 116 HIS A N   1 
ATOM   907  C CA  . HIS A 1 118 ? -8.37025  10.11254  5.26973   1.000 12.87344 ? 116 HIS A CA  1 
ATOM   908  C C   . HIS A 1 118 ? -8.97670  9.26965   4.16081   1.000 10.45874 ? 116 HIS A C   1 
ATOM   909  O O   . HIS A 1 118 ? -9.97675  8.56996   4.37075   1.000 11.36077 ? 116 HIS A O   1 
ATOM   910  C CB  . HIS A 1 118 ? -8.79321  11.57862  5.13868   1.000 12.80014 ? 116 HIS A CB  1 
ATOM   911  C CG  . HIS A 1 118 ? -10.27521 11.78621  5.11088   1.000 16.21865 ? 116 HIS A CG  1 
ATOM   912  N ND1 . HIS A 1 118 ? -11.02771 11.92170  6.25928   1.000 20.51243 ? 116 HIS A ND1 1 
ATOM   913  C CD2 . HIS A 1 118 ? -11.14397 11.88573  4.07720   1.000 16.61114 ? 116 HIS A CD2 1 
ATOM   914  C CE1 . HIS A 1 118 ? -12.29615 12.09347  5.93355   1.000 20.65664 ? 116 HIS A CE1 1 
ATOM   915  N NE2 . HIS A 1 118 ? -12.39426 12.07952  4.61602   1.000 20.36046 ? 116 HIS A NE2 1 
ATOM   916  N N   . THR A 1 119 ? -8.35554  9.30426   2.97673   1.000 10.48362 ? 117 THR A N   1 
ATOM   917  C CA  . THR A 1 119 ? -8.82084  8.50766   1.84671   1.000 11.70900 ? 117 THR A CA  1 
ATOM   918  C C   . THR A 1 119 ? -8.73334  7.01815   2.14843   1.000 9.46606  ? 117 THR A C   1 
ATOM   919  O O   . THR A 1 119 ? -9.67767  6.27083   1.88336   1.000 10.47067 ? 117 THR A O   1 
ATOM   920  C CB  . THR A 1 119 ? -7.98890  8.84470   0.60912   1.000 10.83217 ? 117 THR A CB  1 
ATOM   921  O OG1 . THR A 1 119 ? -8.11657  10.24631  0.31879   1.000 11.71953 ? 117 THR A OG1 1 
ATOM   922  C CG2 . THR A 1 119 ? -8.46225  8.04729   -0.59758  1.000 11.21157 ? 117 THR A CG2 1 
ATOM   923  N N   . VAL A 1 120 ? -7.61997  6.57507   2.73207   1.000 9.31449  ? 118 VAL A N   1 
ATOM   924  C CA  . VAL A 1 120 ? -7.50036  5.16751   3.11350   1.000 10.24774 ? 118 VAL A CA  1 
ATOM   925  C C   . VAL A 1 120 ? -8.57607  4.79566   4.12514   1.000 11.48173 ? 118 VAL A C   1 
ATOM   926  O O   . VAL A 1 120 ? -9.24525  3.76231   3.99681   1.000 10.93492 ? 118 VAL A O   1 
ATOM   927  C CB  . VAL A 1 120 ? -6.08619  4.85015   3.63438   1.000 11.15579 ? 118 VAL A CB  1 
ATOM   928  C CG1 . VAL A 1 120 ? -6.01485  3.40345   4.09256   1.000 11.51130 ? 118 VAL A CG1 1 
ATOM   929  C CG2 . VAL A 1 120 ? -5.05272  5.08590   2.54701   1.000 11.50236 ? 118 VAL A CG2 1 
ATOM   930  N N   . ARG A 1 121 ? -8.77980  5.65369   5.13812   1.000 11.07610 ? 119 ARG A N   1 
ATOM   931  C CA  . ARG A 1 121 ? -9.71842  5.33822   6.21135   1.000 12.05152 ? 119 ARG A CA  1 
ATOM   932  C C   . ARG A 1 121 ? -11.15787 5.29177   5.72360   1.000 11.77226 ? 119 ARG A C   1 
ATOM   933  O O   . ARG A 1 121 ? -11.98280 4.59844   6.32608   1.000 13.24528 ? 119 ARG A O   1 
ATOM   934  C CB  . ARG A 1 121 ? -9.57975  6.34637   7.34933   1.000 12.26020 ? 119 ARG A CB  1 
ATOM   935  C CG  . ARG A 1 121 ? -8.35600  6.10037   8.17671   1.000 12.41086 ? 119 ARG A CG  1 
ATOM   936  C CD  . ARG A 1 121 ? -8.21638  7.14472   9.24871   1.000 14.31960 ? 119 ARG A CD  1 
ATOM   937  N NE  . ARG A 1 121 ? -7.20436  6.73915   10.21081  1.000 15.45999 ? 119 ARG A NE  1 
ATOM   938  C CZ  . ARG A 1 121 ? -6.60769  7.56419   11.06213  1.000 17.65200 ? 119 ARG A CZ  1 
ATOM   939  N NH1 . ARG A 1 121 ? -6.91680  8.85517   11.06353  1.000 17.85184 ? 119 ARG A NH1 1 
ATOM   940  N NH2 . ARG A 1 121 ? -5.69522  7.09866   11.90249  1.000 17.52995 ? 119 ARG A NH2 1 
ATOM   941  N N   . ALA A 1 122 ? -11.47561 6.00373   4.63861   1.000 12.35786 ? 120 ALA A N   1 
ATOM   942  C CA  . ALA A 1 122 ? -12.81786 5.91941   4.07420   1.000 12.88966 ? 120 ALA A CA  1 
ATOM   943  C C   . ALA A 1 122 ? -13.12749 4.50775   3.60548   1.000 13.93730 ? 120 ALA A C   1 
ATOM   944  O O   . ALA A 1 122 ? -14.29064 4.08753   3.62387   1.000 16.11878 ? 120 ALA A O   1 
ATOM   945  C CB  . ALA A 1 122 ? -12.98290 6.92447   2.92885   1.000 14.72617 ? 120 ALA A CB  1 
ATOM   946  N N   . GLY A 1 123 ? -12.10360 3.75195   3.21122   1.000 11.96954 ? 121 GLY A N   1 
ATOM   947  C CA  . GLY A 1 123 ? -12.28738 2.37394   2.79290   1.000 12.86392 ? 121 GLY A CA  1 
ATOM   948  C C   . GLY A 1 123 ? -11.94234 1.35851   3.86488   1.000 10.51654 ? 121 GLY A C   1 
ATOM   949  O O   . GLY A 1 123 ? -12.59345 0.31516   3.97237   1.000 13.99617 ? 121 GLY A O   1 
ATOM   950  N N   . ARG A 1 124 ? -10.91801 1.65447   4.66677   1.000 12.32001 ? 122 ARG A N   1 
ATOM   951  C CA  . ARG A 1 124 ? -10.42907 0.74137   5.69856   1.000 10.96719 ? 122 ARG A CA  1 
ATOM   952  C C   . ARG A 1 124 ? -10.28414 1.52833   6.99655   1.000 11.68368 ? 122 ARG A C   1 
ATOM   953  O O   . ARG A 1 124 ? -9.24887  2.15284   7.24796   1.000 11.31750 ? 122 ARG A O   1 
ATOM   954  C CB  . ARG A 1 124 ? -9.10975  0.11205   5.29171   1.000 12.01625 ? 122 ARG A CB  1 
ATOM   955  C CG  . ARG A 1 124 ? -8.61320  -0.93002  6.29100   1.000 11.66181 ? 122 ARG A CG  1 
ATOM   956  C CD  . ARG A 1 124 ? -7.57828  -1.81627  5.61896   1.000 10.80090 ? 122 ARG A CD  1 
ATOM   957  N NE  . ARG A 1 124 ? -6.99701  -2.82357  6.50891   1.000 10.82182 ? 122 ARG A NE  1 
ATOM   958  C CZ  . ARG A 1 124 ? -7.51651  -4.02668  6.72777   1.000 9.69978  ? 122 ARG A CZ  1 
ATOM   959  N NH1 . ARG A 1 124 ? -8.63641  -4.40536  6.12327   1.000 11.66120 ? 122 ARG A NH1 1 
ATOM   960  N NH2 . ARG A 1 124 ? -6.89123  -4.87989  7.52920   1.000 10.54928 ? 122 ARG A NH2 1 
ATOM   961  N N   . SER A 1 125 ? -11.32292 1.47689   7.83123   1.000 14.17464 ? 123 SER A N   1 
ATOM   962  C CA  . SER A 1 125 ? -11.39660 2.36354   8.99015   1.000 15.44641 ? 123 SER A CA  1 
ATOM   963  C C   . SER A 1 125 ? -10.28366 2.11034   10.00267  1.000 14.33367 ? 123 SER A C   1 
ATOM   964  O O   . SER A 1 125 ? -9.90053  3.02818   10.73237  1.000 15.13059 ? 123 SER A O   1 
ATOM   965  C CB  . SER A 1 125 ? -12.77106 2.25984   9.65618   1.000 19.17274 ? 123 SER A CB  1 
ATOM   966  O OG  . SER A 1 125 ? -13.03388 0.93918   10.07701  1.000 23.94983 ? 123 SER A OG  1 
ATOM   967  N N   . CYS A 1 126 ? -9.73422  0.90575   10.04140  1.000 13.38912 ? 124 CYS A N   1 
ATOM   968  C CA  . CYS A 1 126 ? -8.69757  0.57705   11.00854  1.000 14.57473 ? 124 CYS A CA  1 
ATOM   969  C C   . CYS A 1 126 ? -7.32413  1.13242   10.65721  1.000 11.92272 ? 124 CYS A C   1 
ATOM   970  O O   . CYS A 1 126 ? -6.39676  0.98484   11.45944  1.000 13.29619 ? 124 CYS A O   1 
ATOM   971  C CB  . CYS A 1 126 ? -8.64818  -0.94109  11.19334  1.000 12.93087 ? 124 CYS A CB  1 
ATOM   972  S SG  . CYS A 1 126 ? -8.01379  -1.89869  9.80632   1.000 14.52766 ? 124 CYS A SG  1 
ATOM   973  N N   . ALA A 1 127 ? -7.16359  1.76358   9.49678   1.000 11.70747 ? 125 ALA A N   1 
ATOM   974  C CA  . ALA A 1 127 ? -5.85498  2.24571   9.07092   1.000 12.06023 ? 125 ALA A CA  1 
ATOM   975  C C   . ALA A 1 127 ? -5.27019  3.22299   10.08287  1.000 12.53982 ? 125 ALA A C   1 
ATOM   976  O O   . ALA A 1 127 ? -5.94201  4.16221   10.51555  1.000 12.99457 ? 125 ALA A O   1 
ATOM   977  C CB  . ALA A 1 127 ? -5.99226  2.94032   7.71669   1.000 12.22325 ? 125 ALA A CB  1 
ATOM   978  N N   . ASN A 1 128 ? -3.99655  3.01799   10.44482  1.000 12.20146 ? 126 ASN A N   1 
ATOM   979  C CA  . ASN A 1 128 ? -3.35255  3.82882   11.47631  1.000 14.18926 ? 126 ASN A CA  1 
ATOM   980  C C   . ASN A 1 128 ? -1.84234  3.62483   11.45217  1.000 13.73293 ? 126 ASN A C   1 
ATOM   981  O O   . ASN A 1 128 ? -1.31456  2.80421   12.21175  1.000 15.26157 ? 126 ASN A O   1 
ATOM   982  C CB  . ASN A 1 128 ? -3.91252  3.47842   12.85874  1.000 15.53058 ? 126 ASN A CB  1 
ATOM   983  C CG  . ASN A 1 128 ? -3.57907  4.52320   13.90488  1.000 17.92389 ? 126 ASN A CG  1 
ATOM   984  O OD1 . ASN A 1 128 ? -3.35674  5.69074   13.58349  1.000 19.37269 ? 126 ASN A OD1 1 
ATOM   985  N ND2 . ASN A 1 128 ? -3.53545  4.10517   15.16655  1.000 20.31239 ? 126 ASN A ND2 1 
ATOM   986  N N   . PRO A 1 129 ? -1.11902  4.35183   10.60735  1.000 13.83252 ? 127 PRO A N   1 
ATOM   987  C CA  . PRO A 1 129 ? 0.34063   4.18357   10.55271  1.000 14.80031 ? 127 PRO A CA  1 
ATOM   988  C C   . PRO A 1 129 ? 1.00352   4.48743   11.89177  1.000 15.73319 ? 127 PRO A C   1 
ATOM   989  O O   . PRO A 1 129 ? 0.65629   5.45230   12.57794  1.000 16.86359 ? 127 PRO A O   1 
ATOM   990  C CB  . PRO A 1 129 ? 0.77761   5.18639   9.47928   1.000 17.25782 ? 127 PRO A CB  1 
ATOM   991  C CG  . PRO A 1 129 ? -0.45164  5.44400   8.65972   1.000 21.45778 ? 127 PRO A CG  1 
ATOM   992  C CD  . PRO A 1 129 ? -1.61365  5.31044   9.60830   1.000 15.50786 ? 127 PRO A CD  1 
ATOM   993  N N   . ALA A 1 130 ? 1.98296   3.65439   12.24333  1.000 16.07699 ? 128 ALA A N   1 
ATOM   994  C CA  . ALA A 1 130 ? 2.77931   3.86891   13.44522  1.000 18.28233 ? 128 ALA A CA  1 
ATOM   995  C C   . ALA A 1 130 ? 3.47589   5.22521   13.37659  1.000 18.46887 ? 128 ALA A C   1 
ATOM   996  O O   . ALA A 1 130 ? 3.66282   5.80589   12.30650  1.000 18.85149 ? 128 ALA A O   1 
ATOM   997  C CB  . ALA A 1 130 ? 3.81808   2.75675   13.58806  1.000 21.92346 ? 128 ALA A CB  1 
ATOM   998  N N   . VAL A 1 131 ? 3.86416   5.73523   14.54995  1.000 21.03596 ? 129 VAL A N   1 
ATOM   999  C CA  . VAL A 1 131 ? 4.34495   7.11450   14.62709  1.000 20.46152 ? 129 VAL A CA  1 
ATOM   1000 C C   . VAL A 1 131 ? 5.60751   7.31291   13.79071  1.000 19.68734 ? 129 VAL A C   1 
ATOM   1001 O O   . VAL A 1 131 ? 5.79822   8.36670   13.17424  1.000 21.75202 ? 129 VAL A O   1 
ATOM   1002 C CB  . VAL A 1 131 ? 4.52019   7.55910   16.09270  1.000 25.37843 ? 129 VAL A CB  1 
ATOM   1003 C CG1 . VAL A 1 131 ? 5.54444   6.69361   16.80368  1.000 27.60209 ? 129 VAL A CG1 1 
ATOM   1004 C CG2 . VAL A 1 131 ? 4.91575   9.02297   16.15447  1.000 29.98417 ? 129 VAL A CG2 1 
ATOM   1005 N N   . GLY A 1 132 ? 6.47582   6.29943   13.73148  1.000 19.79064 ? 130 GLY A N   1 
ATOM   1006 C CA  . GLY A 1 132 ? 7.65929   6.41007   12.89287  1.000 21.02217 ? 130 GLY A CA  1 
ATOM   1007 C C   . GLY A 1 132 ? 7.32153   6.59261   11.42554  1.000 19.74926 ? 130 GLY A C   1 
ATOM   1008 O O   . GLY A 1 132 ? 7.98145   7.35269   10.71729  1.000 19.90320 ? 130 GLY A O   1 
ATOM   1009 N N   . PHE A 1 133 ? 6.27549   5.90727   10.95410  1.000 17.90955 ? 131 PHE A N   1 
ATOM   1010 C CA  . PHE A 1 133 ? 5.86858   6.04510   9.55972   1.000 19.21518 ? 131 PHE A CA  1 
ATOM   1011 C C   . PHE A 1 133 ? 5.18093   7.37655   9.30464   1.000 16.82082 ? 131 PHE A C   1 
ATOM   1012 O O   . PHE A 1 133 ? 5.33959   7.95604   8.22506   1.000 18.81856 ? 131 PHE A O   1 
ATOM   1013 C CB  . PHE A 1 133 ? 4.95842   4.88665   9.16584   1.000 18.46693 ? 131 PHE A CB  1 
ATOM   1014 C CG  . PHE A 1 133 ? 5.63825   3.55469   9.18492   1.000 17.80238 ? 131 PHE A CG  1 
ATOM   1015 C CD1 . PHE A 1 133 ? 6.98708   3.44114   8.88688   1.000 18.63609 ? 131 PHE A CD1 1 
ATOM   1016 C CD2 . PHE A 1 133 ? 4.92739   2.40921   9.49478   1.000 19.32694 ? 131 PHE A CD2 1 
ATOM   1017 C CE1 . PHE A 1 133 ? 7.61088   2.20324   8.90135   1.000 21.32725 ? 131 PHE A CE1 1 
ATOM   1018 C CE2 . PHE A 1 133 ? 5.54042   1.17444   9.51303   1.000 21.87988 ? 131 PHE A CE2 1 
ATOM   1019 C CZ  . PHE A 1 133 ? 6.88724   1.06664   9.21850   1.000 21.96350 ? 131 PHE A CZ  1 
ATOM   1020 N N   . GLN A 1 134 ? 4.42669   7.88367   10.28313  1.000 17.75398 ? 132 GLN A N   1 
ATOM   1021 C CA  . GLN A 1 134 ? 3.89028   9.23341   10.16085  1.000 20.74249 ? 132 GLN A CA  1 
ATOM   1022 C C   . GLN A 1 134 ? 5.00917   10.24282  9.96022   1.000 20.03276 ? 132 GLN A C   1 
ATOM   1023 O O   . GLN A 1 134 ? 4.89960   11.14606  9.12477   1.000 23.19788 ? 132 GLN A O   1 
ATOM   1024 C CB  . GLN A 1 134 ? 3.08172   9.59751   11.40189  1.000 23.29918 ? 132 GLN A CB  1 
ATOM   1025 C CG  . GLN A 1 134 ? 1.84121   8.77013   11.60421  1.000 24.18298 ? 132 GLN A CG  1 
ATOM   1026 C CD  . GLN A 1 134 ? 1.09846   9.17223   12.85704  1.000 27.72286 ? 132 GLN A CD  1 
ATOM   1027 O OE1 . GLN A 1 134 ? 0.97255   10.35817  13.15984  1.000 31.00969 ? 132 GLN A OE1 1 
ATOM   1028 N NE2 . GLN A 1 134 ? 0.60849   8.18532   13.59937  1.000 29.67333 ? 132 GLN A NE2 1 
ATOM   1029 N N   . ARG A 1 135 ? 6.09320   10.11043  10.73093  1.000 21.50586 ? 133 ARG A N   1 
ATOM   1030 C CA  . ARG A 1 135 ? 7.21901   11.02498  10.57513  1.000 23.40790 ? 133 ARG A CA  1 
ATOM   1031 C C   . ARG A 1 135 ? 7.84098   10.90521  9.18942   1.000 18.95916 ? 133 ARG A C   1 
ATOM   1032 O O   . ARG A 1 135 ? 8.16166   11.91948  8.55716   1.000 22.39956 ? 133 ARG A O   1 
ATOM   1033 C CB  . ARG A 1 135 ? 8.25684   10.77319  11.67142  1.000 25.85230 ? 133 ARG A CB  1 
ATOM   1034 C CG  . ARG A 1 135 ? 7.75521   11.09083  13.07793  1.000 29.55036 ? 133 ARG A CG  1 
ATOM   1035 C CD  . ARG A 1 135 ? 8.88701   11.01691  14.10398  1.000 32.45748 ? 133 ARG A CD  1 
ATOM   1036 N NE  . ARG A 1 135 ? 9.54053   9.70923   14.11056  1.000 36.97617 ? 133 ARG A NE  1 
ATOM   1037 C CZ  . ARG A 1 135 ? 9.39504   8.79957   15.07221  1.000 34.71630 ? 133 ARG A CZ  1 
ATOM   1038 N NH1 . ARG A 1 135 ? 10.03189  7.63717   14.98504  1.000 32.53253 ? 133 ARG A NH1 1 
ATOM   1039 N NH2 . ARG A 1 135 ? 8.61823   9.04966   16.12205  1.000 34.03823 ? 133 ARG A NH2 1 
ATOM   1040 N N   . GLN A 1 136 ? 8.00719   9.67438   8.69380   1.000 19.30671 ? 134 GLN A N   1 
ATOM   1041 C CA  . GLN A 1 136 ? 8.52544   9.48580   7.34128   1.000 19.35467 ? 134 GLN A CA  1 
ATOM   1042 C C   . GLN A 1 136 ? 7.59167   10.08947  6.29630   1.000 19.87065 ? 134 GLN A C   1 
ATOM   1043 O O   . GLN A 1 136 ? 8.05107   10.67078  5.30756   1.000 20.67745 ? 134 GLN A O   1 
ATOM   1044 C CB  . GLN A 1 136 ? 8.78276   8.00029   7.06467   1.000 20.04978 ? 134 GLN A CB  1 
ATOM   1045 C CG  . GLN A 1 136 ? 9.88653   7.38284   7.93208   1.000 22.50423 ? 134 GLN A CG  1 
ATOM   1046 C CD  . GLN A 1 136 ? 10.02611  5.87228   7.74197   1.000 20.46322 ? 134 GLN A CD  1 
ATOM   1047 O OE1 . GLN A 1 136 ? 10.05077  5.37078   6.61477   1.000 23.00271 ? 134 GLN A OE1 1 
ATOM   1048 N NE2 . GLN A 1 136 ? 10.12921  5.14385   8.85138   1.000 20.63049 ? 134 GLN A NE2 1 
ATOM   1049 N N   . LEU A 1 137 ? 6.27563   9.97920   6.50728   1.000 17.44514 ? 135 LEU A N   1 
ATOM   1050 C CA  . LEU A 1 137 ? 5.32563   10.53332  5.54553   1.000 18.54701 ? 135 LEU A CA  1 
ATOM   1051 C C   . LEU A 1 137 ? 5.33610   12.05952  5.55882   1.000 17.41554 ? 135 LEU A C   1 
ATOM   1052 O O   . LEU A 1 137 ? 5.23590   12.69436  4.50104   1.000 18.75972 ? 135 LEU A O   1 
ATOM   1053 C CB  . LEU A 1 137 ? 3.92647   9.99117   5.82470   1.000 16.77459 ? 135 LEU A CB  1 
ATOM   1054 C CG  . LEU A 1 137 ? 3.70479   8.52453   5.45321   1.000 15.18415 ? 135 LEU A CG  1 
ATOM   1055 C CD1 . LEU A 1 137 ? 2.40992   7.99733   6.07637   1.000 15.25696 ? 135 LEU A CD1 1 
ATOM   1056 C CD2 . LEU A 1 137 ? 3.71266   8.34814   3.93744   1.000 16.76768 ? 135 LEU A CD2 1 
ATOM   1057 N N   . GLN A 1 138 ? 5.46253   12.66603  6.74497   1.000 19.94518 ? 136 GLN A N   1 
ATOM   1058 C CA  . GLN A 1 138 ? 5.55326   14.12261  6.82167   1.000 21.94878 ? 136 GLN A CA  1 
ATOM   1059 C C   . GLN A 1 138 ? 6.80325   14.63457  6.11611   1.000 22.65144 ? 136 GLN A C   1 
ATOM   1060 O O   . GLN A 1 138 ? 6.74291   15.61001  5.35756   1.000 24.06677 ? 136 GLN A O   1 
ATOM   1061 C CB  . GLN A 1 138 ? 5.51758   14.57973  8.28026   1.000 24.14860 ? 136 GLN A CB  1 
ATOM   1062 C CG  . GLN A 1 138 ? 5.55957   16.10102  8.46830   1.000 26.94950 ? 136 GLN A CG  1 
ATOM   1063 C CD  . GLN A 1 138 ? 4.29310   16.80337  7.99189   1.000 32.58774 ? 136 GLN A CD  1 
ATOM   1064 O OE1 . GLN A 1 138 ? 3.18620   16.49984  8.44319   1.000 35.15345 ? 136 GLN A OE1 1 
ATOM   1065 N NE2 . GLN A 1 138 ? 4.45684   17.76093  7.08432   1.000 38.23429 ? 136 GLN A NE2 1 
ATOM   1066 N N   . GLU A 1 139 ? 7.94251   13.97293  6.33537   1.000 21.48037 ? 137 GLU A N   1 
ATOM   1067 C CA  . GLU A 1 139 ? 9.16274   14.35050  5.62894   1.000 26.91178 ? 137 GLU A CA  1 
ATOM   1068 C C   . GLU A 1 139 ? 9.00519   14.17068  4.12417   1.000 25.72381 ? 137 GLU A C   1 
ATOM   1069 O O   . GLU A 1 139 ? 9.45925   15.01137  3.33744   1.000 26.28867 ? 137 GLU A O   1 
ATOM   1070 C CB  . GLU A 1 139 ? 10.33814  13.52714  6.15530   1.000 27.77293 ? 137 GLU A CB  1 
ATOM   1071 C CG  . GLU A 1 139 ? 11.68107  13.89237  5.55340   1.000 34.52603 ? 137 GLU A CG  1 
ATOM   1072 C CD  . GLU A 1 139 ? 12.20083  15.23480  6.03990   1.000 37.70161 ? 137 GLU A CD  1 
ATOM   1073 O OE1 . GLU A 1 139 ? 13.20494  15.71547  5.47487   1.000 43.42770 ? 137 GLU A OE1 1 
ATOM   1074 O OE2 . GLU A 1 139 ? 11.61256  15.80667  6.98484   1.000 36.61167 ? 137 GLU A OE2 1 
ATOM   1075 N N   . PHE A 1 140 ? 8.36347   13.07426  3.70669   1.000 21.72277 ? 138 PHE A N   1 
ATOM   1076 C CA  . PHE A 1 140 ? 8.08825   12.84946  2.29181   1.000 20.15036 ? 138 PHE A CA  1 
ATOM   1077 C C   . PHE A 1 140 ? 7.24415   13.98157  1.71356   1.000 19.09291 ? 138 PHE A C   1 
ATOM   1078 O O   . PHE A 1 140 ? 7.53748   14.49148  0.62652   1.000 20.22889 ? 138 PHE A O   1 
ATOM   1079 C CB  . PHE A 1 140 ? 7.39533   11.48915  2.14607   1.000 21.88121 ? 138 PHE A CB  1 
ATOM   1080 C CG  . PHE A 1 140 ? 7.00327   11.12339  0.73785   1.000 17.05527 ? 138 PHE A CG  1 
ATOM   1081 C CD1 . PHE A 1 140 ? 7.95459   10.89617  -0.23741  1.000 18.31375 ? 138 PHE A CD1 1 
ATOM   1082 C CD2 . PHE A 1 140 ? 5.66185   10.95562  0.40698   1.000 16.54113 ? 138 PHE A CD2 1 
ATOM   1083 C CE1 . PHE A 1 140 ? 7.58133   10.54203  -1.52402  1.000 17.61872 ? 138 PHE A CE1 1 
ATOM   1084 C CE2 . PHE A 1 140 ? 5.27922   10.59811  -0.87086  1.000 15.90300 ? 138 PHE A CE2 1 
ATOM   1085 C CZ  . PHE A 1 140 ? 6.23353   10.38786  -1.83987  1.000 15.50037 ? 138 PHE A CZ  1 
ATOM   1086 N N   . GLU A 1 141 ? 6.20555   14.40578  2.44012   1.000 20.03731 ? 139 GLU A N   1 
ATOM   1087 C CA  . GLU A 1 141 ? 5.36389   15.50454  1.96836   1.000 20.87432 ? 139 GLU A CA  1 
ATOM   1088 C C   . GLU A 1 141 ? 6.16864   16.78928  1.80315   1.000 22.90629 ? 139 GLU A C   1 
ATOM   1089 O O   . GLU A 1 141 ? 5.96615   17.54236  0.84330   1.000 24.32581 ? 139 GLU A O   1 
ATOM   1090 C CB  . GLU A 1 141 ? 4.20380   15.73721  2.93884   1.000 19.28054 ? 139 GLU A CB  1 
ATOM   1091 C CG  . GLU A 1 141 ? 3.28537   16.88263  2.50709   1.000 21.21492 ? 139 GLU A CG  1 
ATOM   1092 C CD  . GLU A 1 141 ? 2.10984   17.10256  3.43979   1.000 20.17379 ? 139 GLU A CD  1 
ATOM   1093 O OE1 . GLU A 1 141 ? 1.67093   16.13552  4.10612   1.000 18.84307 ? 139 GLU A OE1 1 
ATOM   1094 O OE2 . GLU A 1 141 ? 1.61379   18.25337  3.50337   1.000 24.49628 ? 139 GLU A OE2 1 
ATOM   1095 N N   . LYS A 1 142 ? 7.09747   17.04532  2.72323   1.000 21.32043 ? 140 LYS A N   1 
ATOM   1096 C CA  . LYS A 1 142 ? 7.80442   18.32039  2.73537   1.000 27.25205 ? 140 LYS A CA  1 
ATOM   1097 C C   . LYS A 1 142 ? 8.80993   18.42687  1.59452   1.000 29.47973 ? 140 LYS A C   1 
ATOM   1098 O O   . LYS A 1 142 ? 8.90852   19.47767  0.95044   1.000 30.52235 ? 140 LYS A O   1 
ATOM   1099 C CB  . LYS A 1 142 ? 8.49957   18.50267  4.08512   1.000 27.98246 ? 140 LYS A CB  1 
ATOM   1100 C CG  . LYS A 1 142 ? 8.54611   19.94002  4.57255   1.000 37.72865 ? 140 LYS A CG  1 
ATOM   1101 C CD  . LYS A 1 142 ? 9.63392   20.13771  5.61686   1.000 40.47075 ? 140 LYS A CD  1 
ATOM   1102 C CE  . LYS A 1 142 ? 10.01375  21.60478  5.74112   1.000 38.61780 ? 140 LYS A CE  1 
ATOM   1103 N NZ  . LYS A 1 142 ? 9.99187   22.28504  4.41415   1.000 39.47605 ? 140 LYS A NZ  1 
ATOM   1104 N N   . HIS A 1 143 ? 9.55693   17.35032  1.32029   1.000 30.47984 ? 141 HIS A N   1 
ATOM   1105 C CA  . HIS A 1 143 ? 10.77209  17.43694  0.52091   1.000 31.14122 ? 141 HIS A CA  1 
ATOM   1106 C C   . HIS A 1 143 ? 10.77973  16.59411  -0.74595  1.000 31.32489 ? 141 HIS A C   1 
ATOM   1107 O O   . HIS A 1 143 ? 11.66690  16.79266  -1.58410  1.000 32.97078 ? 141 HIS A O   1 
ATOM   1108 C CB  . HIS A 1 143 ? 11.99302  17.00310  1.35015   1.000 34.87052 ? 141 HIS A CB  1 
ATOM   1109 C CG  . HIS A 1 143 ? 12.28339  17.88170  2.52756   1.000 35.65963 ? 141 HIS A CG  1 
ATOM   1110 N ND1 . HIS A 1 143 ? 11.96529  17.52168  3.81951   1.000 37.94398 ? 141 HIS A ND1 1 
ATOM   1111 C CD2 . HIS A 1 143 ? 12.87743  19.09584  2.61066   1.000 37.67422 ? 141 HIS A CD2 1 
ATOM   1112 C CE1 . HIS A 1 143 ? 12.34706  18.47788  4.64782   1.000 38.53608 ? 141 HIS A CE1 1 
ATOM   1113 N NE2 . HIS A 1 143 ? 12.90119  19.44512  3.93944   1.000 39.29061 ? 141 HIS A NE2 1 
ATOM   1114 N N   . GLU A 1 144 ? 9.85136   15.65288  -0.91071  1.000 23.70498 ? 142 GLU A N   1 
ATOM   1115 C CA  . GLU A 1 144 ? 10.05844  14.60135  -1.89942  1.000 22.17509 ? 142 GLU A CA  1 
ATOM   1116 C C   . GLU A 1 144 ? 8.85046   14.32517  -2.77911  1.000 19.77902 ? 142 GLU A C   1 
ATOM   1117 O O   . GLU A 1 144 ? 9.00774   13.93115  -3.93863  1.000 17.84648 ? 142 GLU A O   1 
ATOM   1118 C CB  . GLU A 1 144 ? 10.44262  13.30857  -1.19048  1.000 23.74802 ? 142 GLU A CB  1 
ATOM   1119 C CG  . GLU A 1 144 ? 11.89137  13.24936  -0.75893  1.000 32.16167 ? 142 GLU A CG  1 
ATOM   1120 C CD  . GLU A 1 144 ? 12.49655  11.88269  -1.01710  1.000 31.07686 ? 142 GLU A CD  1 
ATOM   1121 O OE1 . GLU A 1 144 ? 12.86193  11.59746  -2.17525  1.000 35.85346 ? 142 GLU A OE1 1 
ATOM   1122 O OE2 . GLU A 1 144 ? 12.57732  11.09054  -0.05939  1.000 32.77479 ? 142 GLU A OE2 1 
ATOM   1123 N N   . VAL A 1 145 ? 7.64397   14.49065  -2.23546  1.000 19.57969 ? 143 VAL A N   1 
ATOM   1124 C CA  . VAL A 1 145 ? 6.45773   14.10543  -2.99583  1.000 18.78040 ? 143 VAL A CA  1 
ATOM   1125 C C   . VAL A 1 145 ? 6.36164   14.89265  -4.29813  1.000 17.39767 ? 143 VAL A C   1 
ATOM   1126 O O   . VAL A 1 145 ? 5.93420   14.35778  -5.32708  1.000 17.02603 ? 143 VAL A O   1 
ATOM   1127 C CB  . VAL A 1 145 ? 5.18769   14.18866  -2.11975  1.000 16.58988 ? 143 VAL A CB  1 
ATOM   1128 C CG1 . VAL A 1 145 ? 4.85049   15.63132  -1.76483  1.000 19.97704 ? 143 VAL A CG1 1 
ATOM   1129 C CG2 . VAL A 1 145 ? 4.01062   13.49245  -2.81807  1.000 16.61244 ? 143 VAL A CG2 1 
ATOM   1130 N N   . HIS A 1 146 ? 6.81168   16.15309  -4.29428  1.000 20.75430 ? 144 HIS A N   1 
ATOM   1131 C CA  . HIS A 1 146 ? 6.79533   16.93465  -5.52570  1.000 21.83165 ? 144 HIS A CA  1 
ATOM   1132 C C   . HIS A 1 146 ? 7.72962   16.33622  -6.57180  1.000 20.23121 ? 144 HIS A C   1 
ATOM   1133 O O   . HIS A 1 146 ? 7.40081   16.31017  -7.76361  1.000 21.61355 ? 144 HIS A O   1 
ATOM   1134 C CB  . HIS A 1 146 ? 7.13041   18.39947  -5.22996  1.000 25.07879 ? 144 HIS A CB  1 
ATOM   1135 C CG  . HIS A 1 146 ? 6.17662   19.04791  -4.27366  1.000 26.02129 ? 144 HIS A CG  1 
ATOM   1136 N ND1 . HIS A 1 146 ? 5.01747   19.66706  -4.68765  1.000 29.75487 ? 144 HIS A ND1 1 
ATOM   1137 C CD2 . HIS A 1 146 ? 6.19809   19.15593  -2.92325  1.000 26.10522 ? 144 HIS A CD2 1 
ATOM   1138 C CE1 . HIS A 1 146 ? 4.36778   20.13263  -3.63561  1.000 27.84396 ? 144 HIS A CE1 1 
ATOM   1139 N NE2 . HIS A 1 146 ? 5.06318   19.83556  -2.55228  1.000 28.67390 ? 144 HIS A NE2 1 
ATOM   1140 N N   . GLN A 1 147 ? 8.88944   15.82792  -6.14184  1.000 19.87449 ? 145 GLN A N   1 
ATOM   1141 C CA  . GLN A 1 147 ? 9.77566   15.12163  -7.06576  1.000 21.55401 ? 145 GLN A CA  1 
ATOM   1142 C C   . GLN A 1 147 ? 9.13341   13.83705  -7.57963  1.000 19.81130 ? 145 GLN A C   1 
ATOM   1143 O O   . GLN A 1 147 ? 9.29371   13.48413  -8.75352  1.000 21.22109 ? 145 GLN A O   1 
ATOM   1144 C CB  . GLN A 1 147 ? 11.11252  14.80986  -6.38993  1.000 23.86990 ? 145 GLN A CB  1 
ATOM   1145 C CG  . GLN A 1 147 ? 11.97904  16.02609  -6.09381  1.000 27.14426 ? 145 GLN A CG  1 
ATOM   1146 C CD  . GLN A 1 147 ? 13.31536  15.64784  -5.48384  1.000 33.52228 ? 145 GLN A CD  1 
ATOM   1147 O OE1 . GLN A 1 147 ? 13.59531  14.47108  -5.25067  1.000 35.89985 ? 145 GLN A OE1 1 
ATOM   1148 N NE2 . GLN A 1 147 ? 14.15150  16.64667  -5.22652  1.000 34.62531 ? 145 GLN A NE2 1 
ATOM   1149 N N   . TYR A 1 148 ? 8.41068   13.11995  -6.70841  1.000 19.38444 ? 146 TYR A N   1 
ATOM   1150 C CA  . TYR A 1 148 ? 7.75969   11.87694  -7.11994  1.000 20.60295 ? 146 TYR A CA  1 
ATOM   1151 C C   . TYR A 1 148 ? 6.63964   12.14358  -8.11792  1.000 17.10695 ? 146 TYR A C   1 
ATOM   1152 O O   . TYR A 1 148 ? 6.43407   11.36129  -9.04975  1.000 17.73289 ? 146 TYR A O   1 
ATOM   1153 C CB  . TYR A 1 148 ? 7.20036   11.14346  -5.89785  1.000 18.87997 ? 146 TYR A CB  1 
ATOM   1154 C CG  . TYR A 1 148 ? 8.17655   10.22582  -5.18959  1.000 20.12301 ? 146 TYR A CG  1 
ATOM   1155 C CD1 . TYR A 1 148 ? 9.43998   10.66867  -4.80454  1.000 22.43940 ? 146 TYR A CD1 1 
ATOM   1156 C CD2 . TYR A 1 148 ? 7.81754   8.91964   -4.87611  1.000 19.85548 ? 146 TYR A CD2 1 
ATOM   1157 C CE1 . TYR A 1 148 ? 10.32522  9.82262   -4.14181  1.000 23.45333 ? 146 TYR A CE1 1 
ATOM   1158 C CE2 . TYR A 1 148 ? 8.69333   8.06871   -4.21788  1.000 20.55568 ? 146 TYR A CE2 1 
ATOM   1159 C CZ  . TYR A 1 148 ? 9.93914   8.52627   -3.85190  1.000 22.30692 ? 146 TYR A CZ  1 
ATOM   1160 O OH  . TYR A 1 148 ? 10.79679  7.67222   -3.19876  1.000 27.27019 ? 146 TYR A OH  1 
ATOM   1161 N N   . ARG A 1 149 ? 5.89783   13.23992  -7.93283  1.000 18.51754 ? 147 ARG A N   1 
ATOM   1162 C CA  . ARG A 1 149 ? 4.84560   13.57710  -8.88743  1.000 19.03089 ? 147 ARG A CA  1 
ATOM   1163 C C   . ARG A 1 149 ? 5.43287   13.89324  -10.25560 1.000 17.89480 ? 147 ARG A C   1 
ATOM   1164 O O   . ARG A 1 149 ? 4.86708   13.51175  -11.28684 1.000 19.18960 ? 147 ARG A O   1 
ATOM   1165 C CB  . ARG A 1 149 ? 4.01282   14.75159  -8.37559  1.000 17.56493 ? 147 ARG A CB  1 
ATOM   1166 C CG  . ARG A 1 149 ? 3.23469   14.44305  -7.10863  1.000 17.78907 ? 147 ARG A CG  1 
ATOM   1167 C CD  . ARG A 1 149 ? 2.54535   15.66605  -6.53624  1.000 18.32433 ? 147 ARG A CD  1 
ATOM   1168 N NE  . ARG A 1 149 ? 1.81934   15.28295  -5.33439  1.000 16.48941 ? 147 ARG A NE  1 
ATOM   1169 C CZ  . ARG A 1 149 ? 1.68404   16.03051  -4.24551  1.000 16.22660 ? 147 ARG A CZ  1 
ATOM   1170 N NH1 . ARG A 1 149 ? 2.22733   17.24583  -4.18322  1.000 20.60831 ? 147 ARG A NH1 1 
ATOM   1171 N NH2 . ARG A 1 149 ? 1.01217   15.55890  -3.19894  1.000 16.76921 ? 147 ARG A NH2 1 
ATOM   1172 N N   . GLN A 1 150 ? 6.57500   14.58615  -10.27786 1.000 20.89767 ? 148 GLN A N   1 
ATOM   1173 C CA  . GLN A 1 150 ? 7.24675   14.85460  -11.54386 1.000 22.59246 ? 148 GLN A CA  1 
ATOM   1174 C C   . GLN A 1 150 ? 7.77578   13.56953  -12.16814 1.000 21.92585 ? 148 GLN A C   1 
ATOM   1175 O O   . GLN A 1 150 ? 7.68659   13.38145  -13.38793 1.000 22.66081 ? 148 GLN A O   1 
ATOM   1176 C CB  . GLN A 1 150 ? 8.36849   15.87225  -11.33242 1.000 25.03083 ? 148 GLN A CB  1 
ATOM   1177 C CG  . GLN A 1 150 ? 9.10103   16.26479  -12.61030 1.000 29.33380 ? 148 GLN A CG  1 
ATOM   1178 C CD  . GLN A 1 150 ? 8.17263   16.82382  -13.68136 1.000 31.29667 ? 148 GLN A CD  1 
ATOM   1179 O OE1 . GLN A 1 150 ? 7.15614   17.45529  -13.38109 1.000 32.12489 ? 148 GLN A OE1 1 
ATOM   1180 N NE2 . GLN A 1 150 ? 8.52554   16.59651  -14.94202 1.000 37.49213 ? 148 GLN A NE2 1 
ATOM   1181 N N   . TRP A 1 151 ? 8.31802   12.66867  -11.34419 1.000 20.97961 ? 149 TRP A N   1 
ATOM   1182 C CA  . TRP A 1 151 ? 8.75986   11.37230  -11.84910 1.000 22.01172 ? 149 TRP A CA  1 
ATOM   1183 C C   . TRP A 1 151 ? 7.59855   10.59654  -12.45669 1.000 22.67946 ? 149 TRP A C   1 
ATOM   1184 O O   . TRP A 1 151 ? 7.73716   9.98490   -13.52254 1.000 24.90426 ? 149 TRP A O   1 
ATOM   1185 C CB  . TRP A 1 151 ? 9.40351   10.57322  -10.71676 1.000 23.75408 ? 149 TRP A CB  1 
ATOM   1186 C CG  . TRP A 1 151 ? 9.53887   9.10568   -11.00410 1.000 27.30367 ? 149 TRP A CG  1 
ATOM   1187 C CD1 . TRP A 1 151 ? 10.55700  8.49083   -11.67686 1.000 28.21725 ? 149 TRP A CD1 1 
ATOM   1188 C CD2 . TRP A 1 151 ? 8.62676   8.06726   -10.62250 1.000 27.02942 ? 149 TRP A CD2 1 
ATOM   1189 N NE1 . TRP A 1 151 ? 10.33433  7.13617   -11.73819 1.000 31.74585 ? 149 TRP A NE1 1 
ATOM   1190 C CE2 . TRP A 1 151 ? 9.15734   6.85009   -11.09719 1.000 28.55120 ? 149 TRP A CE2 1 
ATOM   1191 C CE3 . TRP A 1 151 ? 7.41336   8.04909   -9.92641  1.000 24.43721 ? 149 TRP A CE3 1 
ATOM   1192 C CZ2 . TRP A 1 151 ? 8.51432   5.62822   -10.90240 1.000 29.93192 ? 149 TRP A CZ2 1 
ATOM   1193 C CZ3 . TRP A 1 151 ? 6.77850   6.83583   -9.73248  1.000 24.49443 ? 149 TRP A CZ3 1 
ATOM   1194 C CH2 . TRP A 1 151 ? 7.33126   5.64153   -10.21742 1.000 26.39356 ? 149 TRP A CH2 1 
ATOM   1195 N N   . LEU A 1 152 ? 6.43792   10.61962  -11.79578 1.000 20.56242 ? 150 LEU A N   1 
ATOM   1196 C CA  . LEU A 1 152 ? 5.27074   9.92283   -12.32515 1.000 20.41968 ? 150 LEU A CA  1 
ATOM   1197 C C   . LEU A 1 152 ? 4.84885   10.49890  -13.66775 1.000 21.99676 ? 150 LEU A C   1 
ATOM   1198 O O   . LEU A 1 152 ? 4.49954   9.75253   -14.58956 1.000 21.90684 ? 150 LEU A O   1 
ATOM   1199 C CB  . LEU A 1 152 ? 4.11997   10.01630  -11.32491 1.000 19.63580 ? 150 LEU A CB  1 
ATOM   1200 C CG  . LEU A 1 152 ? 2.92439   9.10435   -11.61526 1.000 18.69437 ? 150 LEU A CG  1 
ATOM   1201 C CD1 . LEU A 1 152 ? 3.11146   7.76994   -10.92024 1.000 17.06976 ? 150 LEU A CD1 1 
ATOM   1202 C CD2 . LEU A 1 152 ? 1.62982   9.76222   -11.17438 1.000 17.71821 ? 150 LEU A CD2 1 
ATOM   1203 N N   . LYS A 1 153 ? 4.86787   11.82805  -13.78956 1.000 24.11891 ? 151 LYS A N   1 
ATOM   1204 C CA  . LYS A 1 153 ? 4.53513   12.46999  -15.05699 1.000 24.87827 ? 151 LYS A CA  1 
ATOM   1205 C C   . LYS A 1 153 ? 5.50545   12.04903  -16.15590 1.000 25.71295 ? 151 LYS A C   1 
ATOM   1206 O O   . LYS A 1 153 ? 5.09384   11.72364  -17.27562 1.000 26.89328 ? 151 LYS A O   1 
ATOM   1207 C CB  . LYS A 1 153 ? 4.54531   13.98960  -14.87499 1.000 26.20462 ? 151 LYS A CB  1 
ATOM   1208 C CG  . LYS A 1 153 ? 4.33490   14.78541  -16.15937 1.000 32.18568 ? 151 LYS A CG  1 
ATOM   1209 C CD  . LYS A 1 153 ? 3.52382   16.04851  -15.89451 1.000 37.76656 ? 151 LYS A CD  1 
ATOM   1210 C CE  . LYS A 1 153 ? 3.28083   16.84083  -17.17560 1.000 41.98378 ? 151 LYS A CE  1 
ATOM   1211 N NZ  . LYS A 1 153 ? 3.67466   18.27268  -17.04011 1.000 44.60422 ? 151 LYS A NZ  1 
ATOM   1212 N N   . GLU A 1 154 ? 6.80219   12.03143  -15.84561 1.000 27.22995 ? 152 GLU A N   1 
ATOM   1213 C CA  . GLU A 1 154 ? 7.79734   11.69992  -16.86095 1.000 29.12408 ? 152 GLU A CA  1 
ATOM   1214 C C   . GLU A 1 154 ? 7.73771   10.22669  -17.24341 1.000 29.08840 ? 152 GLU A C   1 
ATOM   1215 O O   . GLU A 1 154 ? 7.95743   9.87230   -18.40800 1.000 31.99554 ? 152 GLU A O   1 
ATOM   1216 C CB  . GLU A 1 154 ? 9.18965   12.07443  -16.35898 1.000 32.02651 ? 152 GLU A CB  1 
ATOM   1217 C CG  . GLU A 1 154 ? 9.40455   13.57031  -16.22324 1.000 35.11225 ? 152 GLU A CG  1 
ATOM   1218 C CD  . GLU A 1 154 ? 10.74436  13.91128  -15.60294 1.000 39.75034 ? 152 GLU A CD  1 
ATOM   1219 O OE1 . GLU A 1 154 ? 11.03711  15.11672  -15.44410 1.000 42.01924 ? 152 GLU A OE1 1 
ATOM   1220 O OE2 . GLU A 1 154 ? 11.50320  12.97408  -15.27221 1.000 44.20969 ? 152 GLU A OE2 1 
ATOM   1221 N N   . GLU A 1 155 ? 7.43874   9.35352   -16.28113 1.000 25.67514 ? 153 GLU A N   1 
ATOM   1222 C CA  . GLU A 1 155 ? 7.43083   7.92149   -16.55817 1.000 27.25908 ? 153 GLU A CA  1 
ATOM   1223 C C   . GLU A 1 155 ? 6.15789   7.48661   -17.27677 1.000 26.34177 ? 153 GLU A C   1 
ATOM   1224 O O   . GLU A 1 155 ? 6.20889   6.63517   -18.17203 1.000 28.60284 ? 153 GLU A O   1 
ATOM   1225 C CB  . GLU A 1 155 ? 7.59581   7.13641   -15.25598 1.000 27.59635 ? 153 GLU A CB  1 
ATOM   1226 C CG  . GLU A 1 155 ? 9.01278   7.11157   -14.71766 1.000 32.62340 ? 153 GLU A CG  1 
ATOM   1227 C CD  . GLU A 1 155 ? 10.00395  6.57399   -15.72458 1.000 36.60675 ? 153 GLU A CD  1 
ATOM   1228 O OE1 . GLU A 1 155 ? 10.93062  7.32150   -16.10264 1.000 41.50436 ? 153 GLU A OE1 1 
ATOM   1229 O OE2 . GLU A 1 155 ? 9.84905   5.40762   -16.14406 1.000 41.19651 ? 153 GLU A OE2 1 
ATOM   1230 N N   . TYR A 1 156 ? 5.01442   8.05481   -16.90403 1.000 23.97489 ? 154 TYR A N   1 
ATOM   1231 C CA  . TYR A 1 156 ? 3.72839   7.59872   -17.41918 1.000 23.84578 ? 154 TYR A CA  1 
ATOM   1232 C C   . TYR A 1 156 ? 2.94121   8.72201   -18.08379 1.000 31.36271 ? 154 TYR A C   1 
ATOM   1233 O O   . TYR A 1 156 ? 1.90973   8.45113   -18.69970 1.000 32.51954 ? 154 TYR A O   1 
ATOM   1234 C CB  . TYR A 1 156 ? 2.90039   6.96091   -16.29522 1.000 23.17328 ? 154 TYR A CB  1 
ATOM   1235 C CG  . TYR A 1 156 ? 3.67198   5.92790   -15.50747 1.000 21.15390 ? 154 TYR A CG  1 
ATOM   1236 C CD1 . TYR A 1 156 ? 4.26434   6.25011   -14.29343 1.000 21.91215 ? 154 TYR A CD1 1 
ATOM   1237 C CD2 . TYR A 1 156 ? 3.83049   4.63721   -15.99307 1.000 22.80732 ? 154 TYR A CD2 1 
ATOM   1238 C CE1 . TYR A 1 156 ? 4.97849   5.31097   -13.57837 1.000 21.77942 ? 154 TYR A CE1 1 
ATOM   1239 C CE2 . TYR A 1 156 ? 4.54512   3.69372   -15.28963 1.000 21.56533 ? 154 TYR A CE2 1 
ATOM   1240 C CZ  . TYR A 1 156 ? 5.11789   4.03743   -14.08148 1.000 24.61463 ? 154 TYR A CZ  1 
ATOM   1241 O OH  . TYR A 1 156 ? 5.83244   3.10825   -13.37006 1.000 26.32249 ? 154 TYR A OH  1 
HETATM 1242 S S   . SO4 B 2 .   ? 0.97318   -3.79629  10.68682  1.000 12.47229 ? 201 SO4 A S   1 
HETATM 1243 O O1  . SO4 B 2 .   ? 2.04792   -2.99803  9.99950   1.000 12.67907 ? 201 SO4 A O1  1 
HETATM 1244 O O2  . SO4 B 2 .   ? 1.18015   -3.68834  12.17320  1.000 15.52361 ? 201 SO4 A O2  1 
HETATM 1245 O O3  . SO4 B 2 .   ? -0.39483  -3.27348  10.33621  1.000 12.18495 ? 201 SO4 A O3  1 
HETATM 1246 O O4  . SO4 B 2 .   ? 1.00913   -5.24887  10.33379  1.000 13.99876 ? 201 SO4 A O4  1 
HETATM 1247 O O   . HOH C 3 .   ? -5.92261  20.68491  -6.66347  1.000 28.99236 ? 301 HOH A O   1 
HETATM 1248 O O   . HOH C 3 .   ? -12.52590 -17.04967 7.86706   1.000 37.21436 ? 302 HOH A O   1 
HETATM 1249 O O   . HOH C 3 .   ? 1.99786   12.57314  13.21298  1.000 37.34731 ? 303 HOH A O   1 
HETATM 1250 O O   . HOH C 3 .   ? -11.13526 -5.27075  -8.44345  1.000 26.31317 ? 304 HOH A O   1 
HETATM 1251 O O   . HOH C 3 .   ? 11.96038  -6.29479  -5.09165  1.000 40.78455 ? 305 HOH A O   1 
HETATM 1252 O O   . HOH C 3 .   ? -11.92858 -13.03537 -10.25979 1.000 37.62980 ? 306 HOH A O   1 
HETATM 1253 O O   . HOH C 3 .   ? 1.45944   -24.30842 -6.46972  1.000 32.01354 ? 307 HOH A O   1 
HETATM 1254 O O   . HOH C 3 .   ? -5.90270  -19.64898 -0.89080  1.000 33.09362 ? 308 HOH A O   1 
HETATM 1255 O O   . HOH C 3 .   ? 13.05126  8.41433   -2.16450  1.000 35.39888 ? 309 HOH A O   1 
HETATM 1256 O O   . HOH C 3 .   ? 5.76201   17.92671  -8.99242  1.000 30.45616 ? 310 HOH A O   1 
HETATM 1257 O O   . HOH C 3 .   ? -7.92512  -7.53794  -12.05285 1.000 23.32256 ? 311 HOH A O   1 
HETATM 1258 O O   . HOH C 3 .   ? -8.47510  14.95724  5.80095   1.000 31.96923 ? 312 HOH A O   1 
HETATM 1259 O O   . HOH C 3 .   ? 11.82624  -9.21215  -2.00452  1.000 30.07239 ? 313 HOH A O   1 
HETATM 1260 O O   . HOH C 3 .   ? -3.68522  17.64198  1.22461   1.000 23.49453 ? 314 HOH A O   1 
HETATM 1261 O O   . HOH C 3 .   ? 9.32336   5.17000   15.68176  1.000 28.99673 ? 315 HOH A O   1 
HETATM 1262 O O   . HOH C 3 .   ? -0.77162  -14.37529 -0.90521  1.000 16.54270 ? 316 HOH A O   1 
HETATM 1263 O O   . HOH C 3 .   ? 13.56920  7.77453   -5.15446  1.000 35.91838 ? 317 HOH A O   1 
HETATM 1264 O O   . HOH C 3 .   ? -8.89048  -7.17687  7.20841   1.000 12.67381 ? 318 HOH A O   1 
HETATM 1265 O O   . HOH C 3 .   ? 14.78046  9.81008   0.72877   1.000 33.13421 ? 319 HOH A O   1 
HETATM 1266 O O   . HOH C 3 .   ? 7.83008   -6.98054  12.65873  1.000 31.74201 ? 320 HOH A O   1 
HETATM 1267 O O   . HOH C 3 .   ? -14.64743 -0.32411  2.38291   1.000 32.14140 ? 321 HOH A O   1 
HETATM 1268 O O   . HOH C 3 .   ? 2.52557   -1.73413  13.41838  1.000 31.07274 ? 322 HOH A O   1 
HETATM 1269 O O   . HOH C 3 .   ? -15.35183 -15.32321 -4.24692  1.000 30.82888 ? 323 HOH A O   1 
HETATM 1270 O O   . HOH C 3 .   ? -6.50295  0.32843   14.06447  1.000 20.27154 ? 324 HOH A O   1 
HETATM 1271 O O   . HOH C 3 .   ? -17.04161 1.72770   -6.71601  1.000 38.41252 ? 325 HOH A O   1 
HETATM 1272 O O   . HOH C 3 .   ? 1.66518   -16.59853 -9.03669  1.000 12.80077 ? 326 HOH A O   1 
HETATM 1273 O O   . HOH C 3 .   ? 2.42313   -5.66851  13.63766  1.000 19.84848 ? 327 HOH A O   1 
HETATM 1274 O O   . HOH C 3 .   ? 0.37144   13.28282  -9.71708  1.000 21.57922 ? 328 HOH A O   1 
HETATM 1275 O O   . HOH C 3 .   ? -4.21387  2.94568   -18.72762 1.000 33.41277 ? 329 HOH A O   1 
HETATM 1276 O O   . HOH C 3 .   ? 10.48213  10.20773  4.15828   1.000 25.78177 ? 330 HOH A O   1 
HETATM 1277 O O   . HOH C 3 .   ? 5.63437   -3.20292  -12.42384 1.000 28.31543 ? 331 HOH A O   1 
HETATM 1278 O O   . HOH C 3 .   ? 11.99932  1.95257   -3.90107  1.000 19.55416 ? 332 HOH A O   1 
HETATM 1279 O O   . HOH C 3 .   ? -3.46037  -3.30485  14.80529  1.000 15.68165 ? 333 HOH A O   1 
HETATM 1280 O O   . HOH C 3 .   ? -6.82144  -17.01729 4.30898   1.000 20.93427 ? 334 HOH A O   1 
HETATM 1281 O O   . HOH C 3 .   ? -7.72888  -1.27596  -11.98077 1.000 27.05860 ? 335 HOH A O   1 
HETATM 1282 O O   . HOH C 3 .   ? -11.99133 -2.80297  11.43893  1.000 32.99254 ? 336 HOH A O   1 
HETATM 1283 O O   . HOH C 3 .   ? -8.97022  -16.81863 -5.79865  1.000 29.16186 ? 337 HOH A O   1 
HETATM 1284 O O   . HOH C 3 .   ? -11.12312 5.49638   10.96374  1.000 26.85195 ? 338 HOH A O   1 
HETATM 1285 O O   . HOH C 3 .   ? -2.74645  21.87682  -5.58414  1.000 39.49813 ? 339 HOH A O   1 
HETATM 1286 O O   . HOH C 3 .   ? -6.06079  12.16084  8.36013   1.000 20.38035 ? 340 HOH A O   1 
HETATM 1287 O O   . HOH C 3 .   ? -9.89986  -7.09512  13.30352  1.000 13.19362 ? 341 HOH A O   1 
HETATM 1288 O O   . HOH C 3 .   ? -11.80912 -3.56976  7.44286   1.000 16.15526 ? 342 HOH A O   1 
HETATM 1289 O O   . HOH C 3 .   ? 0.62336   -22.10417 -3.84748  1.000 33.48567 ? 343 HOH A O   1 
HETATM 1290 O O   . HOH C 3 .   ? -14.72973 13.18218  3.59610   1.000 32.43563 ? 344 HOH A O   1 
HETATM 1291 O O   . HOH C 3 .   ? -0.63420  1.43570   14.53574  1.000 22.07588 ? 345 HOH A O   1 
HETATM 1292 O O   . HOH C 3 .   ? -0.75490  16.22542  5.46514   1.000 17.79102 ? 346 HOH A O   1 
HETATM 1293 O O   . HOH C 3 .   ? 11.24477  11.90157  2.24742   1.000 31.05516 ? 347 HOH A O   1 
HETATM 1294 O O   . HOH C 3 .   ? -8.96665  -3.55733  -11.66584 1.000 30.43385 ? 348 HOH A O   1 
HETATM 1295 O O   . HOH C 3 .   ? -14.04952 -6.59062  3.36526   1.000 28.12493 ? 349 HOH A O   1 
HETATM 1296 O O   . HOH C 3 .   ? 14.29929  -0.46579  4.38079   1.000 32.85376 ? 350 HOH A O   1 
HETATM 1297 O O   . HOH C 3 .   ? 3.80028   19.02464  -0.12927  1.000 26.31878 ? 351 HOH A O   1 
HETATM 1298 O O   . HOH C 3 .   ? -7.22712  17.44838  -5.36703  1.000 14.96327 ? 352 HOH A O   1 
HETATM 1299 O O   . HOH C 3 .   ? -11.24219 4.71189   0.10478   1.000 13.14923 ? 353 HOH A O   1 
HETATM 1300 O O   . HOH C 3 .   ? -5.51585  -14.69022 -10.91197 1.000 28.36979 ? 354 HOH A O   1 
HETATM 1301 O O   . HOH C 3 .   ? 0.65632   -12.88202 0.84254   1.000 20.58879 ? 355 HOH A O   1 
HETATM 1302 O O   . HOH C 3 .   ? 11.70522  5.05425   -2.63063  1.000 21.16336 ? 356 HOH A O   1 
HETATM 1303 O O   . HOH C 3 .   ? -0.86918  -3.51252  14.08382  1.000 22.12138 ? 357 HOH A O   1 
HETATM 1304 O O   . HOH C 3 .   ? -10.81257 -9.96433  10.45903  1.000 18.15482 ? 358 HOH A O   1 
HETATM 1305 O O   . HOH C 3 .   ? -12.17197 8.79666   6.14938   1.000 19.99339 ? 359 HOH A O   1 
HETATM 1306 O O   . HOH C 3 .   ? 8.45253   -2.24071  -8.68655  1.000 22.33965 ? 360 HOH A O   1 
HETATM 1307 O O   . HOH C 3 .   ? -0.25630  8.26634   -14.59516 1.000 23.82605 ? 361 HOH A O   1 
HETATM 1308 O O   . HOH C 3 .   ? 7.63465   -7.64499  -8.42191  1.000 18.50415 ? 362 HOH A O   1 
HETATM 1309 O O   . HOH C 3 .   ? -1.78686  7.38916   11.92724  1.000 28.84275 ? 363 HOH A O   1 
HETATM 1310 O O   . HOH C 3 .   ? 15.77334  1.56697   -1.93372  1.000 37.23973 ? 364 HOH A O   1 
HETATM 1311 O O   . HOH C 3 .   ? -14.68310 -3.85513  -4.85244  1.000 29.96759 ? 365 HOH A O   1 
HETATM 1312 O O   . HOH C 3 .   ? -4.29814  12.32653  10.51098  1.000 29.55373 ? 366 HOH A O   1 
HETATM 1313 O O   . HOH C 3 .   ? 9.30832   14.25721  9.73227   1.000 34.36946 ? 367 HOH A O   1 
HETATM 1314 O O   . HOH C 3 .   ? -11.61056 -2.15659  -7.98174  1.000 22.50610 ? 368 HOH A O   1 
HETATM 1315 O O   . HOH C 3 .   ? -16.39413 -6.93303  -0.16483  1.000 37.25478 ? 369 HOH A O   1 
HETATM 1316 O O   . HOH C 3 .   ? -0.66393  15.64677  -8.61666  1.000 30.74077 ? 370 HOH A O   1 
HETATM 1317 O O   . HOH C 3 .   ? -8.50933  5.09747   -11.53724 1.000 21.00584 ? 371 HOH A O   1 
HETATM 1318 O O   . HOH C 3 .   ? -1.80010  11.82077  -11.09582 1.000 29.80911 ? 372 HOH A O   1 
HETATM 1319 O O   . HOH C 3 .   ? -14.87176 -10.54891 8.49399   1.000 34.43633 ? 373 HOH A O   1 
HETATM 1320 O O   . HOH C 3 .   ? 1.69378   10.22595  -15.11330 1.000 25.72653 ? 374 HOH A O   1 
HETATM 1321 O O   . HOH C 3 .   ? -7.90838  4.07609   12.63712  1.000 26.96741 ? 375 HOH A O   1 
HETATM 1322 O O   . HOH C 3 .   ? -2.13568  -21.29283 -5.40070  1.000 26.70760 ? 376 HOH A O   1 
HETATM 1323 O O   . HOH C 3 .   ? -3.12507  1.31579   15.84768  1.000 19.84421 ? 377 HOH A O   1 
HETATM 1324 O O   . HOH C 3 .   ? -8.80624  -19.60377 0.59278   1.000 29.61160 ? 378 HOH A O   1 
HETATM 1325 O O   . HOH C 3 .   ? 3.30873   -21.90959 -2.36959  1.000 40.39706 ? 379 HOH A O   1 
HETATM 1326 O O   . HOH C 3 .   ? 7.71789   20.21261  -12.66065 1.000 39.94889 ? 380 HOH A O   1 
HETATM 1327 O O   . HOH C 3 .   ? -13.61900 0.06311   6.74323   1.000 21.31926 ? 381 HOH A O   1 
HETATM 1328 O O   . HOH C 3 .   ? 7.36561   -1.95555  17.11743  1.000 35.43649 ? 382 HOH A O   1 
HETATM 1329 O O   . HOH C 3 .   ? 3.08022   -4.11996  -11.68876 1.000 18.08891 ? 383 HOH A O   1 
HETATM 1330 O O   . HOH C 3 .   ? -3.02472  16.41264  3.92776   1.000 17.01709 ? 384 HOH A O   1 
HETATM 1331 O O   . HOH C 3 .   ? -4.26586  -6.49908  -18.19004 1.000 33.67905 ? 385 HOH A O   1 
HETATM 1332 O O   . HOH C 3 .   ? -14.13898 -3.40584  -0.54123  1.000 22.71534 ? 386 HOH A O   1 
HETATM 1333 O O   . HOH C 3 .   ? 6.98993   3.82625   15.21012  1.000 26.93364 ? 387 HOH A O   1 
HETATM 1334 O O   . HOH C 3 .   ? -12.36010 4.84384   -4.19826  1.000 25.44453 ? 388 HOH A O   1 
HETATM 1335 O O   . HOH C 3 .   ? -13.74775 -9.70509  11.07479  1.000 26.99485 ? 389 HOH A O   1 
HETATM 1336 O O   . HOH C 3 .   ? 13.10549  -0.40447  -2.88461  1.000 34.55346 ? 390 HOH A O   1 
HETATM 1337 O O   . HOH C 3 .   ? 13.48036  -3.04470  4.60153   1.000 37.00014 ? 391 HOH A O   1 
HETATM 1338 O O   . HOH C 3 .   ? 9.63448   17.51100  -3.59031  1.000 28.91268 ? 392 HOH A O   1 
HETATM 1339 O O   . HOH C 3 .   ? 1.25957   -0.83390  -17.10718 1.000 28.60150 ? 393 HOH A O   1 
HETATM 1340 O O   . HOH C 3 .   ? 3.02807   4.02804   16.80866  1.000 24.91137 ? 394 HOH A O   1 
HETATM 1341 O O   . HOH C 3 .   ? -4.60079  9.36145   13.45417  1.000 34.95477 ? 395 HOH A O   1 
HETATM 1342 O O   . HOH C 3 .   ? -14.57820 -2.76698  1.72444   1.000 30.31661 ? 396 HOH A O   1 
HETATM 1343 O O   . HOH C 3 .   ? 15.02954  -0.16371  8.00793   1.000 28.91422 ? 397 HOH A O   1 
HETATM 1344 O O   . HOH C 3 .   ? 9.61972   3.78170   11.50905  1.000 27.71961 ? 398 HOH A O   1 
HETATM 1345 O O   . HOH C 3 .   ? -0.59360  18.90600  -0.25846  1.000 30.24044 ? 399 HOH A O   1 
HETATM 1346 O O   . HOH C 3 .   ? 10.75325  -10.15028 1.62197   1.000 36.75749 ? 400 HOH A O   1 
HETATM 1347 O O   . HOH C 3 .   ? -11.33805 -1.53129  9.25102   1.000 18.47076 ? 401 HOH A O   1 
HETATM 1348 O O   . HOH C 3 .   ? 1.64517   17.70509  -1.15720  1.000 26.24038 ? 402 HOH A O   1 
HETATM 1349 O O   . HOH C 3 .   ? -8.40363  10.51954  9.00256   1.000 27.49457 ? 403 HOH A O   1 
HETATM 1350 O O   . HOH C 3 .   ? -11.11138 -15.59071 -10.06201 1.000 38.55586 ? 404 HOH A O   1 
HETATM 1351 O O   . HOH C 3 .   ? 13.75017  18.62170  -2.92805  1.000 37.87817 ? 405 HOH A O   1 
HETATM 1352 O O   . HOH C 3 .   ? -16.00282 2.43302   1.70449   1.000 33.98177 ? 406 HOH A O   1 
HETATM 1353 O O   . HOH C 3 .   ? 11.74478  -5.40716  -2.33283  1.000 32.97241 ? 407 HOH A O   1 
HETATM 1354 O O   . HOH C 3 .   ? 8.45430   7.87091   18.99787  1.000 34.78821 ? 408 HOH A O   1 
HETATM 1355 O O   . HOH C 3 .   ? -7.48850  1.08994   -12.39751 1.000 31.80055 ? 409 HOH A O   1 
HETATM 1356 O O   . HOH C 3 .   ? 2.55036   -11.13011 7.77503   1.000 30.97700 ? 410 HOH A O   1 
HETATM 1357 O O   . HOH C 3 .   ? -5.18394  17.84920  5.75395   1.000 32.40917 ? 411 HOH A O   1 
HETATM 1358 O O   . HOH C 3 .   ? 10.40622  -4.94184  -8.48746  1.000 39.30623 ? 412 HOH A O   1 
HETATM 1359 O O   . HOH C 3 .   ? 4.69669   -14.74921 3.01239   1.000 35.16239 ? 413 HOH A O   1 
HETATM 1360 O O   . HOH C 3 .   ? 4.48801   13.51916  11.37641  1.000 34.08842 ? 414 HOH A O   1 
HETATM 1361 O O   . HOH C 3 .   ? -6.75583  2.83483   14.94202  1.000 32.11805 ? 415 HOH A O   1 
HETATM 1362 O O   . HOH C 3 .   ? 4.57995   -10.82962 9.41893   1.000 29.03433 ? 416 HOH A O   1 
HETATM 1363 O O   . HOH C 3 .   ? 7.22712   2.80809   12.61361  1.000 30.54301 ? 417 HOH A O   1 
HETATM 1364 O O   . HOH C 3 .   ? -13.75732 -0.30872  -8.40031  1.000 30.45516 ? 418 HOH A O   1 
HETATM 1365 O O   . HOH C 3 .   ? 0.54601   -1.06095  14.48289  1.000 27.26594 ? 419 HOH A O   1 
HETATM 1366 O O   . HOH C 3 .   ? -8.89343  -15.43509 -8.08797  1.000 32.33286 ? 420 HOH A O   1 
HETATM 1367 O O   . HOH C 3 .   ? -4.21195  -21.32678 -10.86850 1.000 34.12478 ? 421 HOH A O   1 
HETATM 1368 O O   . HOH C 3 .   ? 11.79742  1.38507   -8.50759  1.000 32.54285 ? 422 HOH A O   1 
HETATM 1369 O O   . HOH C 3 .   ? 13.64324  6.08382   8.27909   1.000 30.27297 ? 423 HOH A O   1 
HETATM 1370 O O   . HOH C 3 .   ? -1.27376  7.87103   -16.93114 1.000 36.78450 ? 424 HOH A O   1 
HETATM 1371 O O   . HOH C 3 .   ? -14.76566 9.26125   5.07635   1.000 30.36514 ? 425 HOH A O   1 
HETATM 1372 O O   . HOH C 3 .   ? 13.31220  1.88495   -6.17271  1.000 30.27307 ? 426 HOH A O   1 
HETATM 1373 O O   . HOH C 3 .   ? 10.39058  19.29869  -6.28221  1.000 34.46739 ? 427 HOH A O   1 
HETATM 1374 O O   . HOH C 3 .   ? -1.99142  9.10781   -12.47591 1.000 27.57865 ? 428 HOH A O   1 
HETATM 1375 O O   . HOH C 3 .   ? 11.74578  10.46827  8.96570   1.000 33.60118 ? 429 HOH A O   1 
HETATM 1376 O O   . HOH C 3 .   ? -3.26690  2.14701   18.46197  1.000 31.77073 ? 430 HOH A O   1 
HETATM 1377 O O   . HOH C 3 .   ? -13.97373 4.63256   -0.17221  1.000 24.83718 ? 431 HOH A O   1 
HETATM 1378 O O   . HOH C 3 .   ? -7.38241  14.44841  8.29016   1.000 32.85232 ? 432 HOH A O   1 
HETATM 1379 O O   . HOH C 3 .   ? -12.12304 9.00902   8.70866   1.000 28.32266 ? 433 HOH A O   1 
HETATM 1380 O O   . HOH C 3 .   ? -2.84431  10.54455  12.11565  1.000 35.17117 ? 434 HOH A O   1 
HETATM 1381 O O   . HOH C 3 .   ? 12.51360  10.24592  6.13678   1.000 34.88186 ? 435 HOH A O   1 
HETATM 1382 O O   . HOH C 3 .   ? 0.28558   3.49253   16.44094  1.000 27.84851 ? 436 HOH A O   1 
HETATM 1383 O O   . HOH C 3 .   ? 0.82853   12.41869  -13.96503 1.000 30.90166 ? 437 HOH A O   1 
HETATM 1384 O O   . HOH C 3 .   ? -9.38303  2.52582   -12.73044 1.000 33.98446 ? 438 HOH A O   1 
HETATM 1385 O O   . HOH C 3 .   ? 14.03219  5.34537   -4.20349  1.000 32.44651 ? 439 HOH A O   1 
HETATM 1386 O O   . HOH C 3 .   ? 4.59005   -6.80186  -11.70102 1.000 29.66185 ? 440 HOH A O   1 
HETATM 1387 O O   . HOH C 3 .   ? -4.78025  -0.95137  15.49910  1.000 15.99558 ? 441 HOH A O   1 
HETATM 1388 O O   . HOH C 3 .   ? -8.59647  -11.67301 -12.68382 1.000 36.63562 ? 442 HOH A O   1 
HETATM 1389 O O   . HOH C 3 .   ? -7.69881  -9.27068  -14.14096 1.000 32.72358 ? 443 HOH A O   1 
HETATM 1390 O O   . HOH C 3 .   ? 2.76669   1.40594   -17.16810 1.000 33.12877 ? 444 HOH A O   1 
HETATM 1391 O O   . HOH C 3 .   ? 7.48327   -3.63314  -10.76177 1.000 26.67537 ? 445 HOH A O   1 
HETATM 1392 O O   . HOH C 3 .   ? 11.17203  -0.92420  -9.09557  1.000 33.79510 ? 446 HOH A O   1 
HETATM 1393 O O   . HOH C 3 .   ? -9.24591  -19.28339 -6.80001  1.000 40.60968 ? 447 HOH A O   1 
HETATM 1394 O O   . HOH C 3 .   ? -15.70388 -2.53946  -2.58730  1.000 32.77048 ? 448 HOH A O   1 
HETATM 1395 O O   . HOH C 3 .   ? -4.17596  -17.70619 -13.66970 1.000 23.99750 ? 449 HOH A O   1 
HETATM 1396 O O   . HOH C 3 .   ? 6.64603   -6.90125  -15.28044 1.000 37.14943 ? 450 HOH A O   1 
HETATM 1397 O O   . HOH C 3 .   ? -6.47573  -17.39811 -5.27931  1.000 33.16123 ? 451 HOH A O   1 
HETATM 1398 O O   . HOH C 3 .   ? 14.34783  4.24897   -6.50668  1.000 39.74124 ? 452 HOH A O   1 
HETATM 1399 O O   . HOH C 3 .   ? -13.75235 -0.07787  -10.96927 1.000 34.21325 ? 453 HOH A O   1 
HETATM 1400 O O   . HOH C 3 .   ? -0.31994  13.97572  -15.77286 1.000 44.16797 ? 454 HOH A O   1 
# 
loop_
_pdbx_poly_seq_scheme.asym_id 
_pdbx_poly_seq_scheme.entity_id 
_pdbx_poly_seq_scheme.seq_id 
_pdbx_poly_seq_scheme.mon_id 
_pdbx_poly_seq_scheme.ndb_seq_num 
_pdbx_poly_seq_scheme.pdb_seq_num 
_pdbx_poly_seq_scheme.auth_seq_num 
_pdbx_poly_seq_scheme.pdb_mon_id 
_pdbx_poly_seq_scheme.auth_mon_id 
_pdbx_poly_seq_scheme.pdb_strand_id 
_pdbx_poly_seq_scheme.pdb_ins_code 
_pdbx_poly_seq_scheme.hetero 
A 1 1   GLY 1   -1  -1  GLY GLY A . n 
A 1 2   PRO 2   0   0   PRO PRO A . n 
A 1 3   MET 3   1   1   MET MET A . n 
A 1 4   GLY 4   2   2   GLY GLY A . n 
A 1 5   ASN 5   3   3   ASN ASN A . n 
A 1 6   GLY 6   4   4   GLY GLY A . n 
A 1 7   MET 7   5   5   MET MET A . n 
A 1 8   ASN 8   6   6   ASN ASN A . n 
A 1 9   LYS 9   7   7   LYS LYS A . n 
A 1 10  ILE 10  8   8   ILE ILE A . n 
A 1 11  LEU 11  9   9   LEU LEU A . n 
A 1 12  PRO 12  10  10  PRO PRO A . n 
A 1 13  GLY 13  11  11  GLY GLY A . n 
A 1 14  LEU 14  12  12  LEU LEU A . n 
A 1 15  TYR 15  13  13  TYR TYR A . n 
A 1 16  ILE 16  14  14  ILE ILE A . n 
A 1 17  GLY 17  15  15  GLY GLY A . n 
A 1 18  ASN 18  16  16  ASN ASN A . n 
A 1 19  PHE 19  17  17  PHE PHE A . n 
A 1 20  LYS 20  18  18  LYS LYS A . n 
A 1 21  ASP 21  19  19  ASP ASP A . n 
A 1 22  ALA 22  20  20  ALA ALA A . n 
A 1 23  ARG 23  21  21  ARG ARG A . n 
A 1 24  ASP 24  22  22  ASP ASP A . n 
A 1 25  ALA 25  23  23  ALA ALA A . n 
A 1 26  GLU 26  24  24  GLU GLU A . n 
A 1 27  GLN 27  25  25  GLN GLN A . n 
A 1 28  LEU 28  26  26  LEU LEU A . n 
A 1 29  SER 29  27  27  SER SER A . n 
A 1 30  LYS 30  28  28  LYS LYS A . n 
A 1 31  ASN 31  29  29  ASN ASN A . n 
A 1 32  LYS 32  30  30  LYS LYS A . n 
A 1 33  VAL 33  31  31  VAL VAL A . n 
A 1 34  THR 34  32  32  THR THR A . n 
A 1 35  HIS 35  33  33  HIS HIS A . n 
A 1 36  ILE 36  34  34  ILE ILE A . n 
A 1 37  LEU 37  35  35  LEU LEU A . n 
A 1 38  SER 38  36  36  SER SER A . n 
A 1 39  VAL 39  37  37  VAL VAL A . n 
A 1 40  HIS 40  38  38  HIS HIS A . n 
A 1 41  ASP 41  39  39  ASP ASP A . n 
A 1 42  SER 42  40  40  SER SER A . n 
A 1 43  ALA 43  41  41  ALA ALA A . n 
A 1 44  ARG 44  42  42  ARG ARG A . n 
A 1 45  PRO 45  43  43  PRO PRO A . n 
A 1 46  MET 46  44  44  MET MET A . n 
A 1 47  LEU 47  45  45  LEU LEU A . n 
A 1 48  GLU 48  46  46  GLU GLU A . n 
A 1 49  GLY 49  47  47  GLY GLY A . n 
A 1 50  VAL 50  48  48  VAL VAL A . n 
A 1 51  LYS 51  49  49  LYS LYS A . n 
A 1 52  TYR 52  50  50  TYR TYR A . n 
A 1 53  LEU 53  51  51  LEU LEU A . n 
A 1 54  CYS 54  52  52  CYS CYS A . n 
A 1 55  ILE 55  53  53  ILE ILE A . n 
A 1 56  PRO 56  54  54  PRO PRO A . n 
A 1 57  ALA 57  55  55  ALA ALA A . n 
A 1 58  ALA 58  56  56  ALA ALA A . n 
A 1 59  ASP 59  57  57  ASP ASP A . n 
A 1 60  SER 60  58  58  SER SER A . n 
A 1 61  PRO 61  59  59  PRO PRO A . n 
A 1 62  SER 62  60  60  SER SER A . n 
A 1 63  GLN 63  61  61  GLN GLN A . n 
A 1 64  ASN 64  62  62  ASN ASN A . n 
A 1 65  LEU 65  63  63  LEU LEU A . n 
A 1 66  THR 66  64  64  THR THR A . n 
A 1 67  ARG 67  65  65  ARG ARG A . n 
A 1 68  HIS 68  66  66  HIS HIS A . n 
A 1 69  PHE 69  67  67  PHE PHE A . n 
A 1 70  LYS 70  68  68  LYS LYS A . n 
A 1 71  GLU 71  69  69  GLU GLU A . n 
A 1 72  SER 72  70  70  SER SER A . n 
A 1 73  ILE 73  71  71  ILE ILE A . n 
A 1 74  LYS 74  72  72  LYS LYS A . n 
A 1 75  PHE 75  73  73  PHE PHE A . n 
A 1 76  ILE 76  74  74  ILE ILE A . n 
A 1 77  HIS 77  75  75  HIS HIS A . n 
A 1 78  GLU 78  76  76  GLU GLU A . n 
A 1 79  CYS 79  77  77  CYS CYS A . n 
A 1 80  ARG 80  78  78  ARG ARG A . n 
A 1 81  LEU 81  79  79  LEU LEU A . n 
A 1 82  ARG 82  80  80  ARG ARG A . n 
A 1 83  GLY 83  81  81  GLY GLY A . n 
A 1 84  GLU 84  82  82  GLU GLU A . n 
A 1 85  SER 85  83  83  SER SER A . n 
A 1 86  CYS 86  84  84  CYS CYS A . n 
A 1 87  LEU 87  85  85  LEU LEU A . n 
A 1 88  VAL 88  86  86  VAL VAL A . n 
A 1 89  HIS 89  87  87  HIS HIS A . n 
A 1 90  CYS 90  88  88  CYS CYS A . n 
A 1 91  LEU 91  89  89  LEU LEU A . n 
A 1 92  ALA 92  90  90  ALA ALA A . n 
A 1 93  GLY 93  91  91  GLY GLY A . n 
A 1 94  VAL 94  92  92  VAL VAL A . n 
A 1 95  SER 95  93  93  SER SER A . n 
A 1 96  ARG 96  94  94  ARG ARG A . n 
A 1 97  SER 97  95  95  SER SER A . n 
A 1 98  VAL 98  96  96  VAL VAL A . n 
A 1 99  THR 99  97  97  THR THR A . n 
A 1 100 LEU 100 98  98  LEU LEU A . n 
A 1 101 VAL 101 99  99  VAL VAL A . n 
A 1 102 ILE 102 100 100 ILE ILE A . n 
A 1 103 ALA 103 101 101 ALA ALA A . n 
A 1 104 TYR 104 102 102 TYR TYR A . n 
A 1 105 ILE 105 103 103 ILE ILE A . n 
A 1 106 MET 106 104 104 MET MET A . n 
A 1 107 THR 107 105 105 THR THR A . n 
A 1 108 VAL 108 106 106 VAL VAL A . n 
A 1 109 THR 109 107 107 THR THR A . n 
A 1 110 ASP 110 108 108 ASP ASP A . n 
A 1 111 PHE 111 109 109 PHE PHE A . n 
A 1 112 GLY 112 110 110 GLY GLY A . n 
A 1 113 TRP 113 111 111 TRP TRP A . n 
A 1 114 GLU 114 112 112 GLU GLU A . n 
A 1 115 ASP 115 113 113 ASP ASP A . n 
A 1 116 ALA 116 114 114 ALA ALA A . n 
A 1 117 LEU 117 115 115 LEU LEU A . n 
A 1 118 HIS 118 116 116 HIS HIS A . n 
A 1 119 THR 119 117 117 THR THR A . n 
A 1 120 VAL 120 118 118 VAL VAL A . n 
A 1 121 ARG 121 119 119 ARG ARG A . n 
A 1 122 ALA 122 120 120 ALA ALA A . n 
A 1 123 GLY 123 121 121 GLY GLY A . n 
A 1 124 ARG 124 122 122 ARG ARG A . n 
A 1 125 SER 125 123 123 SER SER A . n 
A 1 126 CYS 126 124 124 CYS CYS A . n 
A 1 127 ALA 127 125 125 ALA ALA A . n 
A 1 128 ASN 128 126 126 ASN ASN A . n 
A 1 129 PRO 129 127 127 PRO PRO A . n 
A 1 130 ALA 130 128 128 ALA ALA A . n 
A 1 131 VAL 131 129 129 VAL VAL A . n 
A 1 132 GLY 132 130 130 GLY GLY A . n 
A 1 133 PHE 133 131 131 PHE PHE A . n 
A 1 134 GLN 134 132 132 GLN GLN A . n 
A 1 135 ARG 135 133 133 ARG ARG A . n 
A 1 136 GLN 136 134 134 GLN GLN A . n 
A 1 137 LEU 137 135 135 LEU LEU A . n 
A 1 138 GLN 138 136 136 GLN GLN A . n 
A 1 139 GLU 139 137 137 GLU GLU A . n 
A 1 140 PHE 140 138 138 PHE PHE A . n 
A 1 141 GLU 141 139 139 GLU GLU A . n 
A 1 142 LYS 142 140 140 LYS LYS A . n 
A 1 143 HIS 143 141 141 HIS HIS A . n 
A 1 144 GLU 144 142 142 GLU GLU A . n 
A 1 145 VAL 145 143 143 VAL VAL A . n 
A 1 146 HIS 146 144 144 HIS HIS A . n 
A 1 147 GLN 147 145 145 GLN GLN A . n 
A 1 148 TYR 148 146 146 TYR TYR A . n 
A 1 149 ARG 149 147 147 ARG ARG A . n 
A 1 150 GLN 150 148 148 GLN GLN A . n 
A 1 151 TRP 151 149 149 TRP TRP A . n 
A 1 152 LEU 152 150 150 LEU LEU A . n 
A 1 153 LYS 153 151 151 LYS LYS A . n 
A 1 154 GLU 154 152 152 GLU GLU A . n 
A 1 155 GLU 155 153 153 GLU GLU A . n 
A 1 156 TYR 156 154 154 TYR TYR A . n 
A 1 157 GLY 157 155 ?   ?   ?   A . n 
# 
loop_
_pdbx_nonpoly_scheme.asym_id 
_pdbx_nonpoly_scheme.entity_id 
_pdbx_nonpoly_scheme.mon_id 
_pdbx_nonpoly_scheme.ndb_seq_num 
_pdbx_nonpoly_scheme.pdb_seq_num 
_pdbx_nonpoly_scheme.auth_seq_num 
_pdbx_nonpoly_scheme.pdb_mon_id 
_pdbx_nonpoly_scheme.auth_mon_id 
_pdbx_nonpoly_scheme.pdb_strand_id 
_pdbx_nonpoly_scheme.pdb_ins_code 
B 2 SO4 1   201 1   SO4 SO4 A . 
C 3 HOH 1   301 79  HOH HOH A . 
C 3 HOH 2   302 151 HOH HOH A . 
C 3 HOH 3   303 131 HOH HOH A . 
C 3 HOH 4   304 61  HOH HOH A . 
C 3 HOH 5   305 116 HOH HOH A . 
C 3 HOH 6   306 134 HOH HOH A . 
C 3 HOH 7   307 101 HOH HOH A . 
C 3 HOH 8   308 113 HOH HOH A . 
C 3 HOH 9   309 86  HOH HOH A . 
C 3 HOH 10  310 77  HOH HOH A . 
C 3 HOH 11  311 65  HOH HOH A . 
C 3 HOH 12  312 121 HOH HOH A . 
C 3 HOH 13  313 98  HOH HOH A . 
C 3 HOH 14  314 22  HOH HOH A . 
C 3 HOH 15  315 54  HOH HOH A . 
C 3 HOH 16  316 8   HOH HOH A . 
C 3 HOH 17  317 112 HOH HOH A . 
C 3 HOH 18  318 2   HOH HOH A . 
C 3 HOH 19  319 44  HOH HOH A . 
C 3 HOH 20  320 75  HOH HOH A . 
C 3 HOH 21  321 137 HOH HOH A . 
C 3 HOH 22  322 88  HOH HOH A . 
C 3 HOH 23  323 60  HOH HOH A . 
C 3 HOH 24  324 17  HOH HOH A . 
C 3 HOH 25  325 155 HOH HOH A . 
C 3 HOH 26  326 1   HOH HOH A . 
C 3 HOH 27  327 26  HOH HOH A . 
C 3 HOH 28  328 25  HOH HOH A . 
C 3 HOH 29  329 148 HOH HOH A . 
C 3 HOH 30  330 51  HOH HOH A . 
C 3 HOH 31  331 72  HOH HOH A . 
C 3 HOH 32  332 18  HOH HOH A . 
C 3 HOH 33  333 9   HOH HOH A . 
C 3 HOH 34  334 30  HOH HOH A . 
C 3 HOH 35  335 39  HOH HOH A . 
C 3 HOH 36  336 133 HOH HOH A . 
C 3 HOH 37  337 49  HOH HOH A . 
C 3 HOH 38  338 105 HOH HOH A . 
C 3 HOH 39  339 92  HOH HOH A . 
C 3 HOH 40  340 20  HOH HOH A . 
C 3 HOH 41  341 3   HOH HOH A . 
C 3 HOH 42  342 7   HOH HOH A . 
C 3 HOH 43  343 140 HOH HOH A . 
C 3 HOH 44  344 96  HOH HOH A . 
C 3 HOH 45  345 28  HOH HOH A . 
C 3 HOH 46  346 14  HOH HOH A . 
C 3 HOH 47  347 89  HOH HOH A . 
C 3 HOH 48  348 146 HOH HOH A . 
C 3 HOH 49  349 69  HOH HOH A . 
C 3 HOH 50  350 73  HOH HOH A . 
C 3 HOH 51  351 24  HOH HOH A . 
C 3 HOH 52  352 5   HOH HOH A . 
C 3 HOH 53  353 4   HOH HOH A . 
C 3 HOH 54  354 68  HOH HOH A . 
C 3 HOH 55  355 21  HOH HOH A . 
C 3 HOH 56  356 13  HOH HOH A . 
C 3 HOH 57  357 34  HOH HOH A . 
C 3 HOH 58  358 12  HOH HOH A . 
C 3 HOH 59  359 46  HOH HOH A . 
C 3 HOH 60  360 23  HOH HOH A . 
C 3 HOH 61  361 31  HOH HOH A . 
C 3 HOH 62  362 11  HOH HOH A . 
C 3 HOH 63  363 100 HOH HOH A . 
C 3 HOH 64  364 138 HOH HOH A . 
C 3 HOH 65  365 47  HOH HOH A . 
C 3 HOH 66  366 50  HOH HOH A . 
C 3 HOH 67  367 128 HOH HOH A . 
C 3 HOH 68  368 35  HOH HOH A . 
C 3 HOH 69  369 142 HOH HOH A . 
C 3 HOH 70  370 135 HOH HOH A . 
C 3 HOH 71  371 33  HOH HOH A . 
C 3 HOH 72  372 74  HOH HOH A . 
C 3 HOH 73  373 118 HOH HOH A . 
C 3 HOH 74  374 40  HOH HOH A . 
C 3 HOH 75  375 53  HOH HOH A . 
C 3 HOH 76  376 45  HOH HOH A . 
C 3 HOH 77  377 19  HOH HOH A . 
C 3 HOH 78  378 56  HOH HOH A . 
C 3 HOH 79  379 107 HOH HOH A . 
C 3 HOH 80  380 149 HOH HOH A . 
C 3 HOH 81  381 29  HOH HOH A . 
C 3 HOH 82  382 132 HOH HOH A . 
C 3 HOH 83  383 6   HOH HOH A . 
C 3 HOH 84  384 10  HOH HOH A . 
C 3 HOH 85  385 125 HOH HOH A . 
C 3 HOH 86  386 27  HOH HOH A . 
C 3 HOH 87  387 37  HOH HOH A . 
C 3 HOH 88  388 57  HOH HOH A . 
C 3 HOH 89  389 76  HOH HOH A . 
C 3 HOH 90  390 129 HOH HOH A . 
C 3 HOH 91  391 102 HOH HOH A . 
C 3 HOH 92  392 122 HOH HOH A . 
C 3 HOH 93  393 52  HOH HOH A . 
C 3 HOH 94  394 48  HOH HOH A . 
C 3 HOH 95  395 124 HOH HOH A . 
C 3 HOH 96  396 36  HOH HOH A . 
C 3 HOH 97  397 42  HOH HOH A . 
C 3 HOH 98  398 59  HOH HOH A . 
C 3 HOH 99  399 91  HOH HOH A . 
C 3 HOH 100 400 117 HOH HOH A . 
C 3 HOH 101 401 15  HOH HOH A . 
C 3 HOH 102 402 41  HOH HOH A . 
C 3 HOH 103 403 38  HOH HOH A . 
C 3 HOH 104 404 87  HOH HOH A . 
C 3 HOH 105 405 108 HOH HOH A . 
C 3 HOH 106 406 94  HOH HOH A . 
C 3 HOH 107 407 93  HOH HOH A . 
C 3 HOH 108 408 144 HOH HOH A . 
C 3 HOH 109 409 147 HOH HOH A . 
C 3 HOH 110 410 145 HOH HOH A . 
C 3 HOH 111 411 126 HOH HOH A . 
C 3 HOH 112 412 154 HOH HOH A . 
C 3 HOH 113 413 141 HOH HOH A . 
C 3 HOH 114 414 99  HOH HOH A . 
C 3 HOH 115 415 97  HOH HOH A . 
C 3 HOH 116 416 120 HOH HOH A . 
C 3 HOH 117 417 115 HOH HOH A . 
C 3 HOH 118 418 110 HOH HOH A . 
C 3 HOH 119 419 62  HOH HOH A . 
C 3 HOH 120 420 109 HOH HOH A . 
C 3 HOH 121 421 119 HOH HOH A . 
C 3 HOH 122 422 114 HOH HOH A . 
C 3 HOH 123 423 90  HOH HOH A . 
C 3 HOH 124 424 150 HOH HOH A . 
C 3 HOH 125 425 58  HOH HOH A . 
C 3 HOH 126 426 85  HOH HOH A . 
C 3 HOH 127 427 127 HOH HOH A . 
C 3 HOH 128 428 70  HOH HOH A . 
C 3 HOH 129 429 136 HOH HOH A . 
C 3 HOH 130 430 63  HOH HOH A . 
C 3 HOH 131 431 43  HOH HOH A . 
C 3 HOH 132 432 104 HOH HOH A . 
C 3 HOH 133 433 55  HOH HOH A . 
C 3 HOH 134 434 83  HOH HOH A . 
C 3 HOH 135 435 106 HOH HOH A . 
C 3 HOH 136 436 67  HOH HOH A . 
C 3 HOH 137 437 84  HOH HOH A . 
C 3 HOH 138 438 80  HOH HOH A . 
C 3 HOH 139 439 78  HOH HOH A . 
C 3 HOH 140 440 123 HOH HOH A . 
C 3 HOH 141 441 16  HOH HOH A . 
C 3 HOH 142 442 81  HOH HOH A . 
C 3 HOH 143 443 66  HOH HOH A . 
C 3 HOH 144 444 130 HOH HOH A . 
C 3 HOH 145 445 64  HOH HOH A . 
C 3 HOH 146 446 103 HOH HOH A . 
C 3 HOH 147 447 153 HOH HOH A . 
C 3 HOH 148 448 95  HOH HOH A . 
C 3 HOH 149 449 32  HOH HOH A . 
C 3 HOH 150 450 143 HOH HOH A . 
C 3 HOH 151 451 152 HOH HOH A . 
C 3 HOH 152 452 139 HOH HOH A . 
C 3 HOH 153 453 111 HOH HOH A . 
C 3 HOH 154 454 82  HOH HOH A . 
# 
_pdbx_struct_assembly.id                   1 
_pdbx_struct_assembly.details              author_and_software_defined_assembly 
_pdbx_struct_assembly.method_details       PISA 
_pdbx_struct_assembly.oligomeric_details   monomeric 
_pdbx_struct_assembly.oligomeric_count     1 
# 
_pdbx_struct_assembly_gen.assembly_id       1 
_pdbx_struct_assembly_gen.oper_expression   1 
_pdbx_struct_assembly_gen.asym_id_list      A,B,C 
# 
loop_
_pdbx_struct_assembly_prop.biol_id 
_pdbx_struct_assembly_prop.type 
_pdbx_struct_assembly_prop.value 
_pdbx_struct_assembly_prop.details 
1 'ABSA (A^2)' 220  ? 
1 MORE         -20  ? 
1 'SSA (A^2)'  7830 ? 
# 
_pdbx_struct_oper_list.id                   1 
_pdbx_struct_oper_list.type                 'identity operation' 
_pdbx_struct_oper_list.name                 1_555 
_pdbx_struct_oper_list.symmetry_operation   x,y,z 
_pdbx_struct_oper_list.matrix[1][1]         1.0000000000 
_pdbx_struct_oper_list.matrix[1][2]         0.0000000000 
_pdbx_struct_oper_list.matrix[1][3]         0.0000000000 
_pdbx_struct_oper_list.vector[1]            0.0000000000 
_pdbx_struct_oper_list.matrix[2][1]         0.0000000000 
_pdbx_struct_oper_list.matrix[2][2]         1.0000000000 
_pdbx_struct_oper_list.matrix[2][3]         0.0000000000 
_pdbx_struct_oper_list.vector[2]            0.0000000000 
_pdbx_struct_oper_list.matrix[3][1]         0.0000000000 
_pdbx_struct_oper_list.matrix[3][2]         0.0000000000 
_pdbx_struct_oper_list.matrix[3][3]         1.0000000000 
_pdbx_struct_oper_list.vector[3]            0.0000000000 
# 
loop_
_pdbx_audit_revision_history.ordinal 
_pdbx_audit_revision_history.data_content_type 
_pdbx_audit_revision_history.major_revision 
_pdbx_audit_revision_history.minor_revision 
_pdbx_audit_revision_history.revision_date 
1 'Structure model' 1 0 2020-10-28 
2 'Structure model' 1 1 2023-11-29 
# 
_pdbx_audit_revision_details.ordinal             1 
_pdbx_audit_revision_details.revision_ordinal    1 
_pdbx_audit_revision_details.data_content_type   'Structure model' 
_pdbx_audit_revision_details.provider            repository 
_pdbx_audit_revision_details.type                'Initial release' 
_pdbx_audit_revision_details.description         ? 
_pdbx_audit_revision_details.details             ? 
# 
loop_
_pdbx_audit_revision_group.ordinal 
_pdbx_audit_revision_group.revision_ordinal 
_pdbx_audit_revision_group.data_content_type 
_pdbx_audit_revision_group.group 
1 2 'Structure model' 'Data collection'        
2 2 'Structure model' 'Database references'    
3 2 'Structure model' 'Refinement description' 
# 
loop_
_pdbx_audit_revision_category.ordinal 
_pdbx_audit_revision_category.revision_ordinal 
_pdbx_audit_revision_category.data_content_type 
_pdbx_audit_revision_category.category 
1 2 'Structure model' chem_comp_atom                
2 2 'Structure model' chem_comp_bond                
3 2 'Structure model' database_2                    
4 2 'Structure model' pdbx_initial_refinement_model 
# 
loop_
_pdbx_audit_revision_item.ordinal 
_pdbx_audit_revision_item.revision_ordinal 
_pdbx_audit_revision_item.data_content_type 
_pdbx_audit_revision_item.item 
1 2 'Structure model' '_database_2.pdbx_DOI'                
2 2 'Structure model' '_database_2.pdbx_database_accession' 
# 
loop_
_space_group_symop.id 
_space_group_symop.operation_xyz 
1 x,y,z           
2 -x,y,-z         
3 x+1/2,y+1/2,z   
4 -x+1/2,y+1/2,-z 
# 
_phasing.method   MR 
# 
loop_
_software.citation_id 
_software.classification 
_software.compiler_name 
_software.compiler_version 
_software.contact_author 
_software.contact_author_email 
_software.date 
_software.description 
_software.dependencies 
_software.hardware 
_software.language 
_software.location 
_software.mods 
_software.name 
_software.os 
_software.os_version 
_software.type 
_software.version 
_software.pdbx_ordinal 
? 'data reduction'  ? ? ? ? ? ? ? ? ? ? ? HKL-2000    ? ? ? .         1 
? 'data scaling'    ? ? ? ? ? ? ? ? ? ? ? HKL-2000    ? ? ? .         2 
? phasing           ? ? ? ? ? ? ? ? ? ? ? MOLREP      ? ? ? .         3 
? refinement        ? ? ? ? ? ? ? ? ? ? ? PHENIX      ? ? ? 1.16-3549 4 
? 'data extraction' ? ? ? ? ? ? ? ? ? ? ? PDB_EXTRACT ? ? ? 3.25      5 
# 
_pdbx_entry_details.entry_id                 7C8S 
_pdbx_entry_details.has_ligand_of_interest   Y 
_pdbx_entry_details.compound_details         ? 
_pdbx_entry_details.source_details           ? 
_pdbx_entry_details.nonpolymer_details       ? 
_pdbx_entry_details.sequence_details         ? 
# 
loop_
_pdbx_validate_torsion.id 
_pdbx_validate_torsion.PDB_model_num 
_pdbx_validate_torsion.auth_comp_id 
_pdbx_validate_torsion.auth_asym_id 
_pdbx_validate_torsion.auth_seq_id 
_pdbx_validate_torsion.PDB_ins_code 
_pdbx_validate_torsion.label_alt_id 
_pdbx_validate_torsion.phi 
_pdbx_validate_torsion.psi 
1 1 CYS A 88  ? ? -127.72 -138.80 
2 1 SER A 93  ? ? -123.45 -62.56  
3 1 ASN A 126 ? ? -166.13 84.94   
4 1 GLU A 142 ? ? -134.03 -32.37  
# 
_pdbx_distant_solvent_atoms.id                                1 
_pdbx_distant_solvent_atoms.PDB_model_num                     1 
_pdbx_distant_solvent_atoms.auth_atom_id                      O 
_pdbx_distant_solvent_atoms.label_alt_id                      ? 
_pdbx_distant_solvent_atoms.auth_asym_id                      A 
_pdbx_distant_solvent_atoms.auth_comp_id                      HOH 
_pdbx_distant_solvent_atoms.auth_seq_id                       454 
_pdbx_distant_solvent_atoms.PDB_ins_code                      ? 
_pdbx_distant_solvent_atoms.neighbor_macromolecule_distance   5.95 
_pdbx_distant_solvent_atoms.neighbor_ligand_distance          . 
# 
_pdbx_unobs_or_zero_occ_residues.id               1 
_pdbx_unobs_or_zero_occ_residues.PDB_model_num    1 
_pdbx_unobs_or_zero_occ_residues.polymer_flag     Y 
_pdbx_unobs_or_zero_occ_residues.occupancy_flag   1 
_pdbx_unobs_or_zero_occ_residues.auth_asym_id     A 
_pdbx_unobs_or_zero_occ_residues.auth_comp_id     GLY 
_pdbx_unobs_or_zero_occ_residues.auth_seq_id      155 
_pdbx_unobs_or_zero_occ_residues.PDB_ins_code     ? 
_pdbx_unobs_or_zero_occ_residues.label_asym_id    A 
_pdbx_unobs_or_zero_occ_residues.label_comp_id    GLY 
_pdbx_unobs_or_zero_occ_residues.label_seq_id     157 
# 
loop_
_chem_comp_atom.comp_id 
_chem_comp_atom.atom_id 
_chem_comp_atom.type_symbol 
_chem_comp_atom.pdbx_aromatic_flag 
_chem_comp_atom.pdbx_stereo_config 
_chem_comp_atom.pdbx_ordinal 
ALA N    N N N 1   
ALA CA   C N S 2   
ALA C    C N N 3   
ALA O    O N N 4   
ALA CB   C N N 5   
ALA OXT  O N N 6   
ALA H    H N N 7   
ALA H2   H N N 8   
ALA HA   H N N 9   
ALA HB1  H N N 10  
ALA HB2  H N N 11  
ALA HB3  H N N 12  
ALA HXT  H N N 13  
ARG N    N N N 14  
ARG CA   C N S 15  
ARG C    C N N 16  
ARG O    O N N 17  
ARG CB   C N N 18  
ARG CG   C N N 19  
ARG CD   C N N 20  
ARG NE   N N N 21  
ARG CZ   C N N 22  
ARG NH1  N N N 23  
ARG NH2  N N N 24  
ARG OXT  O N N 25  
ARG H    H N N 26  
ARG H2   H N N 27  
ARG HA   H N N 28  
ARG HB2  H N N 29  
ARG HB3  H N N 30  
ARG HG2  H N N 31  
ARG HG3  H N N 32  
ARG HD2  H N N 33  
ARG HD3  H N N 34  
ARG HE   H N N 35  
ARG HH11 H N N 36  
ARG HH12 H N N 37  
ARG HH21 H N N 38  
ARG HH22 H N N 39  
ARG HXT  H N N 40  
ASN N    N N N 41  
ASN CA   C N S 42  
ASN C    C N N 43  
ASN O    O N N 44  
ASN CB   C N N 45  
ASN CG   C N N 46  
ASN OD1  O N N 47  
ASN ND2  N N N 48  
ASN OXT  O N N 49  
ASN H    H N N 50  
ASN H2   H N N 51  
ASN HA   H N N 52  
ASN HB2  H N N 53  
ASN HB3  H N N 54  
ASN HD21 H N N 55  
ASN HD22 H N N 56  
ASN HXT  H N N 57  
ASP N    N N N 58  
ASP CA   C N S 59  
ASP C    C N N 60  
ASP O    O N N 61  
ASP CB   C N N 62  
ASP CG   C N N 63  
ASP OD1  O N N 64  
ASP OD2  O N N 65  
ASP OXT  O N N 66  
ASP H    H N N 67  
ASP H2   H N N 68  
ASP HA   H N N 69  
ASP HB2  H N N 70  
ASP HB3  H N N 71  
ASP HD2  H N N 72  
ASP HXT  H N N 73  
CYS N    N N N 74  
CYS CA   C N R 75  
CYS C    C N N 76  
CYS O    O N N 77  
CYS CB   C N N 78  
CYS SG   S N N 79  
CYS OXT  O N N 80  
CYS H    H N N 81  
CYS H2   H N N 82  
CYS HA   H N N 83  
CYS HB2  H N N 84  
CYS HB3  H N N 85  
CYS HG   H N N 86  
CYS HXT  H N N 87  
GLN N    N N N 88  
GLN CA   C N S 89  
GLN C    C N N 90  
GLN O    O N N 91  
GLN CB   C N N 92  
GLN CG   C N N 93  
GLN CD   C N N 94  
GLN OE1  O N N 95  
GLN NE2  N N N 96  
GLN OXT  O N N 97  
GLN H    H N N 98  
GLN H2   H N N 99  
GLN HA   H N N 100 
GLN HB2  H N N 101 
GLN HB3  H N N 102 
GLN HG2  H N N 103 
GLN HG3  H N N 104 
GLN HE21 H N N 105 
GLN HE22 H N N 106 
GLN HXT  H N N 107 
GLU N    N N N 108 
GLU CA   C N S 109 
GLU C    C N N 110 
GLU O    O N N 111 
GLU CB   C N N 112 
GLU CG   C N N 113 
GLU CD   C N N 114 
GLU OE1  O N N 115 
GLU OE2  O N N 116 
GLU OXT  O N N 117 
GLU H    H N N 118 
GLU H2   H N N 119 
GLU HA   H N N 120 
GLU HB2  H N N 121 
GLU HB3  H N N 122 
GLU HG2  H N N 123 
GLU HG3  H N N 124 
GLU HE2  H N N 125 
GLU HXT  H N N 126 
GLY N    N N N 127 
GLY CA   C N N 128 
GLY C    C N N 129 
GLY O    O N N 130 
GLY OXT  O N N 131 
GLY H    H N N 132 
GLY H2   H N N 133 
GLY HA2  H N N 134 
GLY HA3  H N N 135 
GLY HXT  H N N 136 
HIS N    N N N 137 
HIS CA   C N S 138 
HIS C    C N N 139 
HIS O    O N N 140 
HIS CB   C N N 141 
HIS CG   C Y N 142 
HIS ND1  N Y N 143 
HIS CD2  C Y N 144 
HIS CE1  C Y N 145 
HIS NE2  N Y N 146 
HIS OXT  O N N 147 
HIS H    H N N 148 
HIS H2   H N N 149 
HIS HA   H N N 150 
HIS HB2  H N N 151 
HIS HB3  H N N 152 
HIS HD1  H N N 153 
HIS HD2  H N N 154 
HIS HE1  H N N 155 
HIS HE2  H N N 156 
HIS HXT  H N N 157 
HOH O    O N N 158 
HOH H1   H N N 159 
HOH H2   H N N 160 
ILE N    N N N 161 
ILE CA   C N S 162 
ILE C    C N N 163 
ILE O    O N N 164 
ILE CB   C N S 165 
ILE CG1  C N N 166 
ILE CG2  C N N 167 
ILE CD1  C N N 168 
ILE OXT  O N N 169 
ILE H    H N N 170 
ILE H2   H N N 171 
ILE HA   H N N 172 
ILE HB   H N N 173 
ILE HG12 H N N 174 
ILE HG13 H N N 175 
ILE HG21 H N N 176 
ILE HG22 H N N 177 
ILE HG23 H N N 178 
ILE HD11 H N N 179 
ILE HD12 H N N 180 
ILE HD13 H N N 181 
ILE HXT  H N N 182 
LEU N    N N N 183 
LEU CA   C N S 184 
LEU C    C N N 185 
LEU O    O N N 186 
LEU CB   C N N 187 
LEU CG   C N N 188 
LEU CD1  C N N 189 
LEU CD2  C N N 190 
LEU OXT  O N N 191 
LEU H    H N N 192 
LEU H2   H N N 193 
LEU HA   H N N 194 
LEU HB2  H N N 195 
LEU HB3  H N N 196 
LEU HG   H N N 197 
LEU HD11 H N N 198 
LEU HD12 H N N 199 
LEU HD13 H N N 200 
LEU HD21 H N N 201 
LEU HD22 H N N 202 
LEU HD23 H N N 203 
LEU HXT  H N N 204 
LYS N    N N N 205 
LYS CA   C N S 206 
LYS C    C N N 207 
LYS O    O N N 208 
LYS CB   C N N 209 
LYS CG   C N N 210 
LYS CD   C N N 211 
LYS CE   C N N 212 
LYS NZ   N N N 213 
LYS OXT  O N N 214 
LYS H    H N N 215 
LYS H2   H N N 216 
LYS HA   H N N 217 
LYS HB2  H N N 218 
LYS HB3  H N N 219 
LYS HG2  H N N 220 
LYS HG3  H N N 221 
LYS HD2  H N N 222 
LYS HD3  H N N 223 
LYS HE2  H N N 224 
LYS HE3  H N N 225 
LYS HZ1  H N N 226 
LYS HZ2  H N N 227 
LYS HZ3  H N N 228 
LYS HXT  H N N 229 
MET N    N N N 230 
MET CA   C N S 231 
MET C    C N N 232 
MET O    O N N 233 
MET CB   C N N 234 
MET CG   C N N 235 
MET SD   S N N 236 
MET CE   C N N 237 
MET OXT  O N N 238 
MET H    H N N 239 
MET H2   H N N 240 
MET HA   H N N 241 
MET HB2  H N N 242 
MET HB3  H N N 243 
MET HG2  H N N 244 
MET HG3  H N N 245 
MET HE1  H N N 246 
MET HE2  H N N 247 
MET HE3  H N N 248 
MET HXT  H N N 249 
PHE N    N N N 250 
PHE CA   C N S 251 
PHE C    C N N 252 
PHE O    O N N 253 
PHE CB   C N N 254 
PHE CG   C Y N 255 
PHE CD1  C Y N 256 
PHE CD2  C Y N 257 
PHE CE1  C Y N 258 
PHE CE2  C Y N 259 
PHE CZ   C Y N 260 
PHE OXT  O N N 261 
PHE H    H N N 262 
PHE H2   H N N 263 
PHE HA   H N N 264 
PHE HB2  H N N 265 
PHE HB3  H N N 266 
PHE HD1  H N N 267 
PHE HD2  H N N 268 
PHE HE1  H N N 269 
PHE HE2  H N N 270 
PHE HZ   H N N 271 
PHE HXT  H N N 272 
PRO N    N N N 273 
PRO CA   C N S 274 
PRO C    C N N 275 
PRO O    O N N 276 
PRO CB   C N N 277 
PRO CG   C N N 278 
PRO CD   C N N 279 
PRO OXT  O N N 280 
PRO H    H N N 281 
PRO HA   H N N 282 
PRO HB2  H N N 283 
PRO HB3  H N N 284 
PRO HG2  H N N 285 
PRO HG3  H N N 286 
PRO HD2  H N N 287 
PRO HD3  H N N 288 
PRO HXT  H N N 289 
SER N    N N N 290 
SER CA   C N S 291 
SER C    C N N 292 
SER O    O N N 293 
SER CB   C N N 294 
SER OG   O N N 295 
SER OXT  O N N 296 
SER H    H N N 297 
SER H2   H N N 298 
SER HA   H N N 299 
SER HB2  H N N 300 
SER HB3  H N N 301 
SER HG   H N N 302 
SER HXT  H N N 303 
SO4 S    S N N 304 
SO4 O1   O N N 305 
SO4 O2   O N N 306 
SO4 O3   O N N 307 
SO4 O4   O N N 308 
THR N    N N N 309 
THR CA   C N S 310 
THR C    C N N 311 
THR O    O N N 312 
THR CB   C N R 313 
THR OG1  O N N 314 
THR CG2  C N N 315 
THR OXT  O N N 316 
THR H    H N N 317 
THR H2   H N N 318 
THR HA   H N N 319 
THR HB   H N N 320 
THR HG1  H N N 321 
THR HG21 H N N 322 
THR HG22 H N N 323 
THR HG23 H N N 324 
THR HXT  H N N 325 
TRP N    N N N 326 
TRP CA   C N S 327 
TRP C    C N N 328 
TRP O    O N N 329 
TRP CB   C N N 330 
TRP CG   C Y N 331 
TRP CD1  C Y N 332 
TRP CD2  C Y N 333 
TRP NE1  N Y N 334 
TRP CE2  C Y N 335 
TRP CE3  C Y N 336 
TRP CZ2  C Y N 337 
TRP CZ3  C Y N 338 
TRP CH2  C Y N 339 
TRP OXT  O N N 340 
TRP H    H N N 341 
TRP H2   H N N 342 
TRP HA   H N N 343 
TRP HB2  H N N 344 
TRP HB3  H N N 345 
TRP HD1  H N N 346 
TRP HE1  H N N 347 
TRP HE3  H N N 348 
TRP HZ2  H N N 349 
TRP HZ3  H N N 350 
TRP HH2  H N N 351 
TRP HXT  H N N 352 
TYR N    N N N 353 
TYR CA   C N S 354 
TYR C    C N N 355 
TYR O    O N N 356 
TYR CB   C N N 357 
TYR CG   C Y N 358 
TYR CD1  C Y N 359 
TYR CD2  C Y N 360 
TYR CE1  C Y N 361 
TYR CE2  C Y N 362 
TYR CZ   C Y N 363 
TYR OH   O N N 364 
TYR OXT  O N N 365 
TYR H    H N N 366 
TYR H2   H N N 367 
TYR HA   H N N 368 
TYR HB2  H N N 369 
TYR HB3  H N N 370 
TYR HD1  H N N 371 
TYR HD2  H N N 372 
TYR HE1  H N N 373 
TYR HE2  H N N 374 
TYR HH   H N N 375 
TYR HXT  H N N 376 
VAL N    N N N 377 
VAL CA   C N S 378 
VAL C    C N N 379 
VAL O    O N N 380 
VAL CB   C N N 381 
VAL CG1  C N N 382 
VAL CG2  C N N 383 
VAL OXT  O N N 384 
VAL H    H N N 385 
VAL H2   H N N 386 
VAL HA   H N N 387 
VAL HB   H N N 388 
VAL HG11 H N N 389 
VAL HG12 H N N 390 
VAL HG13 H N N 391 
VAL HG21 H N N 392 
VAL HG22 H N N 393 
VAL HG23 H N N 394 
VAL HXT  H N N 395 
# 
loop_
_chem_comp_bond.comp_id 
_chem_comp_bond.atom_id_1 
_chem_comp_bond.atom_id_2 
_chem_comp_bond.value_order 
_chem_comp_bond.pdbx_aromatic_flag 
_chem_comp_bond.pdbx_stereo_config 
_chem_comp_bond.pdbx_ordinal 
ALA N   CA   sing N N 1   
ALA N   H    sing N N 2   
ALA N   H2   sing N N 3   
ALA CA  C    sing N N 4   
ALA CA  CB   sing N N 5   
ALA CA  HA   sing N N 6   
ALA C   O    doub N N 7   
ALA C   OXT  sing N N 8   
ALA CB  HB1  sing N N 9   
ALA CB  HB2  sing N N 10  
ALA CB  HB3  sing N N 11  
ALA OXT HXT  sing N N 12  
ARG N   CA   sing N N 13  
ARG N   H    sing N N 14  
ARG N   H2   sing N N 15  
ARG CA  C    sing N N 16  
ARG CA  CB   sing N N 17  
ARG CA  HA   sing N N 18  
ARG C   O    doub N N 19  
ARG C   OXT  sing N N 20  
ARG CB  CG   sing N N 21  
ARG CB  HB2  sing N N 22  
ARG CB  HB3  sing N N 23  
ARG CG  CD   sing N N 24  
ARG CG  HG2  sing N N 25  
ARG CG  HG3  sing N N 26  
ARG CD  NE   sing N N 27  
ARG CD  HD2  sing N N 28  
ARG CD  HD3  sing N N 29  
ARG NE  CZ   sing N N 30  
ARG NE  HE   sing N N 31  
ARG CZ  NH1  sing N N 32  
ARG CZ  NH2  doub N N 33  
ARG NH1 HH11 sing N N 34  
ARG NH1 HH12 sing N N 35  
ARG NH2 HH21 sing N N 36  
ARG NH2 HH22 sing N N 37  
ARG OXT HXT  sing N N 38  
ASN N   CA   sing N N 39  
ASN N   H    sing N N 40  
ASN N   H2   sing N N 41  
ASN CA  C    sing N N 42  
ASN CA  CB   sing N N 43  
ASN CA  HA   sing N N 44  
ASN C   O    doub N N 45  
ASN C   OXT  sing N N 46  
ASN CB  CG   sing N N 47  
ASN CB  HB2  sing N N 48  
ASN CB  HB3  sing N N 49  
ASN CG  OD1  doub N N 50  
ASN CG  ND2  sing N N 51  
ASN ND2 HD21 sing N N 52  
ASN ND2 HD22 sing N N 53  
ASN OXT HXT  sing N N 54  
ASP N   CA   sing N N 55  
ASP N   H    sing N N 56  
ASP N   H2   sing N N 57  
ASP CA  C    sing N N 58  
ASP CA  CB   sing N N 59  
ASP CA  HA   sing N N 60  
ASP C   O    doub N N 61  
ASP C   OXT  sing N N 62  
ASP CB  CG   sing N N 63  
ASP CB  HB2  sing N N 64  
ASP CB  HB3  sing N N 65  
ASP CG  OD1  doub N N 66  
ASP CG  OD2  sing N N 67  
ASP OD2 HD2  sing N N 68  
ASP OXT HXT  sing N N 69  
CYS N   CA   sing N N 70  
CYS N   H    sing N N 71  
CYS N   H2   sing N N 72  
CYS CA  C    sing N N 73  
CYS CA  CB   sing N N 74  
CYS CA  HA   sing N N 75  
CYS C   O    doub N N 76  
CYS C   OXT  sing N N 77  
CYS CB  SG   sing N N 78  
CYS CB  HB2  sing N N 79  
CYS CB  HB3  sing N N 80  
CYS SG  HG   sing N N 81  
CYS OXT HXT  sing N N 82  
GLN N   CA   sing N N 83  
GLN N   H    sing N N 84  
GLN N   H2   sing N N 85  
GLN CA  C    sing N N 86  
GLN CA  CB   sing N N 87  
GLN CA  HA   sing N N 88  
GLN C   O    doub N N 89  
GLN C   OXT  sing N N 90  
GLN CB  CG   sing N N 91  
GLN CB  HB2  sing N N 92  
GLN CB  HB3  sing N N 93  
GLN CG  CD   sing N N 94  
GLN CG  HG2  sing N N 95  
GLN CG  HG3  sing N N 96  
GLN CD  OE1  doub N N 97  
GLN CD  NE2  sing N N 98  
GLN NE2 HE21 sing N N 99  
GLN NE2 HE22 sing N N 100 
GLN OXT HXT  sing N N 101 
GLU N   CA   sing N N 102 
GLU N   H    sing N N 103 
GLU N   H2   sing N N 104 
GLU CA  C    sing N N 105 
GLU CA  CB   sing N N 106 
GLU CA  HA   sing N N 107 
GLU C   O    doub N N 108 
GLU C   OXT  sing N N 109 
GLU CB  CG   sing N N 110 
GLU CB  HB2  sing N N 111 
GLU CB  HB3  sing N N 112 
GLU CG  CD   sing N N 113 
GLU CG  HG2  sing N N 114 
GLU CG  HG3  sing N N 115 
GLU CD  OE1  doub N N 116 
GLU CD  OE2  sing N N 117 
GLU OE2 HE2  sing N N 118 
GLU OXT HXT  sing N N 119 
GLY N   CA   sing N N 120 
GLY N   H    sing N N 121 
GLY N   H2   sing N N 122 
GLY CA  C    sing N N 123 
GLY CA  HA2  sing N N 124 
GLY CA  HA3  sing N N 125 
GLY C   O    doub N N 126 
GLY C   OXT  sing N N 127 
GLY OXT HXT  sing N N 128 
HIS N   CA   sing N N 129 
HIS N   H    sing N N 130 
HIS N   H2   sing N N 131 
HIS CA  C    sing N N 132 
HIS CA  CB   sing N N 133 
HIS CA  HA   sing N N 134 
HIS C   O    doub N N 135 
HIS C   OXT  sing N N 136 
HIS CB  CG   sing N N 137 
HIS CB  HB2  sing N N 138 
HIS CB  HB3  sing N N 139 
HIS CG  ND1  sing Y N 140 
HIS CG  CD2  doub Y N 141 
HIS ND1 CE1  doub Y N 142 
HIS ND1 HD1  sing N N 143 
HIS CD2 NE2  sing Y N 144 
HIS CD2 HD2  sing N N 145 
HIS CE1 NE2  sing Y N 146 
HIS CE1 HE1  sing N N 147 
HIS NE2 HE2  sing N N 148 
HIS OXT HXT  sing N N 149 
HOH O   H1   sing N N 150 
HOH O   H2   sing N N 151 
ILE N   CA   sing N N 152 
ILE N   H    sing N N 153 
ILE N   H2   sing N N 154 
ILE CA  C    sing N N 155 
ILE CA  CB   sing N N 156 
ILE CA  HA   sing N N 157 
ILE C   O    doub N N 158 
ILE C   OXT  sing N N 159 
ILE CB  CG1  sing N N 160 
ILE CB  CG2  sing N N 161 
ILE CB  HB   sing N N 162 
ILE CG1 CD1  sing N N 163 
ILE CG1 HG12 sing N N 164 
ILE CG1 HG13 sing N N 165 
ILE CG2 HG21 sing N N 166 
ILE CG2 HG22 sing N N 167 
ILE CG2 HG23 sing N N 168 
ILE CD1 HD11 sing N N 169 
ILE CD1 HD12 sing N N 170 
ILE CD1 HD13 sing N N 171 
ILE OXT HXT  sing N N 172 
LEU N   CA   sing N N 173 
LEU N   H    sing N N 174 
LEU N   H2   sing N N 175 
LEU CA  C    sing N N 176 
LEU CA  CB   sing N N 177 
LEU CA  HA   sing N N 178 
LEU C   O    doub N N 179 
LEU C   OXT  sing N N 180 
LEU CB  CG   sing N N 181 
LEU CB  HB2  sing N N 182 
LEU CB  HB3  sing N N 183 
LEU CG  CD1  sing N N 184 
LEU CG  CD2  sing N N 185 
LEU CG  HG   sing N N 186 
LEU CD1 HD11 sing N N 187 
LEU CD1 HD12 sing N N 188 
LEU CD1 HD13 sing N N 189 
LEU CD2 HD21 sing N N 190 
LEU CD2 HD22 sing N N 191 
LEU CD2 HD23 sing N N 192 
LEU OXT HXT  sing N N 193 
LYS N   CA   sing N N 194 
LYS N   H    sing N N 195 
LYS N   H2   sing N N 196 
LYS CA  C    sing N N 197 
LYS CA  CB   sing N N 198 
LYS CA  HA   sing N N 199 
LYS C   O    doub N N 200 
LYS C   OXT  sing N N 201 
LYS CB  CG   sing N N 202 
LYS CB  HB2  sing N N 203 
LYS CB  HB3  sing N N 204 
LYS CG  CD   sing N N 205 
LYS CG  HG2  sing N N 206 
LYS CG  HG3  sing N N 207 
LYS CD  CE   sing N N 208 
LYS CD  HD2  sing N N 209 
LYS CD  HD3  sing N N 210 
LYS CE  NZ   sing N N 211 
LYS CE  HE2  sing N N 212 
LYS CE  HE3  sing N N 213 
LYS NZ  HZ1  sing N N 214 
LYS NZ  HZ2  sing N N 215 
LYS NZ  HZ3  sing N N 216 
LYS OXT HXT  sing N N 217 
MET N   CA   sing N N 218 
MET N   H    sing N N 219 
MET N   H2   sing N N 220 
MET CA  C    sing N N 221 
MET CA  CB   sing N N 222 
MET CA  HA   sing N N 223 
MET C   O    doub N N 224 
MET C   OXT  sing N N 225 
MET CB  CG   sing N N 226 
MET CB  HB2  sing N N 227 
MET CB  HB3  sing N N 228 
MET CG  SD   sing N N 229 
MET CG  HG2  sing N N 230 
MET CG  HG3  sing N N 231 
MET SD  CE   sing N N 232 
MET CE  HE1  sing N N 233 
MET CE  HE2  sing N N 234 
MET CE  HE3  sing N N 235 
MET OXT HXT  sing N N 236 
PHE N   CA   sing N N 237 
PHE N   H    sing N N 238 
PHE N   H2   sing N N 239 
PHE CA  C    sing N N 240 
PHE CA  CB   sing N N 241 
PHE CA  HA   sing N N 242 
PHE C   O    doub N N 243 
PHE C   OXT  sing N N 244 
PHE CB  CG   sing N N 245 
PHE CB  HB2  sing N N 246 
PHE CB  HB3  sing N N 247 
PHE CG  CD1  doub Y N 248 
PHE CG  CD2  sing Y N 249 
PHE CD1 CE1  sing Y N 250 
PHE CD1 HD1  sing N N 251 
PHE CD2 CE2  doub Y N 252 
PHE CD2 HD2  sing N N 253 
PHE CE1 CZ   doub Y N 254 
PHE CE1 HE1  sing N N 255 
PHE CE2 CZ   sing Y N 256 
PHE CE2 HE2  sing N N 257 
PHE CZ  HZ   sing N N 258 
PHE OXT HXT  sing N N 259 
PRO N   CA   sing N N 260 
PRO N   CD   sing N N 261 
PRO N   H    sing N N 262 
PRO CA  C    sing N N 263 
PRO CA  CB   sing N N 264 
PRO CA  HA   sing N N 265 
PRO C   O    doub N N 266 
PRO C   OXT  sing N N 267 
PRO CB  CG   sing N N 268 
PRO CB  HB2  sing N N 269 
PRO CB  HB3  sing N N 270 
PRO CG  CD   sing N N 271 
PRO CG  HG2  sing N N 272 
PRO CG  HG3  sing N N 273 
PRO CD  HD2  sing N N 274 
PRO CD  HD3  sing N N 275 
PRO OXT HXT  sing N N 276 
SER N   CA   sing N N 277 
SER N   H    sing N N 278 
SER N   H2   sing N N 279 
SER CA  C    sing N N 280 
SER CA  CB   sing N N 281 
SER CA  HA   sing N N 282 
SER C   O    doub N N 283 
SER C   OXT  sing N N 284 
SER CB  OG   sing N N 285 
SER CB  HB2  sing N N 286 
SER CB  HB3  sing N N 287 
SER OG  HG   sing N N 288 
SER OXT HXT  sing N N 289 
SO4 S   O1   doub N N 290 
SO4 S   O2   doub N N 291 
SO4 S   O3   sing N N 292 
SO4 S   O4   sing N N 293 
THR N   CA   sing N N 294 
THR N   H    sing N N 295 
THR N   H2   sing N N 296 
THR CA  C    sing N N 297 
THR CA  CB   sing N N 298 
THR CA  HA   sing N N 299 
THR C   O    doub N N 300 
THR C   OXT  sing N N 301 
THR CB  OG1  sing N N 302 
THR CB  CG2  sing N N 303 
THR CB  HB   sing N N 304 
THR OG1 HG1  sing N N 305 
THR CG2 HG21 sing N N 306 
THR CG2 HG22 sing N N 307 
THR CG2 HG23 sing N N 308 
THR OXT HXT  sing N N 309 
TRP N   CA   sing N N 310 
TRP N   H    sing N N 311 
TRP N   H2   sing N N 312 
TRP CA  C    sing N N 313 
TRP CA  CB   sing N N 314 
TRP CA  HA   sing N N 315 
TRP C   O    doub N N 316 
TRP C   OXT  sing N N 317 
TRP CB  CG   sing N N 318 
TRP CB  HB2  sing N N 319 
TRP CB  HB3  sing N N 320 
TRP CG  CD1  doub Y N 321 
TRP CG  CD2  sing Y N 322 
TRP CD1 NE1  sing Y N 323 
TRP CD1 HD1  sing N N 324 
TRP CD2 CE2  doub Y N 325 
TRP CD2 CE3  sing Y N 326 
TRP NE1 CE2  sing Y N 327 
TRP NE1 HE1  sing N N 328 
TRP CE2 CZ2  sing Y N 329 
TRP CE3 CZ3  doub Y N 330 
TRP CE3 HE3  sing N N 331 
TRP CZ2 CH2  doub Y N 332 
TRP CZ2 HZ2  sing N N 333 
TRP CZ3 CH2  sing Y N 334 
TRP CZ3 HZ3  sing N N 335 
TRP CH2 HH2  sing N N 336 
TRP OXT HXT  sing N N 337 
TYR N   CA   sing N N 338 
TYR N   H    sing N N 339 
TYR N   H2   sing N N 340 
TYR CA  C    sing N N 341 
TYR CA  CB   sing N N 342 
TYR CA  HA   sing N N 343 
TYR C   O    doub N N 344 
TYR C   OXT  sing N N 345 
TYR CB  CG   sing N N 346 
TYR CB  HB2  sing N N 347 
TYR CB  HB3  sing N N 348 
TYR CG  CD1  doub Y N 349 
TYR CG  CD2  sing Y N 350 
TYR CD1 CE1  sing Y N 351 
TYR CD1 HD1  sing N N 352 
TYR CD2 CE2  doub Y N 353 
TYR CD2 HD2  sing N N 354 
TYR CE1 CZ   doub Y N 355 
TYR CE1 HE1  sing N N 356 
TYR CE2 CZ   sing Y N 357 
TYR CE2 HE2  sing N N 358 
TYR CZ  OH   sing N N 359 
TYR OH  HH   sing N N 360 
TYR OXT HXT  sing N N 361 
VAL N   CA   sing N N 362 
VAL N   H    sing N N 363 
VAL N   H2   sing N N 364 
VAL CA  C    sing N N 365 
VAL CA  CB   sing N N 366 
VAL CA  HA   sing N N 367 
VAL C   O    doub N N 368 
VAL C   OXT  sing N N 369 
VAL CB  CG1  sing N N 370 
VAL CB  CG2  sing N N 371 
VAL CB  HB   sing N N 372 
VAL CG1 HG11 sing N N 373 
VAL CG1 HG12 sing N N 374 
VAL CG1 HG13 sing N N 375 
VAL CG2 HG21 sing N N 376 
VAL CG2 HG22 sing N N 377 
VAL CG2 HG23 sing N N 378 
VAL OXT HXT  sing N N 379 
# 
_pdbx_audit_support.funding_organization   'Ministry of Science and Technology (MoST, Taiwan)' 
_pdbx_audit_support.country                Taiwan 
_pdbx_audit_support.grant_number           ? 
_pdbx_audit_support.ordinal                1 
# 
_pdbx_entity_instance_feature.ordinal        1 
_pdbx_entity_instance_feature.comp_id        SO4 
_pdbx_entity_instance_feature.asym_id        ? 
_pdbx_entity_instance_feature.seq_num        ? 
_pdbx_entity_instance_feature.auth_comp_id   SO4 
_pdbx_entity_instance_feature.auth_asym_id   ? 
_pdbx_entity_instance_feature.auth_seq_num   ? 
_pdbx_entity_instance_feature.feature_type   'SUBJECT OF INVESTIGATION' 
_pdbx_entity_instance_feature.details        ? 
# 
loop_
_pdbx_entity_nonpoly.entity_id 
_pdbx_entity_nonpoly.name 
_pdbx_entity_nonpoly.comp_id 
2 'SULFATE ION' SO4 
3 water         HOH 
# 
_pdbx_initial_refinement_model.id               1 
_pdbx_initial_refinement_model.entity_id_list   ? 
_pdbx_initial_refinement_model.type             'experimental model' 
_pdbx_initial_refinement_model.source_name      PDB 
_pdbx_initial_refinement_model.accession_code   1WRM 
_pdbx_initial_refinement_model.details          ? 
# 
_pdbx_struct_assembly_auth_evidence.id                     1 
_pdbx_struct_assembly_auth_evidence.assembly_id            1 
_pdbx_struct_assembly_auth_evidence.experimental_support   none 
_pdbx_struct_assembly_auth_evidence.details                ? 
# 
_space_group.name_H-M_alt     'C 1 2 1' 
_space_group.name_Hall        'C 2y' 
_space_group.IT_number        5 
_space_group.crystal_system   monoclinic 
_space_group.id               1 
# 
